data_3QG5
#
_entry.id   3QG5
#
_cell.length_a   105.190
_cell.length_b   187.000
_cell.length_c   300.170
_cell.angle_alpha   90.00
_cell.angle_beta   90.00
_cell.angle_gamma   90.00
#
_symmetry.space_group_name_H-M   'I 2 2 2'
#
loop_
_entity.id
_entity.type
_entity.pdbx_description
1 polymer rad50
2 polymer Mre11
3 non-polymer GLYCEROL
#
loop_
_entity_poly.entity_id
_entity_poly.type
_entity_poly.pdbx_seq_one_letter_code
_entity_poly.pdbx_strand_id
1 'polypeptide(L)'
;(MSE)RPERLTVRNFLGLKNVDIEFQSGITVVEGPNGAGKSSLFEAISFALFGNGIRYPNSYDYVNRNAVDGTARLVFQF
ERGGKRYEIIREINALQRKHNAKLSEILENGKKAAIAAKPTSVKQEVEKILGIEHRTFIRTVFLPQGEIDKLLISPPSEI
TEIISDVFQSKETLEKLEKLLKEK(MSE)KKLENEISSGGAGGAGGSLEKKLKE(MSE)SDEYNNLDLLRKYLFDKSNFS
RYFTGRVLEAVLKRTKAYLDILTNGRFDIDFDDEKGGFIIKDWGIERPARGLSGGERALISISLA(MSE)SLAEVASGRL
DAFFIDEGFSSLDTENKEKIASVLKELERLNKVIVFITHDREFSEAFDRKLRITGGVVVNE
;
A,B
2 'polypeptide(L)'
;(MSE)KILHTSDWHLGVTSWTSSRPVDRREELKKALDKVVEEAEKREVDLILLTGDLLHSRNNPSVVALHDLLDYLKR
(MSE)(MSE)RTAPVVVLPGNHDWKGLKLFGNFVTSISSDITFV(MSE)SFEPVDVEAKRGQKVRILPFPYPDESEALRK
NEGDFRFFLESRLNKLYEEALKKEDFAIF(MSE)GHFTVEGLAGYAGIEQGREIIINRALIPSVVDYAALGHIHSFREIQ
KQPLTIYPGSLIRIDFGEEADEKGAVFVELKRGEPPRYERIDASPLPLKTLYYKKIDTSALKSIRDFCRNFPGYVRVVYE
EDSGILPDL(MSE)GEIDNLVKIERKSRREIEEVLRESPEEFKEELDKLDYFELFKEYLKKREENHEKLLKILDELLDEV
KKSEA
;
C,D
#
# COMPACT_ATOMS: atom_id res chain seq x y z
N ARG A 2 8.41 -21.98 -65.74
CA ARG A 2 9.03 -20.70 -65.36
C ARG A 2 9.82 -20.08 -66.50
N PRO A 3 9.19 -19.19 -67.27
CA PRO A 3 9.88 -18.49 -68.36
C PRO A 3 11.04 -17.65 -67.82
N GLU A 4 12.25 -17.98 -68.25
CA GLU A 4 13.45 -17.28 -67.79
C GLU A 4 13.91 -16.23 -68.79
N ARG A 5 13.70 -16.50 -70.07
CA ARG A 5 14.18 -15.61 -71.13
C ARG A 5 13.36 -15.80 -72.41
N LEU A 6 13.22 -14.71 -73.16
CA LEU A 6 12.36 -14.71 -74.35
C LEU A 6 12.82 -13.62 -75.31
N THR A 7 13.71 -13.98 -76.22
CA THR A 7 14.22 -13.04 -77.20
C THR A 7 13.42 -13.12 -78.49
N VAL A 8 12.62 -12.09 -78.75
CA VAL A 8 11.75 -12.08 -79.93
C VAL A 8 12.23 -11.07 -80.96
N ARG A 9 12.11 -11.44 -82.24
CA ARG A 9 12.50 -10.55 -83.32
C ARG A 9 11.54 -10.67 -84.51
N ASN A 10 10.99 -9.54 -84.92
CA ASN A 10 10.09 -9.48 -86.06
C ASN A 10 8.81 -10.30 -85.90
N PHE A 11 8.54 -10.75 -84.68
CA PHE A 11 7.29 -11.45 -84.41
C PHE A 11 6.18 -10.43 -84.33
N LEU A 12 4.97 -10.82 -84.75
CA LEU A 12 3.90 -9.86 -84.94
C LEU A 12 3.75 -8.95 -83.73
N GLY A 13 3.68 -7.64 -83.98
CA GLY A 13 3.58 -6.66 -82.93
C GLY A 13 4.92 -6.25 -82.34
N LEU A 14 5.95 -7.04 -82.62
CA LEU A 14 7.29 -6.77 -82.08
C LEU A 14 8.32 -6.69 -83.18
N LYS A 15 9.41 -5.96 -82.91
CA LYS A 15 10.53 -5.89 -83.84
C LYS A 15 11.78 -6.55 -83.26
N ASN A 16 12.16 -6.11 -82.07
CA ASN A 16 13.31 -6.69 -81.38
C ASN A 16 13.23 -6.41 -79.89
N VAL A 17 12.80 -7.42 -79.14
CA VAL A 17 12.63 -7.30 -77.69
C VAL A 17 13.43 -8.36 -76.98
N ASP A 18 14.04 -7.98 -75.86
CA ASP A 18 14.76 -8.94 -75.03
C ASP A 18 14.25 -8.87 -73.60
N ILE A 19 13.52 -9.89 -73.19
CA ILE A 19 12.94 -9.91 -71.85
C ILE A 19 13.55 -10.99 -70.99
N GLU A 20 13.83 -10.66 -69.73
CA GLU A 20 14.33 -11.62 -68.77
C GLU A 20 13.42 -11.61 -67.55
N PHE A 21 12.55 -12.62 -67.46
CA PHE A 21 11.63 -12.73 -66.34
C PHE A 21 12.39 -12.88 -65.02
N GLN A 22 11.92 -12.17 -63.99
CA GLN A 22 12.55 -12.23 -62.69
C GLN A 22 11.53 -12.51 -61.59
N SER A 23 12.02 -12.95 -60.44
CA SER A 23 11.14 -13.27 -59.31
C SER A 23 10.28 -12.07 -58.92
N GLY A 24 8.98 -12.31 -58.79
CA GLY A 24 8.05 -11.26 -58.43
C GLY A 24 6.95 -11.08 -59.46
N ILE A 25 6.45 -9.86 -59.57
CA ILE A 25 5.38 -9.55 -60.51
C ILE A 25 5.78 -8.41 -61.44
N THR A 26 6.00 -8.73 -62.71
CA THR A 26 6.38 -7.73 -63.70
C THR A 26 5.13 -7.15 -64.36
N VAL A 27 5.28 -5.96 -64.95
CA VAL A 27 4.18 -5.34 -65.68
C VAL A 27 4.67 -4.70 -66.97
N VAL A 28 4.25 -5.26 -68.10
CA VAL A 28 4.62 -4.75 -69.40
C VAL A 28 3.55 -3.81 -69.95
N GLU A 29 3.98 -2.67 -70.47
CA GLU A 29 3.06 -1.70 -71.05
C GLU A 29 3.75 -0.95 -72.17
N GLY A 30 2.97 -0.50 -73.14
CA GLY A 30 3.48 0.27 -74.27
C GLY A 30 2.35 0.89 -75.05
N PRO A 31 2.69 1.65 -76.10
CA PRO A 31 1.67 2.25 -76.97
C PRO A 31 0.69 1.20 -77.44
N ASN A 32 -0.60 1.51 -77.36
CA ASN A 32 -1.64 0.54 -77.70
C ASN A 32 -1.41 -0.07 -79.08
N GLY A 33 -1.70 -1.37 -79.20
CA GLY A 33 -1.59 -2.05 -80.47
C GLY A 33 -0.25 -2.72 -80.73
N ALA A 34 0.71 -2.53 -79.83
CA ALA A 34 2.03 -3.13 -80.01
C ALA A 34 2.69 -3.55 -78.70
N GLY A 35 3.46 -4.65 -78.77
CA GLY A 35 4.24 -5.13 -77.65
C GLY A 35 3.44 -5.82 -76.58
N LYS A 36 2.43 -5.13 -76.05
CA LYS A 36 1.69 -5.66 -74.91
C LYS A 36 1.01 -7.00 -75.21
N SER A 37 0.05 -7.00 -76.13
CA SER A 37 -0.69 -8.21 -76.46
C SER A 37 0.18 -9.19 -77.26
N SER A 38 0.98 -8.63 -78.16
CA SER A 38 1.77 -9.43 -79.08
C SER A 38 2.91 -10.19 -78.38
N LEU A 39 3.42 -9.63 -77.30
CA LEU A 39 4.57 -10.22 -76.60
C LEU A 39 4.25 -11.63 -76.09
N PHE A 40 3.08 -11.77 -75.48
CA PHE A 40 2.66 -13.08 -74.98
C PHE A 40 2.38 -14.07 -76.09
N GLU A 41 1.74 -13.59 -77.15
CA GLU A 41 1.45 -14.43 -78.32
C GLU A 41 2.73 -15.13 -78.72
N ALA A 42 3.81 -14.37 -78.74
CA ALA A 42 5.14 -14.87 -79.10
C ALA A 42 5.57 -16.03 -78.22
N ILE A 43 5.33 -15.92 -76.92
CA ILE A 43 5.74 -16.94 -75.96
C ILE A 43 4.94 -18.22 -76.13
N SER A 44 3.67 -18.08 -76.49
CA SER A 44 2.80 -19.23 -76.69
C SER A 44 3.06 -19.90 -78.02
N PHE A 45 3.78 -19.20 -78.90
CA PHE A 45 4.11 -19.73 -80.22
C PHE A 45 5.48 -20.38 -80.22
N ALA A 46 6.29 -20.07 -79.21
CA ALA A 46 7.64 -20.62 -79.10
C ALA A 46 7.60 -22.04 -78.54
N LEU A 47 6.51 -22.37 -77.85
CA LEU A 47 6.35 -23.70 -77.25
C LEU A 47 5.93 -24.72 -78.31
N PHE A 48 4.67 -24.65 -78.71
CA PHE A 48 4.13 -25.57 -79.70
C PHE A 48 4.45 -25.09 -81.11
N GLY A 49 3.73 -24.05 -81.56
CA GLY A 49 3.94 -23.50 -82.88
C GLY A 49 2.75 -22.70 -83.36
N ASN A 50 1.61 -22.85 -82.67
CA ASN A 50 0.40 -22.13 -83.03
C ASN A 50 -0.01 -21.12 -81.96
N GLY A 51 -0.01 -19.85 -82.33
CA GLY A 51 -0.38 -18.79 -81.42
C GLY A 51 -1.84 -18.86 -80.99
N ILE A 52 -2.56 -17.77 -81.16
CA ILE A 52 -3.97 -17.72 -80.80
C ILE A 52 -4.72 -16.68 -81.64
N ARG A 53 -3.98 -15.97 -82.48
CA ARG A 53 -4.58 -14.95 -83.34
C ARG A 53 -4.80 -15.47 -84.75
N TYR A 54 -3.85 -16.23 -85.25
CA TYR A 54 -3.94 -16.80 -86.60
C TYR A 54 -3.74 -18.31 -86.61
N PRO A 55 -4.37 -19.00 -87.57
CA PRO A 55 -4.21 -20.44 -87.76
C PRO A 55 -2.88 -20.80 -88.40
N ASN A 56 -2.64 -20.27 -89.60
CA ASN A 56 -1.43 -20.57 -90.35
C ASN A 56 -0.20 -19.97 -89.71
N SER A 57 0.82 -20.81 -89.51
CA SER A 57 2.05 -20.42 -88.83
C SER A 57 2.69 -19.17 -89.41
N TYR A 58 2.70 -19.07 -90.73
CA TYR A 58 3.42 -17.98 -91.40
C TYR A 58 2.83 -16.61 -91.16
N ASP A 59 1.54 -16.56 -90.83
CA ASP A 59 0.85 -15.29 -90.59
C ASP A 59 1.40 -14.55 -89.37
N TYR A 60 2.22 -15.24 -88.59
CA TYR A 60 2.75 -14.66 -87.36
C TYR A 60 3.98 -13.79 -87.59
N VAL A 61 4.28 -13.51 -88.85
CA VAL A 61 5.41 -12.64 -89.18
C VAL A 61 4.99 -11.17 -89.13
N ASN A 62 5.85 -10.32 -88.60
CA ASN A 62 5.55 -8.90 -88.48
C ASN A 62 5.33 -8.26 -89.84
N ARG A 63 4.34 -7.36 -89.92
CA ARG A 63 4.04 -6.65 -91.15
C ARG A 63 5.16 -5.69 -91.53
N ASN A 64 5.77 -5.08 -90.52
CA ASN A 64 6.84 -4.12 -90.72
C ASN A 64 8.06 -4.71 -91.41
N ALA A 65 8.26 -6.01 -91.23
CA ALA A 65 9.33 -6.71 -91.93
C ALA A 65 8.75 -7.74 -92.90
N VAL A 66 8.94 -7.49 -94.19
CA VAL A 66 8.48 -8.42 -95.23
C VAL A 66 9.68 -9.10 -95.89
N ASP A 67 9.49 -10.35 -96.29
CA ASP A 67 10.56 -11.17 -96.86
C ASP A 67 11.63 -11.48 -95.81
N GLY A 68 11.40 -11.06 -94.57
CA GLY A 68 12.33 -11.31 -93.48
C GLY A 68 11.81 -12.35 -92.53
N THR A 69 12.72 -13.14 -91.96
CA THR A 69 12.34 -14.18 -91.02
C THR A 69 12.10 -13.60 -89.63
N ALA A 70 11.31 -14.31 -88.84
CA ALA A 70 11.08 -13.93 -87.45
C ALA A 70 11.68 -14.97 -86.52
N ARG A 71 12.70 -14.57 -85.75
CA ARG A 71 13.38 -15.46 -84.84
C ARG A 71 12.89 -15.21 -83.42
N LEU A 72 12.77 -16.29 -82.65
CA LEU A 72 12.47 -16.17 -81.23
C LEU A 72 13.02 -17.35 -80.43
N VAL A 73 13.84 -17.03 -79.43
CA VAL A 73 14.38 -18.00 -78.50
C VAL A 73 13.56 -17.96 -77.22
N PHE A 74 13.70 -18.98 -76.39
CA PHE A 74 12.93 -19.06 -75.15
C PHE A 74 13.49 -20.09 -74.19
N GLN A 75 13.96 -19.63 -73.03
CA GLN A 75 14.41 -20.53 -71.98
C GLN A 75 13.31 -20.65 -70.94
N PHE A 76 13.16 -21.83 -70.37
CA PHE A 76 12.10 -22.06 -69.40
C PHE A 76 12.32 -23.29 -68.54
N GLU A 77 12.34 -23.09 -67.22
CA GLU A 77 12.47 -24.19 -66.29
C GLU A 77 11.14 -24.92 -66.14
N ARG A 78 11.21 -26.24 -66.02
CA ARG A 78 10.01 -27.07 -65.89
C ARG A 78 10.39 -28.49 -65.52
N GLY A 79 10.45 -28.76 -64.22
CA GLY A 79 10.80 -30.08 -63.74
C GLY A 79 12.20 -30.15 -63.15
N GLY A 80 12.80 -28.98 -62.93
CA GLY A 80 14.13 -28.92 -62.37
C GLY A 80 15.23 -28.89 -63.42
N LYS A 81 14.84 -29.10 -64.68
CA LYS A 81 15.78 -29.00 -65.79
C LYS A 81 15.28 -27.99 -66.81
N ARG A 82 16.03 -26.90 -66.98
CA ARG A 82 15.65 -25.84 -67.91
C ARG A 82 15.85 -26.24 -69.37
N TYR A 83 14.94 -25.80 -70.22
CA TYR A 83 15.02 -26.07 -71.65
C TYR A 83 15.18 -24.77 -72.42
N GLU A 84 15.53 -24.89 -73.69
CA GLU A 84 15.64 -23.72 -74.56
C GLU A 84 15.16 -24.07 -75.95
N ILE A 85 14.41 -23.15 -76.55
CA ILE A 85 13.81 -23.39 -77.86
C ILE A 85 13.96 -22.16 -78.74
N ILE A 86 14.42 -22.36 -79.96
CA ILE A 86 14.50 -21.27 -80.92
C ILE A 86 13.90 -21.65 -82.26
N ARG A 87 12.81 -20.98 -82.61
CA ARG A 87 12.23 -21.17 -83.91
C ARG A 87 12.43 -19.92 -84.75
N GLU A 88 12.54 -20.13 -86.06
CA GLU A 88 12.58 -19.03 -87.01
C GLU A 88 11.57 -19.34 -88.09
N ILE A 89 11.01 -18.31 -88.70
CA ILE A 89 9.99 -18.50 -89.71
C ILE A 89 9.95 -17.36 -90.73
N ASN A 90 10.10 -17.72 -92.00
CA ASN A 90 10.06 -16.73 -93.07
C ASN A 90 8.90 -16.98 -94.03
N ALA A 91 8.06 -15.96 -94.20
CA ALA A 91 6.94 -16.06 -95.13
C ALA A 91 7.45 -16.34 -96.55
N LEU A 92 8.45 -15.56 -96.98
CA LEU A 92 8.98 -15.69 -98.33
C LEU A 92 9.56 -17.07 -98.58
N GLN A 93 10.50 -17.49 -97.73
CA GLN A 93 11.17 -18.77 -97.91
C GLN A 93 10.19 -19.93 -97.85
N ARG A 94 9.04 -19.71 -97.21
CA ARG A 94 8.06 -20.77 -96.99
C ARG A 94 8.67 -21.88 -96.16
N LYS A 95 9.61 -21.53 -95.30
CA LYS A 95 10.24 -22.53 -94.43
C LYS A 95 10.30 -22.09 -92.97
N HIS A 96 9.99 -23.04 -92.07
CA HIS A 96 9.93 -22.80 -90.63
C HIS A 96 10.85 -23.78 -89.93
N ASN A 97 11.75 -23.26 -89.09
CA ASN A 97 12.70 -24.09 -88.36
C ASN A 97 12.49 -23.97 -86.87
N ALA A 98 13.01 -24.94 -86.12
CA ALA A 98 12.88 -24.98 -84.68
C ALA A 98 13.89 -25.94 -84.06
N LYS A 99 13.97 -25.97 -82.74
CA LYS A 99 14.86 -26.87 -82.03
C LYS A 99 14.65 -26.78 -80.53
N LEU A 100 14.37 -27.92 -79.89
CA LEU A 100 14.19 -27.98 -78.45
C LEU A 100 15.45 -28.48 -77.77
N SER A 101 16.42 -27.59 -77.58
CA SER A 101 17.65 -27.97 -76.90
C SER A 101 17.57 -27.66 -75.40
N GLU A 102 17.74 -28.68 -74.57
CA GLU A 102 17.71 -28.50 -73.13
C GLU A 102 19.05 -27.98 -72.60
N ILE A 103 19.01 -27.04 -71.66
CA ILE A 103 20.23 -26.48 -71.09
C ILE A 103 20.74 -27.34 -69.93
N LEU A 104 21.95 -27.85 -70.08
CA LEU A 104 22.55 -28.73 -69.08
C LEU A 104 23.19 -27.93 -67.94
N GLU A 105 23.49 -28.62 -66.84
CA GLU A 105 24.21 -28.00 -65.73
C GLU A 105 25.58 -27.56 -66.22
N ASN A 106 26.12 -28.31 -67.18
CA ASN A 106 27.42 -28.01 -67.77
C ASN A 106 27.40 -26.73 -68.58
N GLY A 107 26.22 -26.35 -69.05
CA GLY A 107 26.06 -25.16 -69.86
C GLY A 107 25.95 -25.47 -71.34
N LYS A 108 26.00 -26.76 -71.68
CA LYS A 108 25.89 -27.18 -73.08
C LYS A 108 24.50 -27.71 -73.40
N LYS A 109 23.93 -27.22 -74.51
CA LYS A 109 22.57 -27.59 -74.91
C LYS A 109 22.50 -28.98 -75.54
N ALA A 110 21.50 -29.76 -75.13
CA ALA A 110 21.32 -31.08 -75.71
C ALA A 110 20.11 -31.15 -76.64
N ALA A 111 20.23 -31.94 -77.70
CA ALA A 111 19.17 -32.06 -78.68
C ALA A 111 17.99 -32.91 -78.19
N ILE A 112 16.78 -32.46 -78.50
CA ILE A 112 15.57 -33.22 -78.17
C ILE A 112 14.64 -33.28 -79.38
N ALA A 113 14.69 -32.25 -80.22
CA ALA A 113 13.85 -32.21 -81.42
C ALA A 113 14.41 -31.23 -82.46
N ALA A 114 14.26 -31.60 -83.74
CA ALA A 114 14.78 -30.78 -84.84
C ALA A 114 13.67 -30.07 -85.60
N LYS A 115 12.75 -30.83 -86.16
CA LYS A 115 11.61 -30.26 -86.85
C LYS A 115 10.67 -29.55 -85.89
N PRO A 116 9.93 -28.55 -86.38
CA PRO A 116 8.95 -27.84 -85.55
C PRO A 116 7.87 -28.79 -85.04
N THR A 117 7.55 -29.81 -85.82
CA THR A 117 6.56 -30.79 -85.39
C THR A 117 7.09 -31.66 -84.26
N SER A 118 8.39 -31.86 -84.23
CA SER A 118 9.02 -32.64 -83.17
C SER A 118 9.09 -31.84 -81.87
N VAL A 119 9.43 -30.57 -81.98
CA VAL A 119 9.53 -29.71 -80.80
C VAL A 119 8.16 -29.56 -80.13
N LYS A 120 7.11 -29.57 -80.94
CA LYS A 120 5.75 -29.48 -80.41
C LYS A 120 5.43 -30.73 -79.59
N GLN A 121 5.68 -31.89 -80.16
CA GLN A 121 5.40 -33.15 -79.47
C GLN A 121 6.12 -33.20 -78.14
N GLU A 122 7.41 -32.88 -78.17
CA GLU A 122 8.23 -32.93 -76.97
C GLU A 122 7.77 -31.96 -75.90
N VAL A 123 7.39 -30.75 -76.33
CA VAL A 123 6.96 -29.73 -75.38
C VAL A 123 5.64 -30.12 -74.73
N GLU A 124 4.71 -30.62 -75.53
CA GLU A 124 3.42 -31.05 -75.02
C GLU A 124 3.59 -32.24 -74.08
N LYS A 125 4.62 -33.05 -74.35
CA LYS A 125 4.93 -34.20 -73.50
C LYS A 125 5.48 -33.73 -72.17
N ILE A 126 6.00 -32.51 -72.14
CA ILE A 126 6.48 -31.92 -70.89
C ILE A 126 5.35 -31.25 -70.11
N LEU A 127 4.99 -31.86 -68.98
CA LEU A 127 3.89 -31.39 -68.14
C LEU A 127 2.52 -31.61 -68.76
N GLY A 128 2.45 -32.50 -69.75
CA GLY A 128 1.18 -32.95 -70.29
C GLY A 128 0.19 -31.83 -70.50
N ILE A 129 0.63 -30.79 -71.20
CA ILE A 129 -0.25 -29.67 -71.51
C ILE A 129 -0.26 -29.46 -73.01
N GLU A 130 -1.37 -29.77 -73.66
CA GLU A 130 -1.52 -29.49 -75.07
C GLU A 130 -1.71 -28.00 -75.33
N HIS A 131 -1.29 -27.54 -76.51
CA HIS A 131 -1.43 -26.14 -76.87
C HIS A 131 -2.85 -25.67 -76.63
N ARG A 132 -3.82 -26.53 -76.92
CA ARG A 132 -5.22 -26.17 -76.76
C ARG A 132 -5.51 -25.71 -75.35
N THR A 133 -5.00 -26.46 -74.36
CA THR A 133 -5.22 -26.15 -72.96
C THR A 133 -4.32 -25.00 -72.50
N PHE A 134 -3.08 -25.00 -72.95
CA PHE A 134 -2.11 -23.96 -72.58
C PHE A 134 -2.66 -22.56 -72.85
N ILE A 135 -3.31 -22.39 -73.97
CA ILE A 135 -3.92 -21.11 -74.34
C ILE A 135 -4.97 -20.68 -73.31
N ARG A 136 -5.69 -21.65 -72.76
CA ARG A 136 -6.80 -21.37 -71.85
C ARG A 136 -6.41 -21.45 -70.37
N THR A 137 -5.11 -21.43 -70.10
CA THR A 137 -4.62 -21.69 -68.76
C THR A 137 -3.64 -20.63 -68.27
N VAL A 138 -2.42 -20.62 -68.81
CA VAL A 138 -1.41 -19.66 -68.38
C VAL A 138 -1.77 -18.21 -68.75
N PHE A 139 -2.57 -18.04 -69.80
CA PHE A 139 -3.02 -16.71 -70.19
C PHE A 139 -4.40 -16.42 -69.63
N LEU A 140 -4.47 -15.52 -68.66
CA LEU A 140 -5.73 -15.15 -68.04
C LEU A 140 -6.15 -13.74 -68.43
N PRO A 141 -7.14 -13.65 -69.33
CA PRO A 141 -7.71 -12.36 -69.75
C PRO A 141 -8.64 -11.79 -68.68
N GLN A 142 -8.31 -10.64 -68.14
CA GLN A 142 -9.06 -10.06 -67.02
C GLN A 142 -10.56 -10.07 -67.25
N GLY A 143 -10.97 -9.78 -68.48
CA GLY A 143 -12.39 -9.74 -68.81
C GLY A 143 -13.11 -11.05 -68.51
N GLU A 144 -12.46 -12.15 -68.85
CA GLU A 144 -13.06 -13.47 -68.64
C GLU A 144 -12.94 -13.94 -67.19
N ILE A 145 -11.88 -13.52 -66.52
CA ILE A 145 -11.69 -13.87 -65.11
C ILE A 145 -12.83 -13.29 -64.28
N ASP A 146 -12.94 -11.97 -64.30
CA ASP A 146 -13.96 -11.28 -63.52
C ASP A 146 -15.34 -11.83 -63.84
N LYS A 147 -15.51 -12.26 -65.08
CA LYS A 147 -16.79 -12.80 -65.54
C LYS A 147 -17.06 -14.16 -64.92
N LEU A 148 -16.03 -15.00 -64.85
CA LEU A 148 -16.16 -16.32 -64.25
C LEU A 148 -16.58 -16.22 -62.79
N LEU A 149 -16.16 -15.16 -62.12
CA LEU A 149 -16.46 -14.97 -60.70
C LEU A 149 -17.95 -14.82 -60.46
N ILE A 150 -18.53 -13.77 -61.02
CA ILE A 150 -19.97 -13.50 -60.87
C ILE A 150 -20.81 -14.18 -61.96
N SER A 151 -20.40 -15.37 -62.35
CA SER A 151 -21.09 -16.13 -63.38
C SER A 151 -22.18 -17.02 -62.78
N PRO A 152 -23.26 -17.25 -63.56
CA PRO A 152 -24.33 -18.19 -63.18
C PRO A 152 -23.85 -19.64 -63.27
N PRO A 153 -24.55 -20.57 -62.60
CA PRO A 153 -24.14 -21.97 -62.51
C PRO A 153 -24.09 -22.67 -63.86
N SER A 154 -25.02 -22.34 -64.75
CA SER A 154 -25.05 -22.92 -66.09
C SER A 154 -23.88 -22.43 -66.93
N GLU A 155 -23.62 -21.13 -66.90
CA GLU A 155 -22.52 -20.56 -67.65
C GLU A 155 -21.18 -20.97 -67.05
N ILE A 156 -21.21 -21.33 -65.77
CA ILE A 156 -20.01 -21.81 -65.08
C ILE A 156 -19.63 -23.22 -65.50
N THR A 157 -20.61 -24.12 -65.49
CA THR A 157 -20.36 -25.50 -65.90
C THR A 157 -19.89 -25.53 -67.35
N GLU A 158 -20.31 -24.52 -68.12
CA GLU A 158 -19.88 -24.37 -69.50
C GLU A 158 -18.40 -24.01 -69.56
N ILE A 159 -18.02 -22.99 -68.80
CA ILE A 159 -16.63 -22.57 -68.74
C ILE A 159 -15.72 -23.75 -68.41
N ILE A 160 -16.14 -24.55 -67.43
CA ILE A 160 -15.36 -25.69 -67.02
C ILE A 160 -15.31 -26.74 -68.13
N SER A 161 -16.36 -26.76 -68.94
CA SER A 161 -16.46 -27.72 -70.04
C SER A 161 -15.43 -27.41 -71.12
N ASP A 162 -15.45 -26.18 -71.63
CA ASP A 162 -14.57 -25.79 -72.72
C ASP A 162 -13.19 -25.28 -72.26
N VAL A 163 -12.64 -25.93 -71.23
CA VAL A 163 -11.29 -25.64 -70.78
C VAL A 163 -10.52 -26.94 -70.58
N PHE A 164 -11.24 -27.99 -70.21
CA PHE A 164 -10.64 -29.32 -70.07
C PHE A 164 -10.77 -30.11 -71.37
N GLN A 165 -11.63 -29.66 -72.26
CA GLN A 165 -11.85 -30.34 -73.53
C GLN A 165 -12.49 -29.47 -74.60
N SER A 166 -12.06 -29.65 -75.85
CA SER A 166 -12.60 -28.90 -76.97
C SER A 166 -14.06 -29.25 -77.23
N LYS A 167 -14.89 -28.22 -77.38
CA LYS A 167 -16.30 -28.43 -77.68
C LYS A 167 -16.46 -29.15 -79.01
N GLU A 168 -15.61 -28.82 -79.97
CA GLU A 168 -15.67 -29.43 -81.28
C GLU A 168 -15.50 -30.95 -81.21
N THR A 169 -14.49 -31.39 -80.48
CA THR A 169 -14.21 -32.81 -80.35
C THR A 169 -15.43 -33.54 -79.79
N LEU A 170 -16.10 -32.92 -78.82
CA LEU A 170 -17.29 -33.53 -78.22
C LEU A 170 -18.41 -33.67 -79.25
N GLU A 171 -18.62 -32.64 -80.04
CA GLU A 171 -19.66 -32.66 -81.06
C GLU A 171 -19.36 -33.73 -82.10
N LYS A 172 -18.09 -33.86 -82.46
CA LYS A 172 -17.68 -34.83 -83.47
C LYS A 172 -17.84 -36.26 -82.98
N LEU A 173 -17.48 -36.51 -81.72
CA LEU A 173 -17.70 -37.80 -81.12
C LEU A 173 -19.20 -38.07 -81.10
N GLU A 174 -19.97 -37.00 -80.85
CA GLU A 174 -21.42 -37.06 -80.86
C GLU A 174 -21.89 -37.65 -82.17
N LYS A 175 -21.62 -36.93 -83.25
CA LYS A 175 -22.12 -37.29 -84.57
C LYS A 175 -21.66 -38.68 -85.01
N LEU A 176 -20.42 -39.03 -84.70
CA LEU A 176 -19.87 -40.33 -85.08
C LEU A 176 -20.61 -41.46 -84.39
N LEU A 177 -20.90 -41.26 -83.10
CA LEU A 177 -21.62 -42.24 -82.30
C LEU A 177 -23.05 -42.42 -82.80
N LYS A 178 -23.70 -41.31 -83.12
CA LYS A 178 -25.05 -41.34 -83.66
C LYS A 178 -25.09 -42.03 -85.03
N GLU A 179 -24.01 -41.86 -85.80
CA GLU A 179 -23.91 -42.49 -87.11
C GLU A 179 -23.77 -44.00 -86.98
N LYS A 180 -23.00 -44.45 -86.00
CA LYS A 180 -22.82 -45.88 -85.77
C LYS A 180 -24.13 -46.54 -85.40
N LYS A 182 -27.17 -45.46 -86.17
CA LYS A 182 -27.99 -45.47 -87.38
C LYS A 182 -27.59 -46.67 -88.22
N LYS A 183 -26.29 -46.91 -88.34
CA LYS A 183 -25.79 -48.05 -89.10
C LYS A 183 -26.31 -49.35 -88.53
N LEU A 184 -26.21 -49.50 -87.21
CA LEU A 184 -26.65 -50.73 -86.55
C LEU A 184 -28.15 -50.92 -86.72
N GLU A 185 -28.92 -49.89 -86.38
CA GLU A 185 -30.37 -49.97 -86.44
C GLU A 185 -30.86 -50.35 -87.83
N ASN A 186 -30.20 -49.81 -88.85
CA ASN A 186 -30.50 -50.15 -90.23
C ASN A 186 -30.22 -51.62 -90.53
N GLU A 187 -29.06 -52.09 -90.08
CA GLU A 187 -28.67 -53.49 -90.26
C GLU A 187 -28.97 -54.31 -89.01
N LYS A 202 -26.70 -65.08 -84.50
CA LYS A 202 -25.28 -64.94 -84.21
C LYS A 202 -24.78 -63.53 -84.51
N LYS A 203 -24.74 -63.19 -85.79
CA LYS A 203 -24.31 -61.86 -86.22
C LYS A 203 -25.32 -60.81 -85.78
N LEU A 204 -26.61 -61.14 -85.90
CA LEU A 204 -27.67 -60.24 -85.47
C LEU A 204 -27.62 -60.00 -83.96
N LYS A 205 -27.26 -61.03 -83.22
CA LYS A 205 -27.13 -60.93 -81.77
C LYS A 205 -25.93 -60.05 -81.38
N GLU A 206 -24.84 -60.21 -82.12
CA GLU A 206 -23.65 -59.40 -81.91
C GLU A 206 -23.93 -57.93 -82.22
N SER A 208 -26.94 -56.47 -81.96
CA SER A 208 -27.81 -55.97 -80.91
C SER A 208 -27.02 -55.69 -79.63
N ASP A 209 -25.97 -56.48 -79.41
CA ASP A 209 -25.11 -56.30 -78.25
C ASP A 209 -24.26 -55.04 -78.41
N GLU A 210 -23.78 -54.82 -79.62
CA GLU A 210 -22.97 -53.65 -79.92
C GLU A 210 -23.80 -52.38 -79.83
N TYR A 211 -24.99 -52.40 -80.44
CA TYR A 211 -25.89 -51.25 -80.42
C TYR A 211 -26.19 -50.80 -79.00
N ASN A 212 -26.71 -51.72 -78.20
CA ASN A 212 -27.08 -51.41 -76.82
C ASN A 212 -25.88 -50.88 -76.04
N ASN A 213 -24.74 -51.53 -76.19
CA ASN A 213 -23.52 -51.15 -75.46
C ASN A 213 -22.93 -49.83 -75.93
N LEU A 214 -22.89 -49.61 -77.25
CA LEU A 214 -22.38 -48.35 -77.79
C LEU A 214 -23.36 -47.23 -77.50
N ASP A 215 -24.65 -47.52 -77.58
CA ASP A 215 -25.68 -46.53 -77.33
C ASP A 215 -25.76 -46.16 -75.85
N LEU A 216 -25.49 -47.12 -74.98
CA LEU A 216 -25.49 -46.82 -73.56
C LEU A 216 -24.33 -45.89 -73.21
N LEU A 217 -23.11 -46.26 -73.63
CA LEU A 217 -21.96 -45.40 -73.38
C LEU A 217 -22.27 -44.00 -73.88
N ARG A 218 -22.75 -43.93 -75.12
CA ARG A 218 -23.20 -42.68 -75.70
C ARG A 218 -23.98 -41.92 -74.66
N LYS A 219 -25.05 -42.52 -74.18
CA LYS A 219 -25.94 -41.84 -73.25
C LYS A 219 -25.22 -41.38 -71.97
N TYR A 220 -24.24 -42.16 -71.52
CA TYR A 220 -23.48 -41.80 -70.33
C TYR A 220 -22.63 -40.56 -70.55
N LEU A 221 -21.92 -40.53 -71.67
CA LEU A 221 -21.08 -39.39 -72.01
C LEU A 221 -21.91 -38.16 -72.37
N PHE A 222 -22.96 -38.41 -73.15
CA PHE A 222 -23.87 -37.38 -73.65
C PHE A 222 -24.73 -36.62 -72.64
N ASP A 223 -25.27 -37.31 -71.65
CA ASP A 223 -26.13 -36.65 -70.68
C ASP A 223 -25.41 -35.70 -69.74
N LYS A 224 -25.94 -34.47 -69.67
CA LYS A 224 -25.39 -33.44 -68.80
C LYS A 224 -25.55 -33.82 -67.33
N SER A 225 -26.72 -34.40 -67.02
CA SER A 225 -27.04 -34.79 -65.67
C SER A 225 -25.98 -35.69 -65.03
N ASN A 226 -25.40 -36.63 -65.77
CA ASN A 226 -24.39 -37.45 -65.07
C ASN A 226 -22.87 -37.13 -65.15
N PHE A 227 -22.20 -37.52 -66.24
CA PHE A 227 -20.75 -37.28 -66.37
C PHE A 227 -20.43 -35.80 -66.36
N SER A 228 -21.21 -35.05 -67.12
CA SER A 228 -21.16 -33.60 -67.20
C SER A 228 -21.31 -32.97 -65.82
N ARG A 229 -22.18 -33.56 -65.00
CA ARG A 229 -22.42 -33.06 -63.65
C ARG A 229 -21.24 -33.35 -62.73
N TYR A 230 -20.76 -34.60 -62.78
CA TYR A 230 -19.63 -35.01 -61.95
C TYR A 230 -18.39 -34.20 -62.29
N PHE A 231 -18.09 -34.09 -63.58
CA PHE A 231 -16.92 -33.34 -64.04
C PHE A 231 -16.90 -31.94 -63.43
N THR A 232 -18.06 -31.30 -63.37
CA THR A 232 -18.17 -29.96 -62.81
C THR A 232 -17.80 -29.95 -61.34
N GLY A 233 -18.08 -31.05 -60.64
CA GLY A 233 -17.76 -31.16 -59.23
C GLY A 233 -16.27 -31.06 -58.96
N ARG A 234 -15.47 -31.71 -59.81
CA ARG A 234 -14.03 -31.70 -59.66
C ARG A 234 -13.50 -30.27 -59.50
N VAL A 235 -14.05 -29.36 -60.30
CA VAL A 235 -13.64 -27.97 -60.24
C VAL A 235 -14.07 -27.31 -58.93
N LEU A 236 -15.31 -27.57 -58.53
CA LEU A 236 -15.84 -27.02 -57.29
C LEU A 236 -15.19 -27.65 -56.07
N GLU A 237 -14.88 -28.95 -56.17
CA GLU A 237 -14.25 -29.68 -55.08
C GLU A 237 -12.73 -29.52 -55.12
N ALA A 238 -12.20 -29.31 -56.32
CA ALA A 238 -10.76 -29.15 -56.48
C ALA A 238 -10.39 -27.67 -56.61
N VAL A 239 -11.08 -26.96 -57.49
CA VAL A 239 -10.82 -25.54 -57.71
C VAL A 239 -11.00 -24.76 -56.41
N LEU A 240 -12.14 -24.93 -55.76
CA LEU A 240 -12.42 -24.23 -54.52
C LEU A 240 -11.39 -24.61 -53.48
N LYS A 241 -11.16 -25.91 -53.35
CA LYS A 241 -10.16 -26.41 -52.43
C LYS A 241 -8.90 -25.58 -52.55
N ARG A 242 -8.43 -25.36 -53.78
CA ARG A 242 -7.22 -24.58 -54.02
C ARG A 242 -7.46 -23.08 -53.97
N THR A 243 -8.67 -22.65 -54.33
CA THR A 243 -9.01 -21.24 -54.29
C THR A 243 -8.95 -20.72 -52.86
N LYS A 244 -9.41 -21.55 -51.91
CA LYS A 244 -9.38 -21.18 -50.50
C LYS A 244 -7.97 -20.88 -50.03
N ALA A 245 -7.02 -21.73 -50.40
CA ALA A 245 -5.62 -21.54 -50.03
C ALA A 245 -5.05 -20.23 -50.57
N TYR A 246 -5.41 -19.89 -51.81
CA TYR A 246 -4.94 -18.65 -52.42
C TYR A 246 -5.51 -17.45 -51.70
N LEU A 247 -6.79 -17.53 -51.36
CA LEU A 247 -7.46 -16.45 -50.66
C LEU A 247 -6.95 -16.32 -49.23
N ASP A 248 -6.16 -17.28 -48.79
CA ASP A 248 -5.61 -17.25 -47.44
C ASP A 248 -4.22 -16.64 -47.42
N ILE A 249 -3.40 -17.03 -48.38
CA ILE A 249 -2.04 -16.53 -48.46
C ILE A 249 -2.03 -15.08 -48.93
N LEU A 250 -3.11 -14.66 -49.58
CA LEU A 250 -3.15 -13.32 -50.16
C LEU A 250 -4.03 -12.37 -49.36
N THR A 251 -4.97 -12.93 -48.61
CA THR A 251 -5.96 -12.12 -47.89
C THR A 251 -5.82 -12.29 -46.37
N ASN A 252 -4.85 -13.09 -45.95
CA ASN A 252 -4.66 -13.39 -44.53
C ASN A 252 -5.87 -14.02 -43.89
N GLY A 253 -6.49 -14.95 -44.60
CA GLY A 253 -7.63 -15.70 -44.07
C GLY A 253 -8.91 -14.89 -44.01
N ARG A 254 -8.92 -13.74 -44.66
CA ARG A 254 -10.11 -12.90 -44.67
C ARG A 254 -11.23 -13.44 -45.56
N PHE A 255 -10.93 -13.63 -46.84
CA PHE A 255 -11.91 -14.16 -47.79
C PHE A 255 -11.90 -15.69 -47.90
N ASP A 256 -13.09 -16.25 -48.08
CA ASP A 256 -13.26 -17.68 -48.26
C ASP A 256 -14.53 -17.94 -49.03
N ILE A 257 -14.38 -18.41 -50.27
CA ILE A 257 -15.52 -18.62 -51.13
C ILE A 257 -15.85 -20.09 -51.33
N ASP A 258 -17.12 -20.35 -51.63
CA ASP A 258 -17.57 -21.69 -51.97
C ASP A 258 -18.60 -21.58 -53.08
N PHE A 259 -19.23 -22.70 -53.43
CA PHE A 259 -20.19 -22.68 -54.52
C PHE A 259 -21.51 -23.35 -54.17
N ASP A 260 -22.59 -22.83 -54.74
CA ASP A 260 -23.94 -23.28 -54.40
C ASP A 260 -24.91 -22.95 -55.52
N ASP A 261 -25.67 -23.96 -55.95
CA ASP A 261 -26.65 -23.77 -57.02
C ASP A 261 -27.80 -22.88 -56.58
N GLU A 262 -28.41 -23.23 -55.44
CA GLU A 262 -29.52 -22.46 -54.90
C GLU A 262 -29.31 -20.97 -55.12
N LYS A 263 -28.12 -20.49 -54.78
CA LYS A 263 -27.79 -19.07 -54.94
C LYS A 263 -27.32 -18.77 -56.36
N GLY A 264 -26.73 -17.58 -56.54
CA GLY A 264 -26.24 -17.18 -57.83
C GLY A 264 -25.20 -18.14 -58.39
N GLY A 265 -24.35 -18.67 -57.51
CA GLY A 265 -23.31 -19.60 -57.92
C GLY A 265 -22.13 -19.58 -56.97
N PHE A 266 -21.05 -18.92 -57.37
CA PHE A 266 -19.85 -18.82 -56.56
C PHE A 266 -20.36 -17.89 -55.47
N ILE A 267 -20.56 -18.45 -54.28
CA ILE A 267 -21.04 -17.68 -53.13
C ILE A 267 -19.75 -17.35 -52.42
N ILE A 268 -19.58 -16.07 -52.07
CA ILE A 268 -18.34 -15.66 -51.41
C ILE A 268 -18.60 -15.17 -50.00
N LYS A 269 -17.74 -15.58 -49.07
CA LYS A 269 -17.89 -15.21 -47.67
C LYS A 269 -16.72 -14.36 -47.18
N ASP A 270 -17.06 -13.29 -46.46
CA ASP A 270 -16.05 -12.44 -45.83
C ASP A 270 -16.16 -12.55 -44.31
N TRP A 271 -15.17 -13.21 -43.71
CA TRP A 271 -15.19 -13.48 -42.28
C TRP A 271 -16.37 -14.35 -41.89
N GLY A 272 -16.53 -15.45 -42.60
CA GLY A 272 -17.62 -16.38 -42.33
C GLY A 272 -18.97 -15.85 -42.76
N ILE A 273 -19.00 -14.59 -43.19
CA ILE A 273 -20.26 -13.97 -43.61
C ILE A 273 -20.33 -13.76 -45.11
N GLU A 274 -21.26 -14.46 -45.77
CA GLU A 274 -21.41 -14.33 -47.21
C GLU A 274 -21.71 -12.88 -47.59
N ARG A 275 -21.46 -12.55 -48.85
CA ARG A 275 -21.57 -11.19 -49.32
C ARG A 275 -21.58 -11.18 -50.85
N PRO A 276 -22.37 -10.27 -51.44
CA PRO A 276 -22.38 -10.16 -52.91
C PRO A 276 -21.02 -9.74 -53.43
N ALA A 277 -20.56 -10.40 -54.49
CA ALA A 277 -19.25 -10.11 -55.05
C ALA A 277 -19.18 -8.69 -55.60
N ARG A 278 -20.33 -8.17 -56.02
CA ARG A 278 -20.41 -6.80 -56.50
C ARG A 278 -20.11 -5.81 -55.38
N GLY A 279 -20.31 -6.25 -54.14
CA GLY A 279 -20.10 -5.40 -52.98
C GLY A 279 -18.63 -5.14 -52.69
N LEU A 280 -17.80 -6.10 -53.08
CA LEU A 280 -16.35 -6.01 -52.86
C LEU A 280 -15.75 -4.85 -53.65
N SER A 281 -14.63 -4.33 -53.16
CA SER A 281 -13.90 -3.30 -53.90
C SER A 281 -13.25 -3.95 -55.10
N GLY A 282 -12.77 -3.13 -56.03
CA GLY A 282 -12.15 -3.65 -57.24
C GLY A 282 -10.99 -4.58 -56.94
N GLY A 283 -10.12 -4.17 -56.01
CA GLY A 283 -8.93 -4.94 -55.67
C GLY A 283 -9.26 -6.27 -55.02
N GLU A 284 -10.43 -6.35 -54.43
CA GLU A 284 -10.89 -7.60 -53.86
C GLU A 284 -11.48 -8.49 -54.94
N ARG A 285 -12.26 -7.89 -55.84
CA ARG A 285 -12.80 -8.65 -56.97
C ARG A 285 -11.63 -9.24 -57.73
N ALA A 286 -10.57 -8.45 -57.87
CA ALA A 286 -9.39 -8.88 -58.61
C ALA A 286 -8.70 -10.05 -57.94
N LEU A 287 -8.28 -9.85 -56.68
CA LEU A 287 -7.57 -10.90 -55.96
C LEU A 287 -8.36 -12.19 -55.89
N ILE A 288 -9.63 -12.09 -55.52
CA ILE A 288 -10.47 -13.26 -55.39
C ILE A 288 -10.67 -13.94 -56.73
N SER A 289 -10.93 -13.15 -57.75
CA SER A 289 -11.20 -13.68 -59.08
C SER A 289 -9.97 -14.35 -59.68
N ILE A 290 -8.86 -13.65 -59.65
CA ILE A 290 -7.59 -14.19 -60.11
C ILE A 290 -7.23 -15.48 -59.39
N SER A 291 -7.51 -15.53 -58.09
CA SER A 291 -7.20 -16.72 -57.28
C SER A 291 -7.98 -17.92 -57.75
N LEU A 292 -9.27 -17.74 -57.96
CA LEU A 292 -10.12 -18.80 -58.45
C LEU A 292 -9.64 -19.21 -59.84
N ALA A 293 -9.23 -18.22 -60.62
CA ALA A 293 -8.76 -18.46 -61.99
C ALA A 293 -7.50 -19.32 -62.04
N SER A 295 -6.62 -21.29 -59.75
CA SER A 295 -7.03 -22.57 -59.19
C SER A 295 -7.59 -23.48 -60.26
N LEU A 296 -8.42 -22.92 -61.13
CA LEU A 296 -8.99 -23.67 -62.24
C LEU A 296 -7.89 -24.03 -63.23
N ALA A 297 -7.07 -23.05 -63.58
CA ALA A 297 -5.99 -23.26 -64.52
C ALA A 297 -5.03 -24.35 -64.05
N GLU A 298 -4.82 -24.43 -62.74
CA GLU A 298 -3.87 -25.38 -62.18
C GLU A 298 -4.47 -26.77 -61.97
N VAL A 299 -5.76 -26.82 -61.66
CA VAL A 299 -6.44 -28.09 -61.50
C VAL A 299 -6.60 -28.78 -62.85
N ALA A 300 -6.38 -28.02 -63.92
CA ALA A 300 -6.51 -28.53 -65.28
C ALA A 300 -5.15 -28.82 -65.92
N SER A 301 -4.13 -28.09 -65.47
CA SER A 301 -2.82 -28.15 -66.09
C SER A 301 -1.71 -28.31 -65.08
N GLY A 302 -2.07 -28.76 -63.88
CA GLY A 302 -1.09 -28.91 -62.81
C GLY A 302 -0.60 -27.58 -62.31
N ARG A 303 0.36 -27.59 -61.39
CA ARG A 303 0.91 -26.35 -60.85
C ARG A 303 1.51 -25.48 -61.97
N LEU A 304 1.29 -24.18 -61.89
CA LEU A 304 1.86 -23.26 -62.85
C LEU A 304 2.75 -22.24 -62.15
N ASP A 305 3.89 -21.93 -62.76
CA ASP A 305 4.84 -21.02 -62.16
C ASP A 305 4.87 -19.68 -62.88
N ALA A 306 3.81 -19.38 -63.64
CA ALA A 306 3.74 -18.14 -64.38
C ALA A 306 2.33 -17.84 -64.85
N PHE A 307 2.02 -16.56 -65.02
CA PHE A 307 0.70 -16.14 -65.48
C PHE A 307 0.74 -14.83 -66.23
N PHE A 308 -0.07 -14.75 -67.28
CA PHE A 308 -0.21 -13.52 -68.03
C PHE A 308 -1.63 -12.99 -67.89
N ILE A 309 -1.75 -11.78 -67.37
CA ILE A 309 -3.02 -11.13 -67.19
C ILE A 309 -2.96 -9.76 -67.84
N ASP A 310 -3.93 -9.44 -68.70
CA ASP A 310 -3.98 -8.11 -69.31
C ASP A 310 -5.14 -7.28 -68.74
N GLU A 311 -4.90 -5.99 -68.54
CA GLU A 311 -5.90 -5.08 -67.99
C GLU A 311 -7.16 -5.03 -68.86
N GLY A 312 -8.31 -5.05 -68.21
CA GLY A 312 -9.59 -5.05 -68.90
C GLY A 312 -10.15 -3.67 -69.19
N PHE A 313 -9.69 -2.68 -68.42
CA PHE A 313 -10.14 -1.29 -68.57
C PHE A 313 -11.65 -1.09 -68.72
N SER A 314 -12.42 -1.67 -67.81
CA SER A 314 -13.85 -1.40 -67.75
C SER A 314 -14.03 0.10 -67.52
N SER A 315 -14.92 0.73 -68.28
CA SER A 315 -15.06 2.19 -68.29
C SER A 315 -15.10 2.83 -66.90
N LEU A 316 -15.82 2.19 -65.98
CA LEU A 316 -16.00 2.74 -64.63
C LEU A 316 -14.92 2.26 -63.66
N ASP A 317 -13.85 1.70 -64.20
CA ASP A 317 -12.84 1.03 -63.39
C ASP A 317 -11.55 1.85 -63.23
N THR A 318 -11.59 3.13 -63.58
CA THR A 318 -10.37 3.94 -63.62
C THR A 318 -9.78 4.33 -62.27
N GLU A 319 -10.59 4.92 -61.38
CA GLU A 319 -10.12 5.28 -60.06
C GLU A 319 -9.57 4.02 -59.41
N ASN A 320 -10.30 2.93 -59.63
CA ASN A 320 -9.89 1.62 -59.17
C ASN A 320 -8.55 1.17 -59.76
N LYS A 321 -8.25 1.60 -61.00
CA LYS A 321 -7.03 1.16 -61.67
C LYS A 321 -5.83 1.35 -60.75
N GLU A 322 -5.79 2.47 -60.05
CA GLU A 322 -4.69 2.77 -59.15
C GLU A 322 -4.82 2.00 -57.83
N LYS A 323 -6.05 1.82 -57.37
CA LYS A 323 -6.32 1.06 -56.16
C LYS A 323 -6.16 -0.44 -56.38
N ILE A 324 -6.63 -0.93 -57.53
CA ILE A 324 -6.55 -2.35 -57.87
C ILE A 324 -5.08 -2.76 -57.95
N ALA A 325 -4.25 -1.86 -58.46
CA ALA A 325 -2.83 -2.12 -58.60
C ALA A 325 -2.21 -2.39 -57.23
N SER A 326 -2.64 -1.65 -56.22
CA SER A 326 -2.09 -1.79 -54.88
C SER A 326 -2.54 -3.11 -54.24
N VAL A 327 -3.80 -3.47 -54.46
CA VAL A 327 -4.35 -4.67 -53.82
C VAL A 327 -3.90 -5.95 -54.50
N LEU A 328 -3.60 -5.88 -55.80
CA LEU A 328 -3.13 -7.04 -56.55
C LEU A 328 -1.66 -7.34 -56.30
N LYS A 329 -0.94 -6.35 -55.77
CA LYS A 329 0.48 -6.51 -55.48
C LYS A 329 0.74 -7.68 -54.53
N GLU A 330 -0.31 -8.13 -53.84
CA GLU A 330 -0.20 -9.27 -52.95
C GLU A 330 0.17 -10.55 -53.69
N LEU A 331 -0.12 -10.58 -54.99
CA LEU A 331 0.15 -11.76 -55.81
C LEU A 331 1.64 -12.08 -55.84
N GLU A 332 2.46 -11.08 -55.50
CA GLU A 332 3.90 -11.25 -55.49
C GLU A 332 4.33 -12.24 -54.42
N ARG A 333 3.48 -12.41 -53.41
CA ARG A 333 3.76 -13.29 -52.29
C ARG A 333 3.74 -14.78 -52.71
N LEU A 334 3.09 -15.06 -53.83
CA LEU A 334 3.02 -16.42 -54.36
C LEU A 334 4.33 -16.85 -55.02
N ASN A 335 5.18 -15.87 -55.29
CA ASN A 335 6.49 -16.13 -55.91
C ASN A 335 6.42 -16.60 -57.37
N LYS A 336 5.22 -16.85 -57.87
CA LYS A 336 5.05 -17.19 -59.28
C LYS A 336 5.47 -16.03 -60.17
N VAL A 337 5.89 -16.34 -61.39
CA VAL A 337 6.23 -15.32 -62.37
C VAL A 337 4.95 -14.74 -62.98
N ILE A 338 4.44 -13.70 -62.35
CA ILE A 338 3.18 -13.08 -62.78
C ILE A 338 3.44 -11.78 -63.49
N VAL A 339 3.11 -11.73 -64.77
CA VAL A 339 3.27 -10.50 -65.56
C VAL A 339 1.92 -9.95 -66.00
N PHE A 340 1.76 -8.64 -65.84
CA PHE A 340 0.54 -7.96 -66.27
C PHE A 340 0.75 -7.28 -67.61
N ILE A 341 -0.22 -7.44 -68.50
CA ILE A 341 -0.19 -6.82 -69.80
C ILE A 341 -1.19 -5.68 -69.84
N THR A 342 -0.87 -4.60 -69.12
CA THR A 342 -1.77 -3.47 -69.00
C THR A 342 -1.65 -2.51 -70.18
N HIS A 343 -2.73 -1.81 -70.48
CA HIS A 343 -2.75 -0.86 -71.57
C HIS A 343 -2.71 0.59 -71.09
N ASP A 344 -3.24 0.83 -69.89
CA ASP A 344 -3.26 2.17 -69.31
C ASP A 344 -2.08 2.44 -68.38
N ARG A 345 -1.62 3.70 -68.37
CA ARG A 345 -0.44 4.09 -67.60
C ARG A 345 -0.64 4.03 -66.09
N GLU A 346 -1.86 4.33 -65.65
CA GLU A 346 -2.16 4.39 -64.22
C GLU A 346 -1.97 3.04 -63.55
N PHE A 347 -2.36 1.97 -64.22
CA PHE A 347 -2.14 0.63 -63.70
C PHE A 347 -0.66 0.33 -63.77
N SER A 348 -0.02 0.72 -64.87
CA SER A 348 1.38 0.39 -65.11
C SER A 348 2.32 1.03 -64.09
N GLU A 349 1.96 2.21 -63.57
CA GLU A 349 2.87 2.97 -62.73
C GLU A 349 3.24 2.32 -61.38
N ALA A 350 2.25 1.84 -60.64
CA ALA A 350 2.47 1.42 -59.26
C ALA A 350 3.03 0.00 -59.09
N PHE A 351 3.86 -0.43 -60.03
CA PHE A 351 4.51 -1.73 -59.98
C PHE A 351 6.01 -1.53 -60.17
N ASP A 352 6.76 -1.56 -59.07
CA ASP A 352 8.20 -1.30 -59.13
C ASP A 352 8.83 -1.77 -60.44
N ARG A 353 8.53 -3.00 -60.82
CA ARG A 353 9.14 -3.61 -62.01
C ARG A 353 8.33 -3.35 -63.27
N LYS A 354 8.77 -2.38 -64.06
CA LYS A 354 8.06 -2.02 -65.29
C LYS A 354 8.83 -2.38 -66.54
N LEU A 355 8.10 -2.51 -67.65
CA LEU A 355 8.69 -2.85 -68.94
C LEU A 355 7.87 -2.21 -70.05
N ARG A 356 8.37 -1.09 -70.57
CA ARG A 356 7.66 -0.39 -71.64
C ARG A 356 8.16 -0.80 -73.03
N ILE A 357 7.22 -1.08 -73.92
CA ILE A 357 7.55 -1.45 -75.30
C ILE A 357 6.92 -0.47 -76.28
N THR A 358 7.73 0.48 -76.76
CA THR A 358 7.25 1.49 -77.69
C THR A 358 7.74 1.23 -79.11
N GLY A 359 6.81 1.28 -80.07
CA GLY A 359 7.15 1.11 -81.47
C GLY A 359 7.85 -0.20 -81.78
N GLY A 360 7.46 -1.27 -81.08
CA GLY A 360 8.03 -2.58 -81.31
C GLY A 360 9.27 -2.86 -80.46
N VAL A 361 10.06 -1.82 -80.21
CA VAL A 361 11.26 -1.96 -79.38
C VAL A 361 10.96 -1.61 -77.92
N VAL A 362 11.86 -2.00 -77.01
CA VAL A 362 11.71 -1.70 -75.59
C VAL A 362 12.56 -0.50 -75.16
N VAL A 363 11.90 0.49 -74.56
CA VAL A 363 12.59 1.70 -74.10
C VAL A 363 12.61 1.81 -72.59
N ARG B 2 2.40 42.77 57.59
CA ARG B 2 2.39 43.42 56.27
C ARG B 2 2.59 44.93 56.37
N PRO B 3 3.84 45.40 56.26
CA PRO B 3 4.13 46.83 56.28
C PRO B 3 3.44 47.55 55.12
N GLU B 4 2.53 48.47 55.44
CA GLU B 4 1.79 49.20 54.42
C GLU B 4 2.38 50.58 54.17
N ARG B 5 2.96 51.18 55.21
CA ARG B 5 3.49 52.54 55.10
C ARG B 5 4.56 52.79 56.15
N LEU B 6 5.52 53.64 55.81
CA LEU B 6 6.68 53.87 56.67
C LEU B 6 7.28 55.24 56.36
N THR B 7 6.82 56.26 57.06
CA THR B 7 7.31 57.62 56.86
C THR B 7 8.44 57.92 57.85
N VAL B 8 9.66 57.99 57.33
CA VAL B 8 10.83 58.23 58.18
C VAL B 8 11.40 59.63 57.98
N ARG B 9 11.86 60.24 59.07
CA ARG B 9 12.46 61.56 59.00
C ARG B 9 13.64 61.69 59.97
N ASN B 10 14.80 62.06 59.44
CA ASN B 10 15.99 62.27 60.24
C ASN B 10 16.47 61.03 60.98
N PHE B 11 15.93 59.87 60.63
CA PHE B 11 16.42 58.61 61.18
C PHE B 11 17.74 58.27 60.53
N LEU B 12 18.64 57.64 61.28
CA LEU B 12 20.01 57.45 60.82
C LEU B 12 20.06 56.91 59.39
N GLY B 13 20.87 57.57 58.55
CA GLY B 13 20.98 57.20 57.15
C GLY B 13 19.92 57.83 56.26
N LEU B 14 18.86 58.35 56.88
CA LEU B 14 17.76 58.93 56.14
C LEU B 14 17.47 60.36 56.59
N LYS B 15 16.90 61.17 55.70
CA LYS B 15 16.48 62.53 56.03
C LYS B 15 14.97 62.67 56.00
N ASN B 16 14.39 62.30 54.86
CA ASN B 16 12.93 62.34 54.69
C ASN B 16 12.50 61.41 53.57
N VAL B 17 12.00 60.23 53.96
CA VAL B 17 11.58 59.23 53.00
C VAL B 17 10.14 58.82 53.24
N ASP B 18 9.39 58.63 52.17
CA ASP B 18 8.01 58.16 52.28
C ASP B 18 7.82 56.93 51.41
N ILE B 19 7.70 55.77 52.06
CA ILE B 19 7.56 54.51 51.34
C ILE B 19 6.19 53.89 51.55
N GLU B 20 5.63 53.37 50.48
CA GLU B 20 4.35 52.68 50.54
C GLU B 20 4.52 51.29 49.92
N PHE B 21 4.60 50.29 50.79
CA PHE B 21 4.80 48.91 50.35
C PHE B 21 3.63 48.41 49.50
N GLN B 22 3.97 47.62 48.49
CA GLN B 22 3.00 47.07 47.56
C GLN B 22 3.17 45.56 47.43
N SER B 23 2.13 44.89 46.94
CA SER B 23 2.16 43.44 46.79
C SER B 23 3.27 43.03 45.81
N GLY B 24 3.91 41.91 46.10
CA GLY B 24 5.01 41.41 45.30
C GLY B 24 6.34 41.95 45.81
N ILE B 25 7.42 41.56 45.15
CA ILE B 25 8.77 41.97 45.56
C ILE B 25 9.02 43.47 45.41
N THR B 26 9.72 44.03 46.39
CA THR B 26 10.08 45.44 46.37
C THR B 26 11.60 45.60 46.50
N VAL B 27 12.20 46.40 45.63
CA VAL B 27 13.64 46.62 45.67
C VAL B 27 14.01 48.07 45.89
N VAL B 28 14.88 48.33 46.85
CA VAL B 28 15.33 49.69 47.15
C VAL B 28 16.85 49.79 47.02
N GLU B 29 17.30 50.79 46.27
CA GLU B 29 18.74 51.00 46.07
C GLU B 29 19.10 52.49 46.08
N GLY B 30 20.33 52.79 46.47
CA GLY B 30 20.79 54.17 46.50
C GLY B 30 22.29 54.23 46.67
N PRO B 31 22.86 55.44 46.67
CA PRO B 31 24.30 55.60 46.89
C PRO B 31 24.72 54.88 48.16
N ASN B 32 25.82 54.12 48.08
CA ASN B 32 26.27 53.30 49.20
C ASN B 32 26.38 54.12 50.49
N GLY B 33 26.01 53.50 51.61
CA GLY B 33 26.12 54.13 52.91
C GLY B 33 24.89 54.88 53.38
N ALA B 34 23.87 54.96 52.53
CA ALA B 34 22.65 55.68 52.89
C ALA B 34 21.38 55.07 52.30
N GLY B 35 20.29 55.18 53.05
CA GLY B 35 18.98 54.74 52.61
C GLY B 35 18.78 53.24 52.61
N LYS B 36 19.65 52.52 51.92
CA LYS B 36 19.49 51.09 51.73
C LYS B 36 19.46 50.30 53.05
N SER B 37 20.57 50.31 53.77
CA SER B 37 20.67 49.58 55.03
C SER B 37 19.88 50.27 56.14
N SER B 38 19.92 51.60 56.13
CA SER B 38 19.33 52.39 57.19
C SER B 38 17.80 52.36 57.18
N LEU B 39 17.22 52.21 55.99
CA LEU B 39 15.76 52.22 55.84
C LEU B 39 15.10 51.13 56.67
N PHE B 40 15.65 49.92 56.59
CA PHE B 40 15.11 48.80 57.34
C PHE B 40 15.30 48.96 58.84
N GLU B 41 16.48 49.45 59.21
CA GLU B 41 16.78 49.71 60.62
C GLU B 41 15.62 50.49 61.22
N ALA B 42 15.19 51.50 60.47
CA ALA B 42 14.09 52.37 60.88
C ALA B 42 12.81 51.59 61.16
N ILE B 43 12.50 50.63 60.30
CA ILE B 43 11.27 49.86 60.43
C ILE B 43 11.31 48.94 61.65
N SER B 44 12.50 48.43 61.97
CA SER B 44 12.69 47.63 63.15
C SER B 44 12.56 48.48 64.41
N PHE B 45 13.00 49.73 64.29
CA PHE B 45 12.99 50.67 65.41
C PHE B 45 11.57 51.15 65.73
N ALA B 46 10.78 51.40 64.68
CA ALA B 46 9.43 51.90 64.85
C ALA B 46 8.54 50.97 65.68
N LEU B 47 8.80 49.67 65.62
CA LEU B 47 7.99 48.71 66.36
C LEU B 47 8.38 48.63 67.83
N PHE B 48 9.59 48.15 68.09
CA PHE B 48 10.05 47.91 69.46
C PHE B 48 10.72 49.13 70.08
N GLY B 49 11.82 49.57 69.47
CA GLY B 49 12.55 50.72 69.98
C GLY B 49 13.99 50.41 70.32
N ASN B 50 14.58 49.45 69.61
CA ASN B 50 15.96 49.05 69.89
C ASN B 50 16.84 49.00 68.64
N GLY B 51 16.26 48.60 67.51
CA GLY B 51 17.02 48.48 66.29
C GLY B 51 18.09 47.41 66.37
N ILE B 52 19.22 47.64 65.71
CA ILE B 52 20.26 46.62 65.60
C ILE B 52 21.66 47.22 65.76
N ARG B 53 21.89 48.36 65.11
CA ARG B 53 23.22 48.97 65.07
C ARG B 53 23.69 49.46 66.44
N TYR B 54 22.82 50.19 67.14
CA TYR B 54 23.19 50.79 68.42
C TYR B 54 22.29 50.31 69.56
N PRO B 55 22.84 50.29 70.78
CA PRO B 55 22.09 49.92 71.99
C PRO B 55 21.18 51.06 72.46
N ASN B 56 21.77 52.21 72.76
CA ASN B 56 21.03 53.36 73.25
C ASN B 56 20.11 53.95 72.20
N SER B 57 18.85 54.13 72.57
CA SER B 57 17.82 54.61 71.65
C SER B 57 18.20 55.91 70.94
N TYR B 58 18.80 56.84 71.68
CA TYR B 58 19.09 58.17 71.15
C TYR B 58 20.12 58.18 70.02
N ASP B 59 20.98 57.17 69.99
CA ASP B 59 22.03 57.07 68.98
C ASP B 59 21.46 56.91 67.57
N TYR B 60 20.16 56.65 67.48
CA TYR B 60 19.52 56.40 66.19
C TYR B 60 19.12 57.68 65.46
N VAL B 61 19.56 58.82 65.98
CA VAL B 61 19.29 60.10 65.34
C VAL B 61 20.32 60.37 64.25
N ASN B 62 19.86 60.92 63.12
CA ASN B 62 20.74 61.21 62.00
C ASN B 62 21.81 62.23 62.38
N ARG B 63 23.02 62.02 61.90
CA ARG B 63 24.13 62.93 62.16
C ARG B 63 23.91 64.27 61.48
N ASN B 64 23.33 64.23 60.28
CA ASN B 64 23.09 65.43 59.49
C ASN B 64 22.16 66.42 60.18
N ALA B 65 21.29 65.91 61.05
CA ALA B 65 20.42 66.78 61.85
C ALA B 65 20.77 66.64 63.33
N VAL B 66 21.30 67.72 63.91
CA VAL B 66 21.63 67.74 65.33
C VAL B 66 20.67 68.65 66.08
N ASP B 67 20.36 68.30 67.32
CA ASP B 67 19.38 69.03 68.14
C ASP B 67 17.97 68.90 67.56
N GLY B 68 17.84 68.09 66.51
CA GLY B 68 16.55 67.87 65.89
C GLY B 68 16.01 66.48 66.18
N THR B 69 14.69 66.38 66.30
CA THR B 69 14.05 65.09 66.58
C THR B 69 13.93 64.26 65.31
N ALA B 70 13.85 62.95 65.49
CA ALA B 70 13.61 62.04 64.37
C ALA B 70 12.24 61.39 64.51
N ARG B 71 11.36 61.70 63.57
CA ARG B 71 10.00 61.16 63.57
C ARG B 71 9.89 60.01 62.58
N LEU B 72 9.11 59.00 62.95
CA LEU B 72 8.81 57.91 62.03
C LEU B 72 7.46 57.25 62.35
N VAL B 73 6.59 57.24 61.35
CA VAL B 73 5.29 56.58 61.46
C VAL B 73 5.39 55.23 60.77
N PHE B 74 4.41 54.36 61.02
CA PHE B 74 4.43 53.03 60.44
C PHE B 74 3.08 52.34 60.55
N GLN B 75 2.47 52.06 59.41
CA GLN B 75 1.24 51.28 59.38
C GLN B 75 1.57 49.85 59.00
N PHE B 76 0.85 48.89 59.58
CA PHE B 76 1.12 47.48 59.32
C PHE B 76 -0.03 46.58 59.70
N GLU B 77 -0.51 45.80 58.74
CA GLU B 77 -1.55 44.82 58.99
C GLU B 77 -0.97 43.59 59.67
N ARG B 78 -1.73 43.03 60.61
CA ARG B 78 -1.29 41.86 61.35
C ARG B 78 -2.44 41.28 62.17
N GLY B 79 -3.17 40.35 61.56
CA GLY B 79 -4.29 39.72 62.23
C GLY B 79 -5.63 40.19 61.69
N GLY B 80 -5.60 40.90 60.57
CA GLY B 80 -6.82 41.40 59.94
C GLY B 80 -7.18 42.81 60.40
N LYS B 81 -6.47 43.30 61.40
CA LYS B 81 -6.65 44.67 61.87
C LYS B 81 -5.33 45.44 61.81
N ARG B 82 -5.29 46.46 60.95
CA ARG B 82 -4.08 47.26 60.76
C ARG B 82 -3.81 48.18 61.94
N TYR B 83 -2.53 48.34 62.27
CA TYR B 83 -2.12 49.22 63.35
C TYR B 83 -1.28 50.37 62.80
N GLU B 84 -1.05 51.38 63.62
CA GLU B 84 -0.18 52.49 63.24
C GLU B 84 0.61 52.97 64.44
N ILE B 85 1.89 53.25 64.23
CA ILE B 85 2.77 53.65 65.31
C ILE B 85 3.65 54.81 64.87
N ILE B 86 3.72 55.83 65.72
CA ILE B 86 4.61 56.95 65.44
C ILE B 86 5.44 57.30 66.65
N ARG B 87 6.74 57.10 66.54
CA ARG B 87 7.65 57.52 67.59
C ARG B 87 8.49 58.70 67.11
N GLU B 88 8.84 59.56 68.06
CA GLU B 88 9.76 60.65 67.80
C GLU B 88 10.84 60.61 68.88
N ILE B 89 12.03 61.07 68.53
CA ILE B 89 13.14 61.01 69.47
C ILE B 89 14.17 62.11 69.22
N ASN B 90 14.43 62.91 70.24
CA ASN B 90 15.40 63.99 70.15
C ASN B 90 16.56 63.78 71.11
N ALA B 91 17.78 63.78 70.58
CA ALA B 91 18.97 63.65 71.40
C ALA B 91 19.04 64.79 72.40
N LEU B 92 18.87 66.02 71.92
CA LEU B 92 18.96 67.20 72.77
C LEU B 92 17.94 67.18 73.90
N GLN B 93 16.67 67.03 73.55
CA GLN B 93 15.59 67.05 74.53
C GLN B 93 15.74 65.93 75.56
N ARG B 94 16.45 64.88 75.17
CA ARG B 94 16.58 63.70 76.01
C ARG B 94 15.21 63.08 76.27
N LYS B 95 14.31 63.22 75.32
CA LYS B 95 12.97 62.67 75.45
C LYS B 95 12.51 61.91 74.21
N HIS B 96 11.90 60.74 74.43
CA HIS B 96 11.44 59.86 73.36
C HIS B 96 9.95 59.58 73.53
N ASN B 97 9.19 59.82 72.47
CA ASN B 97 7.75 59.60 72.49
C ASN B 97 7.31 58.52 71.51
N ALA B 98 6.11 57.98 71.74
CA ALA B 98 5.59 56.93 70.88
C ALA B 98 4.08 56.78 71.10
N LYS B 99 3.46 55.93 70.28
CA LYS B 99 2.03 55.68 70.40
C LYS B 99 1.59 54.59 69.43
N LEU B 100 0.97 53.54 69.96
CA LEU B 100 0.46 52.44 69.15
C LEU B 100 -1.04 52.60 68.91
N SER B 101 -1.41 53.45 67.97
CA SER B 101 -2.82 53.63 67.63
C SER B 101 -3.24 52.71 66.49
N GLU B 102 -4.23 51.86 66.72
CA GLU B 102 -4.73 50.96 65.69
C GLU B 102 -5.71 51.67 64.77
N ILE B 103 -5.61 51.39 63.47
CA ILE B 103 -6.50 52.02 62.49
C ILE B 103 -7.80 51.22 62.36
N LEU B 104 -8.91 51.89 62.66
CA LEU B 104 -10.22 51.25 62.61
C LEU B 104 -10.80 51.22 61.20
N GLU B 105 -11.84 50.41 61.01
CA GLU B 105 -12.55 50.39 59.74
C GLU B 105 -13.16 51.76 59.48
N ASN B 106 -13.53 52.43 60.57
CA ASN B 106 -14.12 53.77 60.51
C ASN B 106 -13.12 54.80 60.01
N GLY B 107 -11.83 54.50 60.20
CA GLY B 107 -10.77 55.42 59.81
C GLY B 107 -10.22 56.21 60.98
N LYS B 108 -10.75 55.95 62.17
CA LYS B 108 -10.29 56.65 63.38
C LYS B 108 -9.35 55.76 64.19
N LYS B 109 -8.21 56.32 64.59
CA LYS B 109 -7.20 55.58 65.34
C LYS B 109 -7.55 55.40 66.82
N ALA B 110 -7.36 54.19 67.33
CA ALA B 110 -7.63 53.91 68.73
C ALA B 110 -6.36 53.73 69.54
N ALA B 111 -6.39 54.19 70.79
CA ALA B 111 -5.23 54.12 71.66
C ALA B 111 -4.97 52.72 72.20
N ILE B 112 -3.71 52.32 72.23
CA ILE B 112 -3.31 51.04 72.79
C ILE B 112 -2.12 51.22 73.74
N ALA B 113 -1.29 52.23 73.46
CA ALA B 113 -0.12 52.50 74.29
C ALA B 113 0.38 53.93 74.11
N ALA B 114 0.86 54.53 75.19
CA ALA B 114 1.34 55.91 75.16
C ALA B 114 2.86 55.99 75.25
N LYS B 115 3.41 55.46 76.33
CA LYS B 115 4.86 55.44 76.51
C LYS B 115 5.52 54.49 75.51
N PRO B 116 6.79 54.76 75.16
CA PRO B 116 7.51 53.86 74.25
C PRO B 116 7.65 52.46 74.83
N THR B 117 7.71 52.36 76.16
CA THR B 117 7.80 51.06 76.81
C THR B 117 6.49 50.29 76.68
N SER B 118 5.37 51.03 76.62
CA SER B 118 4.06 50.41 76.47
C SER B 118 3.86 49.92 75.04
N VAL B 119 4.27 50.72 74.07
CA VAL B 119 4.13 50.34 72.67
C VAL B 119 4.94 49.09 72.35
N LYS B 120 6.09 48.96 73.02
CA LYS B 120 6.94 47.79 72.85
C LYS B 120 6.21 46.54 73.35
N GLN B 121 5.69 46.60 74.56
CA GLN B 121 4.98 45.47 75.15
C GLN B 121 3.83 45.03 74.26
N GLU B 122 3.04 45.98 73.82
CA GLU B 122 1.87 45.70 72.98
C GLU B 122 2.26 45.09 71.65
N VAL B 123 3.31 45.62 71.04
CA VAL B 123 3.76 45.12 69.74
C VAL B 123 4.28 43.70 69.85
N GLU B 124 5.09 43.44 70.87
CA GLU B 124 5.62 42.09 71.10
C GLU B 124 4.49 41.12 71.41
N LYS B 125 3.44 41.62 72.04
CA LYS B 125 2.27 40.81 72.35
C LYS B 125 1.52 40.45 71.07
N ILE B 126 1.72 41.24 70.03
CA ILE B 126 1.11 40.96 68.73
C ILE B 126 1.97 40.00 67.92
N LEU B 127 1.45 38.79 67.74
CA LEU B 127 2.15 37.71 67.03
C LEU B 127 3.34 37.14 67.81
N GLY B 128 3.37 37.41 69.12
CA GLY B 128 4.34 36.80 70.00
C GLY B 128 5.74 36.76 69.42
N ILE B 129 6.23 37.91 68.99
CA ILE B 129 7.58 38.02 68.45
C ILE B 129 8.33 39.10 69.20
N GLU B 130 9.30 38.69 70.02
CA GLU B 130 10.15 39.64 70.72
C GLU B 130 11.15 40.28 69.75
N HIS B 131 11.56 41.50 70.05
CA HIS B 131 12.51 42.22 69.22
C HIS B 131 13.74 41.37 68.93
N ARG B 132 14.16 40.58 69.92
CA ARG B 132 15.32 39.72 69.79
C ARG B 132 15.17 38.78 68.59
N THR B 133 13.99 38.15 68.49
CA THR B 133 13.71 37.22 67.40
C THR B 133 13.41 37.95 66.09
N PHE B 134 12.65 39.03 66.17
CA PHE B 134 12.27 39.81 65.00
C PHE B 134 13.50 40.20 64.17
N ILE B 135 14.57 40.59 64.84
CA ILE B 135 15.81 40.96 64.18
C ILE B 135 16.37 39.80 63.37
N ARG B 136 16.22 38.59 63.89
CA ARG B 136 16.81 37.40 63.28
C ARG B 136 15.83 36.63 62.38
N THR B 137 14.75 37.30 61.99
CA THR B 137 13.68 36.61 61.29
C THR B 137 13.26 37.33 60.00
N VAL B 138 12.57 38.47 60.14
CA VAL B 138 12.10 39.21 58.97
C VAL B 138 13.25 39.79 58.15
N PHE B 139 14.37 40.06 58.79
CA PHE B 139 15.54 40.55 58.08
C PHE B 139 16.49 39.42 57.73
N LEU B 140 16.57 39.10 56.44
CA LEU B 140 17.45 38.03 55.98
C LEU B 140 18.63 38.60 55.19
N PRO B 141 19.81 38.62 55.83
CA PRO B 141 21.06 39.05 55.19
C PRO B 141 21.59 37.97 54.24
N GLN B 142 21.69 38.28 52.96
CA GLN B 142 22.06 37.28 51.94
C GLN B 142 23.30 36.47 52.33
N GLY B 143 24.28 37.14 52.93
CA GLY B 143 25.51 36.48 53.32
C GLY B 143 25.27 35.31 54.26
N GLU B 144 24.38 35.50 55.23
CA GLU B 144 24.09 34.45 56.22
C GLU B 144 23.16 33.39 55.66
N ILE B 145 22.28 33.78 54.74
CA ILE B 145 21.36 32.83 54.13
C ILE B 145 22.14 31.80 53.34
N ASP B 146 22.90 32.26 52.35
CA ASP B 146 23.67 31.38 51.49
C ASP B 146 24.59 30.50 52.33
N LYS B 147 25.04 31.03 53.47
CA LYS B 147 25.92 30.31 54.36
C LYS B 147 25.19 29.17 55.07
N LEU B 148 23.97 29.46 55.51
CA LEU B 148 23.15 28.46 56.18
C LEU B 148 22.90 27.25 55.26
N LEU B 149 22.82 27.52 53.97
CA LEU B 149 22.53 26.47 52.99
C LEU B 149 23.63 25.40 52.96
N ILE B 150 24.83 25.83 52.59
CA ILE B 150 25.98 24.93 52.52
C ILE B 150 26.74 24.84 53.84
N SER B 151 26.00 24.88 54.94
CA SER B 151 26.59 24.82 56.28
C SER B 151 26.73 23.37 56.76
N PRO B 152 27.75 23.10 57.59
CA PRO B 152 27.94 21.81 58.25
C PRO B 152 26.89 21.59 59.35
N PRO B 153 26.68 20.33 59.75
CA PRO B 153 25.62 19.97 60.72
C PRO B 153 25.82 20.63 62.09
N SER B 154 27.07 20.75 62.53
CA SER B 154 27.39 21.39 63.80
C SER B 154 27.10 22.88 63.76
N GLU B 155 27.53 23.54 62.70
CA GLU B 155 27.31 24.97 62.54
C GLU B 155 25.83 25.25 62.29
N ILE B 156 25.13 24.25 61.78
CA ILE B 156 23.69 24.37 61.52
C ILE B 156 22.89 24.32 62.82
N THR B 157 23.17 23.32 63.66
CA THR B 157 22.47 23.20 64.94
C THR B 157 22.72 24.45 65.77
N GLU B 158 23.86 25.08 65.55
CA GLU B 158 24.21 26.34 66.21
C GLU B 158 23.29 27.46 65.74
N ILE B 159 23.17 27.60 64.42
CA ILE B 159 22.31 28.62 63.84
C ILE B 159 20.90 28.51 64.40
N ILE B 160 20.40 27.28 64.48
CA ILE B 160 19.06 27.04 64.99
C ILE B 160 18.99 27.38 66.47
N SER B 161 20.11 27.24 67.16
CA SER B 161 20.18 27.53 68.58
C SER B 161 20.02 29.03 68.85
N ASP B 162 20.87 29.83 68.23
CA ASP B 162 20.85 31.28 68.46
C ASP B 162 19.87 32.05 67.57
N VAL B 163 18.69 31.45 67.34
CA VAL B 163 17.62 32.13 66.63
C VAL B 163 16.31 31.98 67.38
N PHE B 164 16.17 30.85 68.08
CA PHE B 164 15.00 30.61 68.92
C PHE B 164 15.24 31.07 70.35
N GLN B 165 16.52 31.30 70.69
CA GLN B 165 16.88 31.73 72.04
C GLN B 165 18.26 32.36 72.12
N SER B 166 18.37 33.39 72.96
CA SER B 166 19.63 34.09 73.17
C SER B 166 20.67 33.19 73.83
N LYS B 167 21.88 33.18 73.27
CA LYS B 167 22.97 32.40 73.82
C LYS B 167 23.30 32.88 75.22
N GLU B 168 23.23 34.20 75.43
CA GLU B 168 23.53 34.79 76.73
C GLU B 168 22.63 34.24 77.82
N THR B 169 21.32 34.21 77.54
CA THR B 169 20.36 33.73 78.53
C THR B 169 20.66 32.29 78.94
N LEU B 170 21.07 31.48 77.97
CA LEU B 170 21.41 30.09 78.24
C LEU B 170 22.62 29.99 79.16
N GLU B 171 23.65 30.79 78.89
CA GLU B 171 24.85 30.80 79.70
C GLU B 171 24.54 31.25 81.13
N LYS B 172 23.66 32.25 81.25
CA LYS B 172 23.31 32.79 82.55
C LYS B 172 22.51 31.79 83.38
N LEU B 173 21.57 31.10 82.73
CA LEU B 173 20.84 30.02 83.39
C LEU B 173 21.84 28.96 83.82
N GLU B 174 22.83 28.72 82.97
CA GLU B 174 23.90 27.79 83.24
C GLU B 174 24.53 28.12 84.59
N LYS B 175 25.16 29.30 84.66
CA LYS B 175 25.91 29.71 85.83
C LYS B 175 25.07 29.74 87.11
N LEU B 176 23.82 30.18 86.98
CA LEU B 176 22.93 30.27 88.13
C LEU B 176 22.63 28.88 88.68
N LEU B 177 22.40 27.93 87.78
CA LEU B 177 22.11 26.55 88.15
C LEU B 177 23.31 25.90 88.83
N LYS B 178 24.50 26.15 88.29
CA LYS B 178 25.73 25.64 88.85
C LYS B 178 26.00 26.24 90.23
N GLU B 179 25.60 27.49 90.41
CA GLU B 179 25.77 28.17 91.69
C GLU B 179 24.86 27.57 92.75
N LYS B 180 23.63 27.23 92.37
CA LYS B 180 22.69 26.63 93.30
C LYS B 180 23.19 25.27 93.78
N LYS B 182 26.36 24.30 93.89
CA LYS B 182 27.48 24.56 94.79
C LYS B 182 26.95 24.90 96.18
N LYS B 183 25.90 25.72 96.23
CA LYS B 183 25.28 26.08 97.50
C LYS B 183 24.77 24.84 98.24
N LEU B 184 24.06 23.98 97.52
CA LEU B 184 23.51 22.77 98.13
C LEU B 184 24.62 21.84 98.61
N GLU B 185 25.57 21.54 97.73
CA GLU B 185 26.66 20.62 98.06
C GLU B 185 27.41 21.09 99.29
N ASN B 186 27.62 22.40 99.39
CA ASN B 186 28.27 22.99 100.55
C ASN B 186 27.46 22.78 101.82
N GLU B 187 26.16 23.03 101.73
CA GLU B 187 25.26 22.84 102.85
C GLU B 187 24.55 21.49 102.76
N LYS B 202 15.55 15.64 107.91
CA LYS B 202 14.42 16.40 107.41
C LYS B 202 14.88 17.49 106.43
N LYS B 203 15.55 18.50 106.95
CA LYS B 203 16.07 19.58 106.12
C LYS B 203 17.17 19.07 105.20
N LEU B 204 18.02 18.20 105.73
CA LEU B 204 19.11 17.61 104.94
C LEU B 204 18.54 16.74 103.82
N LYS B 205 17.44 16.06 104.10
CA LYS B 205 16.78 15.22 103.10
C LYS B 205 16.14 16.08 102.00
N GLU B 206 15.55 17.21 102.41
CA GLU B 206 14.96 18.14 101.46
C GLU B 206 16.04 18.76 100.57
N SER B 208 18.92 17.26 99.76
CA SER B 208 19.39 16.21 98.86
C SER B 208 18.38 15.99 97.73
N ASP B 209 17.11 16.18 98.03
CA ASP B 209 16.04 16.03 97.04
C ASP B 209 16.09 17.18 96.05
N GLU B 210 16.36 18.38 96.55
CA GLU B 210 16.45 19.55 95.70
C GLU B 210 17.67 19.48 94.80
N TYR B 211 18.81 19.11 95.37
CA TYR B 211 20.06 18.99 94.62
C TYR B 211 19.91 18.05 93.43
N ASN B 212 19.50 16.82 93.72
CA ASN B 212 19.34 15.80 92.70
C ASN B 212 18.37 16.24 91.62
N ASN B 213 17.25 16.81 92.04
CA ASN B 213 16.21 17.25 91.10
C ASN B 213 16.62 18.47 90.28
N LEU B 214 17.26 19.45 90.92
CA LEU B 214 17.72 20.64 90.21
C LEU B 214 18.90 20.28 89.31
N ASP B 215 19.76 19.40 89.80
CA ASP B 215 20.94 18.97 89.05
C ASP B 215 20.54 18.11 87.86
N LEU B 216 19.50 17.30 88.02
CA LEU B 216 19.04 16.48 86.90
C LEU B 216 18.47 17.36 85.79
N LEU B 217 17.56 18.27 86.14
CA LEU B 217 17.00 19.17 85.13
C LEU B 217 18.13 19.87 84.42
N ARG B 218 19.05 20.41 85.21
CA ARG B 218 20.26 21.01 84.68
C ARG B 218 20.79 20.13 83.56
N LYS B 219 21.10 18.89 83.89
CA LYS B 219 21.72 17.98 82.93
C LYS B 219 20.85 17.78 81.69
N TYR B 220 19.54 17.79 81.86
CA TYR B 220 18.62 17.62 80.72
C TYR B 220 18.69 18.81 79.77
N LEU B 221 18.78 20.01 80.33
CA LEU B 221 18.96 21.22 79.54
C LEU B 221 20.33 21.22 78.89
N PHE B 222 21.35 20.93 79.69
CA PHE B 222 22.75 21.04 79.25
C PHE B 222 23.11 20.07 78.13
N ASP B 223 22.74 18.81 78.29
CA ASP B 223 23.12 17.79 77.33
C ASP B 223 22.66 18.11 75.90
N LYS B 224 23.61 18.58 75.08
CA LYS B 224 23.35 18.79 73.66
C LYS B 224 22.94 17.45 73.08
N SER B 225 23.27 16.39 73.81
CA SER B 225 22.96 15.03 73.41
C SER B 225 21.46 14.79 73.33
N ASN B 226 20.71 15.44 74.21
CA ASN B 226 19.29 15.10 74.36
C ASN B 226 18.28 16.16 73.88
N PHE B 227 18.04 17.20 74.67
CA PHE B 227 17.07 18.22 74.27
C PHE B 227 17.56 19.06 73.10
N SER B 228 18.77 19.58 73.22
CA SER B 228 19.35 20.40 72.17
C SER B 228 19.23 19.65 70.85
N ARG B 229 19.37 18.34 70.91
CA ARG B 229 19.23 17.48 69.74
C ARG B 229 17.79 17.45 69.23
N TYR B 230 16.84 17.29 70.14
CA TYR B 230 15.44 17.24 69.74
C TYR B 230 15.02 18.58 69.14
N PHE B 231 15.46 19.67 69.75
CA PHE B 231 15.19 21.00 69.23
C PHE B 231 15.67 21.10 67.78
N THR B 232 16.88 20.59 67.54
CA THR B 232 17.42 20.56 66.19
C THR B 232 16.50 19.77 65.28
N GLY B 233 15.85 18.76 65.86
CA GLY B 233 14.89 17.95 65.12
C GLY B 233 13.71 18.80 64.70
N ARG B 234 13.24 19.66 65.60
CA ARG B 234 12.15 20.57 65.29
C ARG B 234 12.49 21.34 64.02
N VAL B 235 13.75 21.75 63.91
CA VAL B 235 14.22 22.44 62.71
C VAL B 235 14.15 21.54 61.47
N LEU B 236 14.55 20.28 61.64
CA LEU B 236 14.50 19.35 60.52
C LEU B 236 13.04 19.10 60.12
N GLU B 237 12.26 18.55 61.04
CA GLU B 237 10.90 18.14 60.73
C GLU B 237 10.04 19.26 60.16
N ALA B 238 10.19 20.47 60.69
CA ALA B 238 9.29 21.56 60.34
C ALA B 238 9.80 22.52 59.27
N VAL B 239 11.07 22.90 59.35
CA VAL B 239 11.66 23.84 58.39
C VAL B 239 11.74 23.20 56.99
N LEU B 240 12.20 21.96 56.93
CA LEU B 240 12.25 21.22 55.67
C LEU B 240 10.83 21.04 55.16
N LYS B 241 9.97 20.58 56.05
CA LYS B 241 8.55 20.42 55.72
C LYS B 241 8.06 21.63 54.94
N ARG B 242 8.35 22.82 55.45
CA ARG B 242 7.92 24.06 54.81
C ARG B 242 8.82 24.49 53.66
N THR B 243 10.10 24.12 53.75
CA THR B 243 11.04 24.44 52.69
C THR B 243 10.65 23.73 51.40
N LYS B 244 10.19 22.50 51.52
CA LYS B 244 9.75 21.72 50.37
C LYS B 244 8.63 22.44 49.62
N ALA B 245 7.66 22.96 50.36
CA ALA B 245 6.53 23.65 49.77
C ALA B 245 6.97 24.89 48.99
N TYR B 246 7.94 25.62 49.55
CA TYR B 246 8.47 26.82 48.91
C TYR B 246 9.19 26.47 47.62
N LEU B 247 9.97 25.39 47.67
CA LEU B 247 10.71 24.94 46.50
C LEU B 247 9.78 24.37 45.44
N ASP B 248 8.52 24.19 45.80
CA ASP B 248 7.55 23.65 44.85
C ASP B 248 6.80 24.78 44.15
N ILE B 249 6.38 25.78 44.92
CA ILE B 249 5.64 26.89 44.36
C ILE B 249 6.55 27.80 43.54
N LEU B 250 7.85 27.71 43.78
CA LEU B 250 8.79 28.60 43.12
C LEU B 250 9.59 27.89 42.02
N THR B 251 9.71 26.57 42.14
CA THR B 251 10.54 25.80 41.22
C THR B 251 9.71 24.80 40.40
N ASN B 252 8.40 24.82 40.61
CA ASN B 252 7.49 23.89 39.92
C ASN B 252 7.84 22.44 40.22
N GLY B 253 8.14 22.14 41.48
CA GLY B 253 8.40 20.77 41.91
C GLY B 253 9.75 20.24 41.47
N ARG B 254 10.60 21.13 40.97
CA ARG B 254 11.92 20.71 40.50
C ARG B 254 12.87 20.37 41.65
N PHE B 255 13.07 21.30 42.58
CA PHE B 255 14.03 21.08 43.65
C PHE B 255 13.42 20.72 45.02
N ASP B 256 13.90 19.62 45.59
CA ASP B 256 13.48 19.14 46.89
C ASP B 256 14.68 19.07 47.85
N ILE B 257 14.53 19.60 49.05
CA ILE B 257 15.65 19.65 50.00
C ILE B 257 15.42 18.85 51.29
N ASP B 258 16.41 18.02 51.64
CA ASP B 258 16.41 17.24 52.87
C ASP B 258 17.79 17.36 53.51
N PHE B 259 17.88 17.18 54.83
CA PHE B 259 19.18 17.34 55.49
C PHE B 259 19.70 16.10 56.22
N ASP B 260 20.94 15.73 55.91
CA ASP B 260 21.60 14.59 56.55
C ASP B 260 22.86 15.09 57.26
N ASP B 261 22.96 14.80 58.56
CA ASP B 261 24.11 15.25 59.35
C ASP B 261 25.49 14.68 58.97
N GLU B 262 25.55 13.37 58.70
CA GLU B 262 26.83 12.74 58.38
C GLU B 262 27.51 13.23 57.10
N LYS B 263 26.72 13.37 56.05
CA LYS B 263 27.24 13.83 54.76
C LYS B 263 27.76 15.26 54.86
N GLY B 264 27.04 16.11 55.58
CA GLY B 264 27.44 17.49 55.75
C GLY B 264 26.59 18.44 54.93
N GLY B 265 25.98 19.41 55.60
CA GLY B 265 25.14 20.38 54.92
C GLY B 265 23.71 19.91 54.76
N PHE B 266 23.00 20.46 53.79
CA PHE B 266 21.62 20.06 53.59
C PHE B 266 21.58 19.25 52.31
N ILE B 267 21.06 18.03 52.40
CA ILE B 267 21.02 17.23 51.20
C ILE B 267 20.11 17.99 50.26
N ILE B 268 20.53 18.10 49.01
CA ILE B 268 19.74 18.80 48.02
C ILE B 268 19.50 17.86 46.87
N LYS B 269 18.24 17.70 46.50
CA LYS B 269 17.93 16.82 45.37
C LYS B 269 17.27 17.57 44.22
N ASP B 270 17.74 17.31 43.00
CA ASP B 270 17.14 17.87 41.80
C ASP B 270 16.52 16.76 40.97
N TRP B 271 15.19 16.72 40.95
CA TRP B 271 14.46 15.66 40.26
C TRP B 271 14.75 14.30 40.88
N GLY B 272 14.63 14.22 42.20
CA GLY B 272 14.87 12.99 42.91
C GLY B 272 16.34 12.62 42.99
N ILE B 273 17.18 13.39 42.31
CA ILE B 273 18.62 13.12 42.28
C ILE B 273 19.40 14.16 43.06
N GLU B 274 20.05 13.73 44.15
CA GLU B 274 20.84 14.65 44.96
C GLU B 274 21.96 15.28 44.14
N ARG B 275 22.46 16.41 44.62
CA ARG B 275 23.43 17.19 43.87
C ARG B 275 24.09 18.20 44.80
N PRO B 276 25.39 18.45 44.60
CA PRO B 276 26.08 19.45 45.42
C PRO B 276 25.49 20.84 45.20
N ALA B 277 25.25 21.56 46.28
CA ALA B 277 24.65 22.89 46.20
C ALA B 277 25.54 23.87 45.44
N ARG B 278 26.85 23.62 45.48
CA ARG B 278 27.79 24.43 44.72
C ARG B 278 27.58 24.27 43.22
N GLY B 279 26.98 23.14 42.82
CA GLY B 279 26.74 22.85 41.42
C GLY B 279 25.64 23.69 40.83
N LEU B 280 24.69 24.10 41.67
CA LEU B 280 23.56 24.90 41.24
C LEU B 280 24.01 26.27 40.73
N SER B 281 23.21 26.87 39.86
CA SER B 281 23.48 28.23 39.41
C SER B 281 23.18 29.20 40.54
N GLY B 282 23.63 30.45 40.41
CA GLY B 282 23.41 31.42 41.45
C GLY B 282 21.95 31.58 41.81
N GLY B 283 21.10 31.68 40.78
CA GLY B 283 19.68 31.92 40.96
C GLY B 283 18.99 30.75 41.65
N GLU B 284 19.59 29.58 41.53
CA GLU B 284 19.07 28.40 42.21
C GLU B 284 19.54 28.40 43.65
N ARG B 285 20.81 28.73 43.87
CA ARG B 285 21.32 28.84 45.23
C ARG B 285 20.46 29.85 45.99
N ALA B 286 20.12 30.93 45.29
CA ALA B 286 19.32 32.00 45.89
C ALA B 286 17.92 31.53 46.28
N LEU B 287 17.17 31.02 45.29
CA LEU B 287 15.80 30.58 45.52
C LEU B 287 15.72 29.50 46.60
N ILE B 288 16.59 28.51 46.50
CA ILE B 288 16.58 27.41 47.45
C ILE B 288 16.97 27.90 48.84
N SER B 289 18.00 28.73 48.90
CA SER B 289 18.51 29.23 50.18
C SER B 289 17.49 30.12 50.87
N ILE B 290 16.98 31.10 50.13
CA ILE B 290 15.95 32.01 50.64
C ILE B 290 14.73 31.23 51.12
N SER B 291 14.36 30.19 50.39
CA SER B 291 13.19 29.39 50.76
C SER B 291 13.38 28.72 52.11
N LEU B 292 14.54 28.09 52.30
CA LEU B 292 14.87 27.45 53.56
C LEU B 292 14.89 28.51 54.65
N ALA B 293 15.40 29.68 54.31
CA ALA B 293 15.53 30.78 55.26
C ALA B 293 14.17 31.28 55.75
N SER B 295 11.53 29.54 55.71
CA SER B 295 10.98 28.40 56.42
C SER B 295 11.43 28.39 57.88
N LEU B 296 12.70 28.67 58.11
CA LEU B 296 13.22 28.73 59.47
C LEU B 296 12.63 29.93 60.19
N ALA B 297 12.64 31.08 59.51
CA ALA B 297 12.12 32.32 60.07
C ALA B 297 10.65 32.18 60.49
N GLU B 298 9.90 31.41 59.71
CA GLU B 298 8.47 31.27 59.95
C GLU B 298 8.14 30.18 60.98
N VAL B 299 8.96 29.13 61.02
CA VAL B 299 8.78 28.08 62.02
C VAL B 299 9.13 28.60 63.41
N ALA B 300 9.82 29.74 63.45
CA ALA B 300 10.23 30.37 64.70
C ALA B 300 9.33 31.53 65.10
N SER B 301 8.75 32.19 64.10
CA SER B 301 7.99 33.40 64.33
C SER B 301 6.63 33.38 63.64
N GLY B 302 6.16 32.18 63.32
CA GLY B 302 4.89 32.01 62.61
C GLY B 302 4.98 32.54 61.19
N ARG B 303 3.85 32.54 60.49
CA ARG B 303 3.82 33.03 59.12
C ARG B 303 4.26 34.49 59.05
N LEU B 304 5.05 34.82 58.03
CA LEU B 304 5.48 36.19 57.83
C LEU B 304 5.01 36.70 56.48
N ASP B 305 4.56 37.95 56.43
CA ASP B 305 4.04 38.53 55.20
C ASP B 305 4.98 39.55 54.59
N ALA B 306 6.25 39.48 54.98
CA ALA B 306 7.24 40.44 54.49
C ALA B 306 8.67 39.97 54.79
N PHE B 307 9.61 40.41 53.96
CA PHE B 307 11.00 40.03 54.13
C PHE B 307 11.95 41.08 53.58
N PHE B 308 13.05 41.29 54.30
CA PHE B 308 14.09 42.19 53.84
C PHE B 308 15.37 41.41 53.57
N ILE B 309 15.82 41.49 52.32
CA ILE B 309 17.04 40.81 51.92
C ILE B 309 17.94 41.84 51.25
N ASP B 310 19.20 41.92 51.68
CA ASP B 310 20.17 42.81 51.05
C ASP B 310 21.21 42.03 50.25
N GLU B 311 21.60 42.58 49.10
CA GLU B 311 22.56 41.93 48.22
C GLU B 311 23.91 41.73 48.91
N GLY B 312 24.50 40.55 48.72
CA GLY B 312 25.76 40.20 49.34
C GLY B 312 26.99 40.58 48.53
N PHE B 313 26.81 40.77 47.23
CA PHE B 313 27.89 41.14 46.32
C PHE B 313 29.20 40.36 46.50
N SER B 314 29.11 39.03 46.51
CA SER B 314 30.31 38.20 46.47
C SER B 314 31.07 38.52 45.21
N SER B 315 32.39 38.72 45.34
CA SER B 315 33.22 39.22 44.24
C SER B 315 32.98 38.52 42.90
N LEU B 316 32.80 37.21 42.93
CA LEU B 316 32.64 36.42 41.71
C LEU B 316 31.18 36.28 41.30
N ASP B 317 30.31 37.09 41.90
CA ASP B 317 28.88 36.93 41.75
C ASP B 317 28.23 37.96 40.83
N THR B 318 29.05 38.69 40.06
CA THR B 318 28.56 39.81 39.27
C THR B 318 27.73 39.45 38.03
N GLU B 319 28.25 38.58 37.18
CA GLU B 319 27.51 38.16 36.00
C GLU B 319 26.20 37.58 36.48
N ASN B 320 26.29 36.83 37.57
CA ASN B 320 25.14 36.26 38.23
C ASN B 320 24.16 37.32 38.73
N LYS B 321 24.67 38.48 39.14
CA LYS B 321 23.81 39.53 39.69
C LYS B 321 22.60 39.76 38.78
N GLU B 322 22.84 39.76 37.47
CA GLU B 322 21.78 39.99 36.51
C GLU B 322 20.93 38.73 36.32
N LYS B 323 21.58 37.57 36.37
CA LYS B 323 20.89 36.30 36.24
C LYS B 323 20.11 35.95 37.52
N ILE B 324 20.72 36.21 38.67
CA ILE B 324 20.10 35.92 39.95
C ILE B 324 18.80 36.73 40.10
N ALA B 325 18.85 37.96 39.59
CA ALA B 325 17.70 38.85 39.64
C ALA B 325 16.51 38.25 38.91
N SER B 326 16.78 37.60 37.78
CA SER B 326 15.73 37.00 36.98
C SER B 326 15.14 35.77 37.67
N VAL B 327 16.00 34.96 38.28
CA VAL B 327 15.56 33.71 38.90
C VAL B 327 14.87 33.93 40.25
N LEU B 328 15.24 35.01 40.92
CA LEU B 328 14.63 35.34 42.22
C LEU B 328 13.26 35.99 42.07
N LYS B 329 12.97 36.49 40.87
CA LYS B 329 11.70 37.12 40.57
C LYS B 329 10.51 36.20 40.85
N GLU B 330 10.79 34.90 40.94
CA GLU B 330 9.76 33.92 41.25
C GLU B 330 9.16 34.14 42.63
N LEU B 331 9.93 34.80 43.50
CA LEU B 331 9.47 35.05 44.87
C LEU B 331 8.20 35.87 44.91
N GLU B 332 7.94 36.60 43.82
CA GLU B 332 6.75 37.42 43.70
C GLU B 332 5.48 36.59 43.74
N ARG B 333 5.61 35.32 43.36
CA ARG B 333 4.48 34.40 43.33
C ARG B 333 3.95 34.08 44.71
N LEU B 334 4.78 34.29 45.73
CA LEU B 334 4.39 34.05 47.12
C LEU B 334 3.46 35.15 47.65
N ASN B 335 3.41 36.27 46.92
CA ASN B 335 2.56 37.40 47.29
C ASN B 335 3.00 38.14 48.56
N LYS B 336 3.99 37.59 49.26
CA LYS B 336 4.56 38.28 50.43
C LYS B 336 5.18 39.60 50.02
N VAL B 337 5.23 40.55 50.94
CA VAL B 337 5.90 41.82 50.72
C VAL B 337 7.41 41.63 50.84
N ILE B 338 8.05 41.31 49.73
CA ILE B 338 9.48 41.04 49.71
C ILE B 338 10.26 42.20 49.10
N VAL B 339 11.07 42.86 49.91
CA VAL B 339 11.89 43.98 49.44
C VAL B 339 13.38 43.64 49.50
N PHE B 340 14.08 43.96 48.42
CA PHE B 340 15.52 43.74 48.34
C PHE B 340 16.28 45.03 48.62
N ILE B 341 17.31 44.93 49.45
CA ILE B 341 18.16 46.06 49.77
C ILE B 341 19.50 45.90 49.07
N THR B 342 19.48 46.05 47.75
CA THR B 342 20.67 45.86 46.93
C THR B 342 21.55 47.11 46.91
N HIS B 343 22.84 46.90 46.72
CA HIS B 343 23.81 47.99 46.67
C HIS B 343 24.28 48.27 45.26
N ASP B 344 24.28 47.24 44.41
CA ASP B 344 24.73 47.38 43.02
C ASP B 344 23.57 47.62 42.05
N ARG B 345 23.84 48.41 41.01
CA ARG B 345 22.81 48.81 40.04
C ARG B 345 22.30 47.65 39.20
N GLU B 346 23.18 46.71 38.87
CA GLU B 346 22.84 45.59 38.00
C GLU B 346 21.73 44.73 38.58
N PHE B 347 21.79 44.51 39.89
CA PHE B 347 20.74 43.78 40.57
C PHE B 347 19.48 44.64 40.62
N SER B 348 19.66 45.93 40.90
CA SER B 348 18.54 46.84 41.07
C SER B 348 17.71 47.02 39.79
N GLU B 349 18.34 46.91 38.63
CA GLU B 349 17.68 47.24 37.38
C GLU B 349 16.50 46.33 36.99
N ALA B 350 16.69 45.01 37.05
CA ALA B 350 15.73 44.06 36.49
C ALA B 350 14.53 43.74 37.40
N PHE B 351 14.10 44.72 38.18
CA PHE B 351 12.93 44.59 39.03
C PHE B 351 11.98 45.74 38.79
N ASP B 352 10.93 45.48 38.00
CA ASP B 352 9.99 46.54 37.60
C ASP B 352 9.83 47.61 38.67
N ARG B 353 9.63 47.17 39.91
CA ARG B 353 9.37 48.11 41.01
C ARG B 353 10.65 48.54 41.72
N LYS B 354 11.12 49.72 41.40
CA LYS B 354 12.36 50.23 41.98
C LYS B 354 12.14 51.41 42.92
N LEU B 355 13.10 51.62 43.81
CA LEU B 355 13.03 52.72 44.77
C LEU B 355 14.44 53.18 45.09
N ARG B 356 14.85 54.29 44.49
CA ARG B 356 16.18 54.83 44.71
C ARG B 356 16.20 55.90 45.80
N ILE B 357 17.15 55.78 46.72
CA ILE B 357 17.30 56.75 47.81
C ILE B 357 18.68 57.40 47.76
N THR B 358 18.75 58.60 47.20
CA THR B 358 20.01 59.32 47.06
C THR B 358 20.12 60.47 48.07
N GLY B 359 21.24 60.53 48.77
CA GLY B 359 21.50 61.61 49.71
C GLY B 359 20.45 61.73 50.80
N GLY B 360 19.92 60.60 51.24
CA GLY B 360 18.94 60.57 52.30
C GLY B 360 17.50 60.70 51.81
N VAL B 361 17.31 61.45 50.73
CA VAL B 361 15.98 61.59 50.13
C VAL B 361 15.76 60.58 49.01
N VAL B 362 14.50 60.41 48.61
CA VAL B 362 14.15 59.49 47.52
C VAL B 362 13.93 60.24 46.20
N VAL B 363 14.65 59.81 45.16
CA VAL B 363 14.55 60.43 43.85
C VAL B 363 13.95 59.47 42.83
N LYS C 2 -9.96 -37.68 -6.85
CA LYS C 2 -10.22 -36.76 -7.96
C LYS C 2 -9.80 -35.33 -7.61
N ILE C 3 -9.11 -34.68 -8.52
CA ILE C 3 -8.63 -33.33 -8.27
C ILE C 3 -9.04 -32.36 -9.35
N LEU C 4 -9.56 -31.22 -8.94
CA LEU C 4 -9.93 -30.19 -9.89
C LEU C 4 -8.87 -29.14 -9.68
N HIS C 5 -8.16 -28.80 -10.75
CA HIS C 5 -7.11 -27.79 -10.68
C HIS C 5 -7.42 -26.60 -11.59
N THR C 6 -7.31 -25.40 -11.05
CA THR C 6 -7.58 -24.18 -11.80
C THR C 6 -6.39 -23.22 -11.73
N SER C 7 -5.94 -22.75 -12.89
CA SER C 7 -4.83 -21.82 -12.96
C SER C 7 -5.24 -20.42 -12.54
N ASP C 8 -4.46 -19.42 -12.92
CA ASP C 8 -4.65 -18.01 -12.55
C ASP C 8 -6.00 -17.44 -13.02
N TRP C 9 -6.53 -16.54 -12.21
CA TRP C 9 -7.90 -16.08 -12.41
C TRP C 9 -7.93 -14.63 -12.87
N HIS C 10 -7.11 -13.79 -12.26
CA HIS C 10 -7.05 -12.38 -12.61
C HIS C 10 -8.37 -11.67 -12.32
N LEU C 11 -8.87 -11.87 -11.10
CA LEU C 11 -10.13 -11.25 -10.69
C LEU C 11 -10.04 -9.73 -10.76
N GLY C 12 -11.17 -9.09 -11.07
CA GLY C 12 -11.22 -7.64 -11.16
C GLY C 12 -10.22 -7.08 -12.15
N VAL C 13 -9.97 -7.83 -13.22
CA VAL C 13 -9.02 -7.41 -14.25
C VAL C 13 -9.72 -6.65 -15.37
N THR C 14 -9.31 -5.41 -15.58
CA THR C 14 -9.89 -4.58 -16.62
C THR C 14 -9.03 -4.71 -17.87
N SER C 15 -9.64 -5.19 -18.95
CA SER C 15 -8.90 -5.42 -20.18
C SER C 15 -8.88 -4.19 -21.10
N TRP C 16 -7.78 -4.02 -21.83
CA TRP C 16 -7.68 -2.97 -22.83
C TRP C 16 -8.06 -1.61 -22.26
N THR C 17 -7.34 -1.17 -21.22
CA THR C 17 -7.60 0.11 -20.59
C THR C 17 -7.08 1.26 -21.43
N SER C 18 -6.16 0.95 -22.34
CA SER C 18 -5.54 1.97 -23.18
C SER C 18 -6.44 2.37 -24.35
N SER C 19 -7.31 1.45 -24.77
CA SER C 19 -8.16 1.69 -25.92
C SER C 19 -9.63 1.80 -25.53
N ARG C 20 -10.19 0.72 -25.01
CA ARG C 20 -11.56 0.71 -24.52
C ARG C 20 -11.68 -0.23 -23.33
N PRO C 21 -11.75 0.34 -22.13
CA PRO C 21 -11.81 -0.45 -20.89
C PRO C 21 -13.01 -1.39 -20.86
N VAL C 22 -12.77 -2.65 -20.54
CA VAL C 22 -13.83 -3.64 -20.42
C VAL C 22 -13.73 -4.37 -19.09
N ASP C 23 -14.81 -4.35 -18.32
CA ASP C 23 -14.83 -5.00 -17.03
C ASP C 23 -15.10 -6.49 -17.19
N ARG C 24 -14.04 -7.28 -17.15
CA ARG C 24 -14.16 -8.71 -17.41
C ARG C 24 -14.87 -9.44 -16.28
N ARG C 25 -15.06 -8.76 -15.15
CA ARG C 25 -15.58 -9.41 -13.95
C ARG C 25 -16.79 -10.27 -14.20
N GLU C 26 -17.78 -9.73 -14.91
CA GLU C 26 -18.98 -10.48 -15.23
C GLU C 26 -18.64 -11.82 -15.90
N GLU C 27 -17.91 -11.73 -17.01
CA GLU C 27 -17.51 -12.92 -17.75
C GLU C 27 -16.70 -13.85 -16.86
N LEU C 28 -15.76 -13.29 -16.09
CA LEU C 28 -14.88 -14.07 -15.25
C LEU C 28 -15.66 -14.84 -14.20
N LYS C 29 -16.75 -14.25 -13.72
CA LYS C 29 -17.58 -14.94 -12.73
C LYS C 29 -18.29 -16.11 -13.39
N LYS C 30 -18.80 -15.88 -14.60
CA LYS C 30 -19.56 -16.90 -15.30
C LYS C 30 -18.70 -18.14 -15.56
N ALA C 31 -17.43 -17.93 -15.91
CA ALA C 31 -16.51 -19.03 -16.14
C ALA C 31 -16.19 -19.76 -14.84
N LEU C 32 -15.87 -19.00 -13.80
CA LEU C 32 -15.62 -19.60 -12.49
C LEU C 32 -16.82 -20.44 -12.08
N ASP C 33 -18.01 -19.89 -12.27
CA ASP C 33 -19.26 -20.59 -11.97
C ASP C 33 -19.29 -21.95 -12.64
N LYS C 34 -19.07 -21.95 -13.95
CA LYS C 34 -19.12 -23.18 -14.74
C LYS C 34 -18.08 -24.16 -14.23
N VAL C 35 -16.91 -23.65 -13.86
CA VAL C 35 -15.83 -24.49 -13.36
C VAL C 35 -16.20 -25.11 -12.02
N VAL C 36 -16.67 -24.29 -11.10
CA VAL C 36 -17.03 -24.78 -9.78
C VAL C 36 -18.15 -25.79 -9.90
N GLU C 37 -19.11 -25.50 -10.75
CA GLU C 37 -20.25 -26.39 -10.94
C GLU C 37 -19.79 -27.75 -11.43
N GLU C 38 -18.77 -27.76 -12.29
CA GLU C 38 -18.23 -29.01 -12.79
C GLU C 38 -17.47 -29.76 -11.71
N ALA C 39 -16.88 -29.02 -10.78
CA ALA C 39 -16.12 -29.62 -9.70
C ALA C 39 -17.06 -30.34 -8.74
N GLU C 40 -18.25 -29.77 -8.53
CA GLU C 40 -19.24 -30.34 -7.64
C GLU C 40 -19.90 -31.56 -8.26
N LYS C 41 -20.34 -31.40 -9.51
CA LYS C 41 -20.98 -32.48 -10.26
C LYS C 41 -20.03 -33.67 -10.40
N ARG C 42 -18.73 -33.40 -10.31
CA ARG C 42 -17.72 -34.44 -10.46
C ARG C 42 -17.23 -34.94 -9.11
N GLU C 43 -17.71 -34.31 -8.04
CA GLU C 43 -17.41 -34.75 -6.68
C GLU C 43 -15.93 -34.91 -6.43
N VAL C 44 -15.13 -33.95 -6.90
CA VAL C 44 -13.69 -33.99 -6.69
C VAL C 44 -13.34 -34.14 -5.22
N ASP C 45 -12.10 -34.54 -4.95
CA ASP C 45 -11.64 -34.77 -3.58
C ASP C 45 -10.74 -33.65 -3.10
N LEU C 46 -10.01 -33.05 -4.02
CA LEU C 46 -9.07 -32.00 -3.68
C LEU C 46 -9.13 -30.89 -4.71
N ILE C 47 -8.99 -29.65 -4.27
CA ILE C 47 -9.00 -28.52 -5.19
C ILE C 47 -7.73 -27.71 -5.03
N LEU C 48 -7.06 -27.46 -6.15
CA LEU C 48 -5.79 -26.75 -6.16
C LEU C 48 -5.92 -25.37 -6.78
N LEU C 49 -5.33 -24.37 -6.13
CA LEU C 49 -5.32 -23.03 -6.69
C LEU C 49 -3.88 -22.54 -6.79
N THR C 50 -3.50 -22.06 -7.97
CA THR C 50 -2.15 -21.56 -8.20
C THR C 50 -2.17 -20.36 -9.14
N GLY C 51 -1.00 -19.75 -9.32
CA GLY C 51 -0.84 -18.62 -10.20
C GLY C 51 -1.48 -17.36 -9.65
N ASP C 52 -1.76 -16.41 -10.53
CA ASP C 52 -2.32 -15.12 -10.12
C ASP C 52 -3.83 -15.18 -9.94
N LEU C 53 -4.27 -15.41 -8.72
CA LEU C 53 -5.70 -15.47 -8.42
C LEU C 53 -6.31 -14.08 -8.44
N LEU C 54 -5.55 -13.10 -7.98
CA LEU C 54 -5.97 -11.70 -8.09
C LEU C 54 -5.18 -11.02 -9.21
N HIS C 55 -5.84 -10.23 -10.03
CA HIS C 55 -5.15 -9.54 -11.11
C HIS C 55 -4.10 -8.58 -10.57
N SER C 56 -4.52 -7.63 -9.72
CA SER C 56 -3.62 -6.63 -9.17
C SER C 56 -2.89 -7.11 -7.91
N ARG C 57 -1.57 -7.28 -8.01
CA ARG C 57 -0.77 -7.79 -6.89
C ARG C 57 -0.26 -6.72 -5.91
N ASN C 58 -0.60 -5.45 -6.16
CA ASN C 58 -0.17 -4.38 -5.29
C ASN C 58 -1.34 -3.62 -4.67
N ASN C 59 -2.50 -3.72 -5.31
CA ASN C 59 -3.68 -2.99 -4.86
C ASN C 59 -4.96 -3.60 -5.40
N PRO C 60 -5.35 -4.75 -4.85
CA PRO C 60 -6.57 -5.46 -5.25
C PRO C 60 -7.78 -4.64 -4.84
N SER C 61 -8.75 -4.49 -5.73
CA SER C 61 -9.97 -3.76 -5.40
C SER C 61 -10.70 -4.52 -4.30
N VAL C 62 -11.59 -3.84 -3.60
CA VAL C 62 -12.36 -4.51 -2.55
C VAL C 62 -13.20 -5.61 -3.17
N VAL C 63 -13.86 -5.29 -4.28
CA VAL C 63 -14.71 -6.25 -4.96
C VAL C 63 -13.89 -7.47 -5.39
N ALA C 64 -12.70 -7.24 -5.91
CA ALA C 64 -11.84 -8.34 -6.35
C ALA C 64 -11.55 -9.27 -5.19
N LEU C 65 -11.27 -8.70 -4.03
CA LEU C 65 -11.04 -9.51 -2.83
C LEU C 65 -12.33 -10.23 -2.45
N HIS C 66 -13.44 -9.51 -2.54
CA HIS C 66 -14.73 -10.08 -2.20
C HIS C 66 -14.99 -11.31 -3.04
N ASP C 67 -14.78 -11.19 -4.33
CA ASP C 67 -14.96 -12.31 -5.26
C ASP C 67 -14.03 -13.47 -4.95
N LEU C 68 -12.76 -13.16 -4.66
CA LEU C 68 -11.79 -14.21 -4.38
C LEU C 68 -12.24 -15.05 -3.20
N LEU C 69 -12.55 -14.39 -2.08
CA LEU C 69 -12.98 -15.09 -0.88
C LEU C 69 -14.31 -15.78 -1.10
N ASP C 70 -15.17 -15.16 -1.89
CA ASP C 70 -16.45 -15.77 -2.25
C ASP C 70 -16.21 -17.14 -2.85
N TYR C 71 -15.39 -17.20 -3.89
CA TYR C 71 -15.14 -18.45 -4.60
C TYR C 71 -14.28 -19.43 -3.80
N LEU C 72 -13.46 -18.90 -2.90
CA LEU C 72 -12.74 -19.76 -1.98
C LEU C 72 -13.71 -20.55 -1.11
N LYS C 73 -14.80 -19.90 -0.70
CA LYS C 73 -15.82 -20.59 0.08
C LYS C 73 -16.55 -21.63 -0.77
N ARG C 74 -17.06 -21.19 -1.92
CA ARG C 74 -17.76 -22.10 -2.81
C ARG C 74 -16.88 -23.31 -3.10
N ARG C 77 -16.68 -25.67 -0.11
CA ARG C 77 -17.95 -26.35 0.08
C ARG C 77 -17.94 -27.71 -0.60
N THR C 78 -17.08 -27.87 -1.60
CA THR C 78 -17.04 -29.12 -2.36
C THR C 78 -15.91 -30.03 -1.91
N ALA C 79 -14.77 -29.46 -1.57
CA ALA C 79 -13.61 -30.23 -1.15
C ALA C 79 -12.52 -29.31 -0.60
N PRO C 80 -11.62 -29.87 0.22
CA PRO C 80 -10.50 -29.10 0.77
C PRO C 80 -9.70 -28.42 -0.34
N VAL C 81 -9.44 -27.13 -0.20
CA VAL C 81 -8.64 -26.42 -1.19
C VAL C 81 -7.27 -26.07 -0.66
N VAL C 82 -6.27 -26.15 -1.53
CA VAL C 82 -4.92 -25.75 -1.18
C VAL C 82 -4.49 -24.65 -2.13
N VAL C 83 -4.16 -23.50 -1.58
CA VAL C 83 -3.77 -22.37 -2.39
C VAL C 83 -2.27 -22.16 -2.31
N LEU C 84 -1.63 -22.07 -3.47
CA LEU C 84 -0.24 -21.66 -3.50
C LEU C 84 -0.16 -20.31 -4.17
N PRO C 85 -0.10 -19.23 -3.36
CA PRO C 85 -0.01 -17.88 -3.88
C PRO C 85 1.43 -17.57 -4.29
N GLY C 86 1.62 -17.09 -5.52
CA GLY C 86 2.92 -16.65 -5.98
C GLY C 86 3.28 -15.34 -5.33
N ASN C 87 4.58 -15.09 -5.19
CA ASN C 87 5.11 -13.89 -4.53
C ASN C 87 4.69 -12.59 -5.18
N HIS C 88 4.26 -12.65 -6.44
CA HIS C 88 3.82 -11.46 -7.16
C HIS C 88 2.58 -10.85 -6.50
N ASP C 89 1.72 -11.71 -5.98
CA ASP C 89 0.49 -11.29 -5.30
C ASP C 89 0.78 -10.49 -4.02
N TRP C 90 -0.14 -9.59 -3.70
CA TRP C 90 -0.02 -8.65 -2.58
C TRP C 90 0.12 -9.32 -1.22
N LYS C 91 0.92 -8.71 -0.36
CA LYS C 91 1.23 -9.29 0.95
C LYS C 91 0.10 -9.53 1.97
N GLY C 92 -0.84 -8.61 2.16
CA GLY C 92 -1.85 -8.95 3.14
C GLY C 92 -2.55 -10.26 2.80
N LEU C 93 -2.37 -10.74 1.58
CA LEU C 93 -2.99 -11.99 1.18
C LEU C 93 -2.19 -13.17 1.72
N LYS C 94 -0.94 -12.95 2.13
CA LYS C 94 -0.15 -14.03 2.69
C LYS C 94 -0.41 -14.20 4.19
N LEU C 95 -0.56 -13.08 4.89
CA LEU C 95 -0.79 -13.14 6.34
C LEU C 95 -2.19 -13.64 6.61
N PHE C 96 -3.13 -13.14 5.85
CA PHE C 96 -4.50 -13.61 5.89
C PHE C 96 -4.56 -15.11 5.70
N GLY C 97 -4.11 -15.55 4.52
CA GLY C 97 -4.17 -16.95 4.17
C GLY C 97 -3.57 -17.84 5.23
N ASN C 98 -2.46 -17.39 5.80
CA ASN C 98 -1.80 -18.15 6.86
C ASN C 98 -2.72 -18.35 8.06
N PHE C 99 -3.43 -17.29 8.44
CA PHE C 99 -4.32 -17.34 9.58
C PHE C 99 -5.45 -18.35 9.39
N VAL C 100 -6.07 -18.32 8.23
CA VAL C 100 -7.16 -19.23 7.91
C VAL C 100 -6.67 -20.68 7.87
N THR C 101 -5.47 -20.88 7.34
CA THR C 101 -4.87 -22.22 7.29
C THR C 101 -4.97 -22.87 8.64
N SER C 102 -4.59 -22.10 9.66
CA SER C 102 -4.48 -22.59 11.02
C SER C 102 -5.82 -22.90 11.69
N ILE C 103 -6.88 -22.21 11.26
CA ILE C 103 -8.18 -22.40 11.88
C ILE C 103 -9.07 -23.35 11.10
N SER C 104 -8.51 -24.00 10.07
CA SER C 104 -9.32 -24.85 9.19
C SER C 104 -8.58 -25.97 8.45
N SER C 105 -9.35 -26.98 8.08
CA SER C 105 -8.84 -28.14 7.37
C SER C 105 -9.30 -28.12 5.93
N ASP C 106 -10.33 -27.33 5.66
CA ASP C 106 -10.92 -27.25 4.32
C ASP C 106 -10.14 -26.31 3.42
N ILE C 107 -9.16 -25.63 3.99
CA ILE C 107 -8.33 -24.72 3.21
C ILE C 107 -6.94 -24.66 3.81
N THR C 108 -5.94 -24.49 2.94
CA THR C 108 -4.57 -24.45 3.37
C THR C 108 -3.71 -23.62 2.44
N PHE C 109 -3.26 -22.47 2.92
CA PHE C 109 -2.30 -21.65 2.18
C PHE C 109 -0.88 -22.11 2.44
N VAL C 110 -0.27 -22.69 1.41
CA VAL C 110 1.14 -23.04 1.45
C VAL C 110 1.95 -21.84 0.98
N SER C 112 5.65 -21.40 1.79
CA SER C 112 7.02 -21.63 2.20
C SER C 112 7.49 -22.92 1.54
N PHE C 113 8.79 -22.99 1.26
CA PHE C 113 9.35 -24.14 0.57
C PHE C 113 9.26 -25.41 1.42
N GLU C 114 8.73 -25.28 2.63
CA GLU C 114 8.60 -26.43 3.53
C GLU C 114 7.28 -27.16 3.29
N PRO C 115 7.36 -28.49 3.18
CA PRO C 115 6.22 -29.35 2.83
C PRO C 115 5.11 -29.33 3.87
N VAL C 116 3.87 -29.52 3.42
CA VAL C 116 2.72 -29.60 4.32
C VAL C 116 1.88 -30.82 3.99
N ASP C 117 1.32 -31.45 5.01
CA ASP C 117 0.54 -32.67 4.83
C ASP C 117 -0.96 -32.40 4.99
N VAL C 118 -1.64 -32.16 3.88
CA VAL C 118 -3.09 -31.99 3.91
C VAL C 118 -3.83 -33.33 3.87
N GLU C 119 -5.15 -33.26 3.92
CA GLU C 119 -5.98 -34.46 3.92
C GLU C 119 -7.22 -34.23 3.07
N ALA C 120 -7.45 -35.13 2.12
CA ALA C 120 -8.50 -34.95 1.12
C ALA C 120 -9.92 -35.19 1.64
N LYS C 121 -10.89 -34.91 0.77
CA LYS C 121 -12.30 -35.07 1.11
C LYS C 121 -12.60 -36.49 1.55
N ARG C 122 -12.14 -37.45 0.76
CA ARG C 122 -12.37 -38.86 1.06
C ARG C 122 -11.32 -39.43 2.03
N GLY C 123 -10.48 -38.57 2.56
CA GLY C 123 -9.51 -38.97 3.56
C GLY C 123 -8.12 -39.29 3.06
N GLN C 124 -7.91 -39.17 1.75
CA GLN C 124 -6.60 -39.44 1.15
C GLN C 124 -5.50 -38.55 1.76
N LYS C 125 -4.37 -39.16 2.09
CA LYS C 125 -3.25 -38.44 2.68
C LYS C 125 -2.34 -37.82 1.61
N VAL C 126 -2.59 -36.57 1.27
CA VAL C 126 -1.79 -35.88 0.27
C VAL C 126 -0.68 -35.04 0.89
N ARG C 127 0.54 -35.18 0.37
CA ARG C 127 1.65 -34.37 0.83
C ARG C 127 2.05 -33.35 -0.23
N ILE C 128 1.87 -32.07 0.09
CA ILE C 128 2.19 -30.98 -0.83
C ILE C 128 3.67 -30.61 -0.79
N LEU C 129 4.32 -30.67 -1.95
CA LEU C 129 5.69 -30.20 -2.10
C LEU C 129 5.68 -28.82 -2.74
N PRO C 130 5.75 -27.77 -1.91
CA PRO C 130 5.64 -26.38 -2.35
C PRO C 130 6.93 -25.81 -2.91
N PHE C 131 6.80 -24.85 -3.82
CA PHE C 131 7.96 -24.15 -4.37
C PHE C 131 7.51 -22.80 -4.89
N PRO C 132 7.19 -21.87 -3.96
CA PRO C 132 6.68 -20.54 -4.32
C PRO C 132 7.79 -19.62 -4.80
N TYR C 133 7.45 -18.36 -5.02
CA TYR C 133 8.44 -17.37 -5.41
C TYR C 133 9.27 -16.98 -4.19
N PRO C 134 10.59 -17.23 -4.23
CA PRO C 134 11.48 -16.92 -3.11
C PRO C 134 11.49 -15.43 -2.84
N ASP C 135 11.00 -15.06 -1.67
CA ASP C 135 10.79 -13.67 -1.31
C ASP C 135 12.06 -13.11 -0.71
N GLU C 136 11.96 -11.83 -0.32
CA GLU C 136 12.97 -11.09 0.43
C GLU C 136 14.36 -11.02 -0.21
N ASN C 143 24.95 -11.96 -8.12
CA ASN C 143 23.89 -12.47 -7.25
C ASN C 143 23.03 -13.51 -7.95
N GLU C 144 23.24 -13.64 -9.26
CA GLU C 144 22.46 -14.59 -10.05
C GLU C 144 22.96 -16.02 -9.92
N GLY C 145 24.26 -16.21 -9.68
CA GLY C 145 24.82 -17.55 -9.66
C GLY C 145 24.49 -18.26 -8.37
N ASP C 146 24.26 -17.47 -7.33
CA ASP C 146 23.92 -17.97 -6.02
C ASP C 146 22.42 -18.22 -5.94
N PHE C 147 21.65 -17.45 -6.70
CA PHE C 147 20.21 -17.61 -6.75
C PHE C 147 19.85 -18.95 -7.36
N ARG C 148 20.50 -19.30 -8.47
CA ARG C 148 20.28 -20.60 -9.10
C ARG C 148 20.70 -21.72 -8.17
N PHE C 149 21.79 -21.53 -7.45
CA PHE C 149 22.26 -22.53 -6.50
C PHE C 149 21.21 -22.72 -5.40
N PHE C 150 20.65 -21.60 -4.95
CA PHE C 150 19.62 -21.60 -3.93
C PHE C 150 18.38 -22.37 -4.38
N LEU C 151 17.96 -22.12 -5.62
CA LEU C 151 16.79 -22.79 -6.19
C LEU C 151 17.02 -24.30 -6.28
N GLU C 152 18.20 -24.67 -6.76
CA GLU C 152 18.54 -26.08 -6.96
C GLU C 152 18.54 -26.83 -5.63
N SER C 153 18.94 -26.13 -4.59
CA SER C 153 19.01 -26.71 -3.25
C SER C 153 17.62 -27.03 -2.70
N ARG C 154 16.67 -26.14 -2.94
CA ARG C 154 15.29 -26.34 -2.49
C ARG C 154 14.69 -27.59 -3.13
N LEU C 155 15.05 -27.83 -4.38
CA LEU C 155 14.55 -28.99 -5.11
C LEU C 155 15.08 -30.28 -4.49
N ASN C 156 16.36 -30.26 -4.15
CA ASN C 156 16.96 -31.40 -3.48
C ASN C 156 16.22 -31.65 -2.16
N LYS C 157 15.76 -30.56 -1.55
CA LYS C 157 15.02 -30.63 -0.29
C LYS C 157 13.62 -31.24 -0.51
N LEU C 158 12.93 -30.72 -1.53
CA LEU C 158 11.59 -31.21 -1.84
C LEU C 158 11.62 -32.68 -2.24
N TYR C 159 12.72 -33.10 -2.86
CA TYR C 159 12.86 -34.47 -3.28
C TYR C 159 12.89 -35.39 -2.06
N GLU C 160 13.82 -35.10 -1.16
CA GLU C 160 13.97 -35.91 0.04
C GLU C 160 12.66 -36.01 0.81
N GLU C 161 11.97 -34.88 0.92
CA GLU C 161 10.71 -34.83 1.66
C GLU C 161 9.55 -35.48 0.90
N ALA C 162 9.73 -35.65 -0.41
CA ALA C 162 8.70 -36.26 -1.24
C ALA C 162 8.69 -37.78 -1.07
N LEU C 163 9.90 -38.35 -0.91
CA LEU C 163 10.05 -39.79 -0.74
C LEU C 163 9.35 -40.27 0.53
N LYS C 164 9.31 -39.40 1.54
CA LYS C 164 8.71 -39.74 2.82
C LYS C 164 7.19 -39.55 2.81
N LYS C 165 6.57 -39.72 1.65
CA LYS C 165 5.13 -39.54 1.53
C LYS C 165 4.35 -40.72 2.09
N GLU C 166 3.04 -40.55 2.23
CA GLU C 166 2.17 -41.60 2.71
C GLU C 166 1.38 -42.22 1.56
N ASP C 167 0.42 -41.47 1.03
CA ASP C 167 -0.32 -41.90 -0.15
C ASP C 167 0.17 -41.18 -1.41
N PHE C 168 -0.31 -39.96 -1.61
CA PHE C 168 0.05 -39.18 -2.78
C PHE C 168 0.93 -38.01 -2.42
N ALA C 169 1.64 -37.49 -3.40
CA ALA C 169 2.52 -36.34 -3.21
C ALA C 169 2.42 -35.42 -4.41
N ILE C 170 1.79 -34.27 -4.21
CA ILE C 170 1.61 -33.31 -5.29
C ILE C 170 2.57 -32.13 -5.17
N PHE C 171 3.37 -31.93 -6.22
CA PHE C 171 4.26 -30.78 -6.29
C PHE C 171 3.50 -29.55 -6.76
N GLY C 173 4.14 -25.43 -7.86
CA GLY C 173 5.19 -24.48 -8.18
C GLY C 173 4.71 -23.24 -8.90
N HIS C 174 5.36 -22.13 -8.59
CA HIS C 174 5.04 -20.86 -9.19
C HIS C 174 6.28 -20.33 -9.91
N PHE C 175 6.42 -20.70 -11.17
CA PHE C 175 7.60 -20.32 -11.95
C PHE C 175 7.39 -20.55 -13.46
N THR C 176 8.43 -20.27 -14.23
CA THR C 176 8.37 -20.47 -15.67
C THR C 176 9.29 -21.61 -16.11
N VAL C 177 8.70 -22.71 -16.56
CA VAL C 177 9.48 -23.85 -17.04
C VAL C 177 10.37 -23.44 -18.21
N GLU C 178 11.66 -23.81 -18.12
CA GLU C 178 12.62 -23.47 -19.16
C GLU C 178 12.28 -24.15 -20.48
N ARG C 190 10.61 -9.74 -12.56
CA ARG C 190 11.59 -10.81 -12.76
C ARG C 190 10.92 -12.18 -12.72
N GLU C 191 11.35 -13.06 -13.57
CA GLU C 191 10.80 -14.41 -13.64
C GLU C 191 11.81 -15.44 -13.17
N ILE C 192 11.30 -16.57 -12.72
CA ILE C 192 12.16 -17.65 -12.24
C ILE C 192 12.17 -18.83 -13.22
N ILE C 193 13.30 -19.03 -13.88
CA ILE C 193 13.45 -20.12 -14.84
C ILE C 193 13.80 -21.40 -14.11
N ILE C 194 13.11 -22.48 -14.44
CA ILE C 194 13.38 -23.76 -13.79
C ILE C 194 13.38 -24.92 -14.80
N ASN C 195 14.45 -25.71 -14.75
CA ASN C 195 14.58 -26.87 -15.60
C ASN C 195 13.61 -27.98 -15.20
N ARG C 196 13.01 -28.63 -16.19
CA ARG C 196 12.07 -29.73 -15.96
C ARG C 196 12.70 -30.88 -15.18
N ALA C 197 13.98 -31.14 -15.45
CA ALA C 197 14.70 -32.21 -14.77
C ALA C 197 14.81 -31.92 -13.28
N LEU C 198 14.81 -30.64 -12.93
CA LEU C 198 14.98 -30.23 -11.55
C LEU C 198 13.78 -30.58 -10.69
N ILE C 199 12.61 -30.64 -11.31
CA ILE C 199 11.38 -31.03 -10.62
C ILE C 199 11.46 -32.48 -10.16
N PRO C 200 11.00 -32.75 -8.92
CA PRO C 200 11.02 -34.12 -8.38
C PRO C 200 10.25 -35.08 -9.27
N SER C 201 10.82 -36.25 -9.55
CA SER C 201 10.18 -37.25 -10.39
C SER C 201 9.21 -38.14 -9.62
N VAL C 202 9.42 -38.20 -8.30
CA VAL C 202 8.65 -39.10 -7.45
C VAL C 202 7.25 -38.57 -7.12
N VAL C 203 6.95 -37.36 -7.57
CA VAL C 203 5.64 -36.76 -7.28
C VAL C 203 4.57 -37.32 -8.21
N ASP C 204 3.35 -37.37 -7.72
CA ASP C 204 2.24 -37.94 -8.49
C ASP C 204 1.64 -36.92 -9.44
N TYR C 205 1.94 -35.64 -9.22
CA TYR C 205 1.41 -34.57 -10.05
C TYR C 205 2.06 -33.24 -9.68
N ALA C 206 2.38 -32.44 -10.68
CA ALA C 206 2.97 -31.13 -10.45
C ALA C 206 2.09 -30.02 -10.99
N ALA C 207 1.37 -29.37 -10.09
CA ALA C 207 0.47 -28.29 -10.45
C ALA C 207 1.25 -26.99 -10.52
N LEU C 208 1.29 -26.40 -11.71
CA LEU C 208 1.96 -25.13 -11.91
C LEU C 208 0.94 -24.02 -12.15
N GLY C 209 1.44 -22.80 -12.32
CA GLY C 209 0.57 -21.68 -12.60
C GLY C 209 1.37 -20.47 -13.06
N HIS C 210 0.70 -19.33 -13.22
CA HIS C 210 1.36 -18.09 -13.60
C HIS C 210 1.51 -17.94 -15.12
N ILE C 211 0.85 -18.82 -15.86
CA ILE C 211 0.86 -18.77 -17.33
C ILE C 211 -0.57 -18.78 -17.85
N HIS C 212 -0.95 -17.76 -18.61
CA HIS C 212 -2.32 -17.65 -19.09
C HIS C 212 -2.75 -18.81 -19.97
N SER C 213 -1.83 -19.30 -20.80
CA SER C 213 -2.14 -20.34 -21.76
C SER C 213 -1.86 -21.74 -21.22
N PHE C 214 -2.81 -22.66 -21.41
CA PHE C 214 -2.63 -24.02 -20.94
C PHE C 214 -1.47 -24.71 -21.63
N ARG C 215 -0.69 -25.48 -20.87
CA ARG C 215 0.48 -26.19 -21.41
C ARG C 215 0.82 -27.42 -20.58
N GLU C 216 0.62 -28.60 -21.16
CA GLU C 216 1.05 -29.84 -20.50
C GLU C 216 2.56 -30.03 -20.67
N ILE C 217 3.34 -29.59 -19.68
CA ILE C 217 4.78 -29.68 -19.74
C ILE C 217 5.25 -31.11 -20.06
N GLN C 218 4.97 -32.03 -19.14
CA GLN C 218 5.41 -33.40 -19.32
C GLN C 218 4.42 -34.38 -18.70
N LYS C 219 4.56 -35.66 -19.01
CA LYS C 219 3.64 -36.66 -18.50
C LYS C 219 4.20 -37.44 -17.31
N GLN C 220 5.49 -37.26 -17.02
CA GLN C 220 6.10 -37.93 -15.88
C GLN C 220 7.23 -37.10 -15.27
N PRO C 221 6.96 -36.48 -14.11
CA PRO C 221 5.65 -36.51 -13.45
C PRO C 221 4.69 -35.56 -14.12
N LEU C 222 3.40 -35.90 -14.16
CA LEU C 222 2.41 -35.09 -14.85
C LEU C 222 2.44 -33.62 -14.44
N THR C 223 2.98 -32.79 -15.33
CA THR C 223 3.11 -31.36 -15.06
C THR C 223 2.20 -30.54 -15.96
N ILE C 224 1.37 -29.69 -15.35
CA ILE C 224 0.35 -28.94 -16.10
C ILE C 224 0.25 -27.48 -15.67
N TYR C 225 0.10 -26.61 -16.67
CA TYR C 225 -0.33 -25.23 -16.45
C TYR C 225 -1.79 -25.15 -16.88
N PRO C 226 -2.71 -24.91 -15.94
CA PRO C 226 -4.12 -24.87 -16.33
C PRO C 226 -4.43 -23.65 -17.19
N GLY C 227 -3.78 -22.53 -16.94
CA GLY C 227 -4.05 -21.30 -17.66
C GLY C 227 -5.32 -20.60 -17.18
N SER C 228 -5.53 -19.37 -17.66
CA SER C 228 -6.66 -18.55 -17.24
C SER C 228 -8.00 -19.13 -17.66
N LEU C 229 -9.08 -18.53 -17.16
CA LEU C 229 -10.42 -18.99 -17.48
C LEU C 229 -11.09 -18.06 -18.48
N ILE C 230 -10.43 -16.94 -18.76
CA ILE C 230 -10.90 -16.02 -19.78
C ILE C 230 -9.73 -15.51 -20.59
N ARG C 231 -9.96 -15.25 -21.87
CA ARG C 231 -8.94 -14.71 -22.73
C ARG C 231 -8.69 -13.27 -22.34
N ILE C 232 -7.59 -13.04 -21.63
CA ILE C 232 -7.28 -11.73 -21.09
C ILE C 232 -6.91 -10.70 -22.17
N ASP C 233 -6.31 -11.19 -23.25
CA ASP C 233 -5.94 -10.34 -24.37
C ASP C 233 -5.88 -11.17 -25.65
N PHE C 234 -5.67 -10.50 -26.78
CA PHE C 234 -5.75 -11.15 -28.09
C PHE C 234 -4.57 -12.07 -28.35
N GLY C 235 -3.53 -11.94 -27.53
CA GLY C 235 -2.37 -12.81 -27.62
C GLY C 235 -2.73 -14.25 -27.32
N GLU C 236 -4.00 -14.49 -27.03
CA GLU C 236 -4.46 -15.82 -26.65
C GLU C 236 -5.86 -16.09 -27.17
N GLU C 237 -6.18 -15.54 -28.34
CA GLU C 237 -7.50 -15.72 -28.93
C GLU C 237 -7.68 -17.14 -29.46
N ALA C 238 -6.57 -17.84 -29.69
CA ALA C 238 -6.60 -19.20 -30.20
C ALA C 238 -6.47 -20.23 -29.09
N ASP C 239 -6.64 -19.80 -27.84
CA ASP C 239 -6.52 -20.69 -26.68
C ASP C 239 -7.86 -21.24 -26.19
N GLU C 240 -7.81 -22.43 -25.63
CA GLU C 240 -8.95 -22.97 -24.91
C GLU C 240 -8.77 -22.64 -23.43
N LYS C 241 -9.81 -22.09 -22.82
CA LYS C 241 -9.72 -21.66 -21.43
C LYS C 241 -10.52 -22.57 -20.51
N GLY C 242 -9.95 -22.88 -19.35
CA GLY C 242 -10.61 -23.73 -18.38
C GLY C 242 -9.65 -24.39 -17.43
N ALA C 243 -10.21 -25.13 -16.47
CA ALA C 243 -9.42 -25.85 -15.49
C ALA C 243 -9.00 -27.22 -16.01
N VAL C 244 -8.32 -27.98 -15.15
CA VAL C 244 -7.93 -29.34 -15.47
C VAL C 244 -8.32 -30.28 -14.34
N PHE C 245 -9.02 -31.35 -14.68
CA PHE C 245 -9.43 -32.33 -13.69
C PHE C 245 -8.53 -33.57 -13.72
N VAL C 246 -7.49 -33.56 -12.90
CA VAL C 246 -6.57 -34.69 -12.81
C VAL C 246 -7.12 -35.76 -11.86
N GLU C 247 -6.68 -37.01 -12.05
CA GLU C 247 -7.10 -38.11 -11.17
C GLU C 247 -5.95 -39.05 -10.86
N LEU C 248 -5.50 -39.04 -9.61
CA LEU C 248 -4.41 -39.91 -9.21
C LEU C 248 -4.94 -41.18 -8.55
N LYS C 249 -4.36 -42.31 -8.95
CA LYS C 249 -4.64 -43.60 -8.33
C LYS C 249 -3.33 -44.29 -8.01
N ARG C 250 -3.33 -45.16 -6.99
CA ARG C 250 -2.12 -45.90 -6.60
C ARG C 250 -1.71 -46.92 -7.66
N GLY C 251 -2.65 -47.79 -8.04
CA GLY C 251 -2.37 -48.88 -8.96
C GLY C 251 -2.06 -48.43 -10.38
N GLU C 252 -2.63 -47.30 -10.79
CA GLU C 252 -2.50 -46.85 -12.17
C GLU C 252 -1.96 -45.42 -12.28
N PRO C 253 -1.40 -45.06 -13.46
CA PRO C 253 -0.83 -43.74 -13.73
C PRO C 253 -1.89 -42.62 -13.82
N PRO C 254 -1.44 -41.37 -13.68
CA PRO C 254 -2.34 -40.23 -13.57
C PRO C 254 -3.12 -40.01 -14.86
N ARG C 255 -4.38 -39.62 -14.75
CA ARG C 255 -5.16 -39.26 -15.93
C ARG C 255 -5.86 -37.95 -15.69
N TYR C 256 -6.02 -37.16 -16.74
CA TYR C 256 -6.59 -35.83 -16.59
C TYR C 256 -7.40 -35.36 -17.79
N GLU C 257 -8.57 -34.81 -17.51
CA GLU C 257 -9.37 -34.15 -18.53
C GLU C 257 -9.14 -32.64 -18.47
N ARG C 258 -9.80 -31.92 -19.37
CA ARG C 258 -9.78 -30.46 -19.36
C ARG C 258 -11.21 -29.96 -19.32
N ILE C 259 -11.50 -29.08 -18.36
CA ILE C 259 -12.84 -28.52 -18.24
C ILE C 259 -12.94 -27.18 -18.96
N ASP C 260 -13.78 -27.12 -19.99
CA ASP C 260 -13.97 -25.90 -20.76
C ASP C 260 -14.81 -24.88 -20.00
N ALA C 261 -14.24 -23.69 -19.86
CA ALA C 261 -14.84 -22.51 -19.24
C ALA C 261 -16.02 -21.87 -19.99
N SER C 262 -15.92 -21.80 -21.32
CA SER C 262 -16.94 -21.16 -22.14
C SER C 262 -16.89 -19.62 -22.22
N PRO C 263 -15.74 -19.04 -21.85
CA PRO C 263 -15.55 -17.58 -21.86
C PRO C 263 -15.61 -16.92 -23.25
N LEU C 264 -16.10 -15.68 -23.30
CA LEU C 264 -16.25 -14.93 -24.54
C LEU C 264 -14.98 -15.06 -25.39
N PRO C 265 -15.16 -15.22 -26.71
CA PRO C 265 -14.08 -15.44 -27.66
C PRO C 265 -13.52 -14.12 -28.18
N LEU C 266 -12.30 -14.16 -28.72
CA LEU C 266 -11.68 -12.99 -29.33
C LEU C 266 -11.47 -13.24 -30.81
N LYS C 267 -11.36 -12.16 -31.58
CA LYS C 267 -11.10 -12.27 -33.00
C LYS C 267 -10.37 -11.06 -33.51
N THR C 268 -9.24 -11.28 -34.18
CA THR C 268 -8.51 -10.21 -34.82
C THR C 268 -8.82 -10.16 -36.32
N LEU C 269 -9.28 -9.01 -36.78
CA LEU C 269 -9.51 -8.81 -38.20
C LEU C 269 -8.33 -8.06 -38.79
N TYR C 270 -7.68 -8.66 -39.78
CA TYR C 270 -6.51 -8.06 -40.42
C TYR C 270 -6.85 -7.44 -41.77
N TYR C 271 -6.50 -6.18 -41.94
CA TYR C 271 -6.72 -5.50 -43.19
C TYR C 271 -5.45 -4.88 -43.74
N LYS C 272 -5.37 -4.74 -45.06
CA LYS C 272 -4.27 -4.04 -45.70
C LYS C 272 -4.44 -2.54 -45.48
N LYS C 273 -5.66 -2.07 -45.74
CA LYS C 273 -6.00 -0.66 -45.53
C LYS C 273 -7.49 -0.52 -45.27
N ILE C 274 -7.85 0.34 -44.31
CA ILE C 274 -9.24 0.60 -44.01
C ILE C 274 -9.86 1.52 -45.07
N ASP C 275 -10.79 0.96 -45.83
CA ASP C 275 -11.49 1.71 -46.86
C ASP C 275 -12.97 1.39 -46.77
N THR C 276 -13.76 1.92 -47.71
CA THR C 276 -15.21 1.75 -47.66
C THR C 276 -15.59 0.29 -47.52
N SER C 277 -14.86 -0.59 -48.20
CA SER C 277 -15.12 -2.01 -48.13
C SER C 277 -14.72 -2.58 -46.79
N ALA C 278 -13.53 -2.20 -46.33
CA ALA C 278 -13.05 -2.63 -45.02
C ALA C 278 -14.08 -2.28 -43.94
N LEU C 279 -14.52 -1.02 -43.93
CA LEU C 279 -15.45 -0.54 -42.93
C LEU C 279 -16.70 -1.40 -42.90
N LYS C 280 -17.27 -1.67 -44.07
CA LYS C 280 -18.44 -2.50 -44.13
C LYS C 280 -18.16 -3.89 -43.58
N SER C 281 -16.93 -4.37 -43.81
CA SER C 281 -16.58 -5.71 -43.36
C SER C 281 -16.50 -5.78 -41.86
N ILE C 282 -15.87 -4.78 -41.26
CA ILE C 282 -15.75 -4.70 -39.81
C ILE C 282 -17.12 -4.61 -39.17
N ARG C 283 -17.92 -3.66 -39.64
CA ARG C 283 -19.27 -3.49 -39.12
C ARG C 283 -20.06 -4.79 -39.19
N ASP C 284 -20.01 -5.45 -40.34
CA ASP C 284 -20.79 -6.67 -40.55
C ASP C 284 -20.38 -7.78 -39.60
N PHE C 285 -19.08 -7.86 -39.34
CA PHE C 285 -18.56 -8.95 -38.51
C PHE C 285 -18.85 -8.73 -37.04
N CYS C 286 -18.49 -7.55 -36.54
CA CYS C 286 -18.71 -7.21 -35.14
C CYS C 286 -20.18 -7.34 -34.73
N ARG C 287 -21.07 -7.11 -35.68
CA ARG C 287 -22.51 -7.16 -35.43
C ARG C 287 -22.99 -8.58 -35.13
N ASN C 288 -22.25 -9.56 -35.62
CA ASN C 288 -22.63 -10.96 -35.43
C ASN C 288 -21.57 -11.75 -34.66
N PHE C 289 -20.85 -11.04 -33.78
CA PHE C 289 -19.80 -11.67 -33.00
C PHE C 289 -19.99 -11.40 -31.52
N PRO C 290 -20.21 -12.47 -30.74
CA PRO C 290 -20.50 -12.41 -29.31
C PRO C 290 -19.30 -11.95 -28.48
N GLY C 291 -18.10 -12.15 -28.99
CA GLY C 291 -16.88 -11.79 -28.28
C GLY C 291 -16.38 -10.38 -28.56
N TYR C 292 -15.07 -10.20 -28.38
CA TYR C 292 -14.43 -8.90 -28.59
C TYR C 292 -13.55 -8.93 -29.83
N VAL C 293 -13.48 -7.79 -30.52
CA VAL C 293 -12.82 -7.71 -31.81
C VAL C 293 -11.67 -6.69 -31.84
N ARG C 294 -10.58 -7.06 -32.50
CA ARG C 294 -9.46 -6.14 -32.70
C ARG C 294 -9.09 -6.10 -34.17
N VAL C 295 -9.20 -4.93 -34.80
CA VAL C 295 -8.81 -4.78 -36.19
C VAL C 295 -7.38 -4.27 -36.31
N VAL C 296 -6.60 -4.92 -37.17
CA VAL C 296 -5.21 -4.54 -37.39
C VAL C 296 -4.98 -4.27 -38.86
N TYR C 297 -4.23 -3.22 -39.16
CA TYR C 297 -3.99 -2.84 -40.55
C TYR C 297 -2.57 -2.33 -40.74
N GLU C 298 -2.12 -2.28 -42.00
CA GLU C 298 -0.77 -1.83 -42.32
C GLU C 298 -0.75 -0.46 -43.01
N GLU C 299 -1.21 -0.42 -44.25
CA GLU C 299 -1.17 0.80 -45.05
C GLU C 299 -1.95 1.95 -44.38
N ASP C 300 -1.49 3.19 -44.53
CA ASP C 300 -2.23 4.26 -43.87
C ASP C 300 -3.67 4.30 -44.42
N SER C 301 -4.64 4.29 -43.51
CA SER C 301 -6.05 4.31 -43.89
C SER C 301 -6.90 5.35 -43.14
N GLY C 302 -6.74 6.62 -43.45
CA GLY C 302 -7.53 7.64 -42.78
C GLY C 302 -6.96 8.05 -41.43
N ILE C 303 -7.68 8.92 -40.72
CA ILE C 303 -8.96 9.44 -41.20
C ILE C 303 -10.13 8.48 -40.94
N LEU C 304 -9.86 7.40 -40.22
CA LEU C 304 -10.88 6.40 -39.91
C LEU C 304 -12.00 6.93 -39.02
N PRO C 305 -13.21 6.45 -39.26
CA PRO C 305 -14.38 6.86 -38.47
C PRO C 305 -14.24 6.32 -37.05
N ASP C 306 -15.07 6.78 -36.13
CA ASP C 306 -14.98 6.29 -34.76
C ASP C 306 -15.73 4.97 -34.63
N LEU C 307 -15.04 3.89 -35.00
CA LEU C 307 -15.60 2.54 -34.94
C LEU C 307 -15.95 2.13 -33.52
N GLY C 309 -16.78 4.09 -31.16
CA GLY C 309 -17.96 4.86 -30.83
C GLY C 309 -19.21 4.21 -31.40
N GLU C 310 -19.08 3.69 -32.63
CA GLU C 310 -20.20 3.04 -33.29
C GLU C 310 -20.30 1.59 -32.85
N ILE C 311 -19.22 0.85 -33.10
CA ILE C 311 -19.17 -0.56 -32.73
C ILE C 311 -18.74 -0.71 -31.28
N ASP C 312 -19.69 -1.06 -30.42
CA ASP C 312 -19.43 -1.12 -28.98
C ASP C 312 -18.54 -2.29 -28.56
N ASN C 313 -18.42 -3.30 -29.42
CA ASN C 313 -17.57 -4.44 -29.11
C ASN C 313 -16.26 -4.47 -29.89
N LEU C 314 -15.85 -3.32 -30.39
CA LEU C 314 -14.56 -3.18 -31.05
C LEU C 314 -13.57 -2.61 -30.05
N VAL C 315 -12.86 -3.47 -29.35
CA VAL C 315 -12.03 -3.06 -28.24
C VAL C 315 -10.69 -2.43 -28.63
N LYS C 316 -10.15 -2.79 -29.78
CA LYS C 316 -8.81 -2.32 -30.12
C LYS C 316 -8.57 -2.20 -31.62
N ILE C 317 -7.89 -1.13 -32.00
CA ILE C 317 -7.52 -0.91 -33.39
C ILE C 317 -6.04 -0.62 -33.50
N GLU C 318 -5.31 -1.55 -34.11
CA GLU C 318 -3.87 -1.45 -34.17
C GLU C 318 -3.30 -1.40 -35.57
N ARG C 319 -1.98 -1.33 -35.65
CA ARG C 319 -1.31 -1.17 -36.93
C ARG C 319 -0.02 -1.99 -36.98
N LYS C 320 -0.15 -3.27 -37.30
CA LYS C 320 1.02 -4.15 -37.37
C LYS C 320 1.74 -3.97 -38.70
N SER C 321 3.08 -3.95 -38.65
CA SER C 321 3.87 -3.82 -39.86
C SER C 321 3.72 -5.07 -40.71
N ARG C 322 3.94 -4.96 -42.02
CA ARG C 322 3.76 -6.11 -42.89
C ARG C 322 4.66 -7.26 -42.48
N ARG C 323 5.79 -6.92 -41.85
CA ARG C 323 6.72 -7.92 -41.33
C ARG C 323 6.14 -8.62 -40.13
N GLU C 324 5.56 -7.85 -39.22
CA GLU C 324 5.04 -8.38 -37.97
C GLU C 324 3.70 -9.10 -38.16
N ILE C 325 2.88 -8.59 -39.06
CA ILE C 325 1.57 -9.19 -39.33
C ILE C 325 1.75 -10.59 -39.93
N GLU C 326 2.88 -10.80 -40.60
CA GLU C 326 3.17 -12.09 -41.21
C GLU C 326 3.80 -13.05 -40.22
N GLU C 327 4.56 -12.51 -39.27
CA GLU C 327 5.19 -13.33 -38.25
C GLU C 327 4.17 -13.91 -37.27
N VAL C 328 3.32 -13.03 -36.74
CA VAL C 328 2.30 -13.42 -35.78
C VAL C 328 1.24 -14.34 -36.40
N LEU C 329 1.03 -14.19 -37.69
CA LEU C 329 0.05 -14.98 -38.41
C LEU C 329 0.38 -16.47 -38.32
N ARG C 330 1.67 -16.79 -38.39
CA ARG C 330 2.11 -18.17 -38.32
C ARG C 330 2.03 -18.81 -39.70
N GLU C 331 2.23 -20.12 -39.77
CA GLU C 331 2.20 -20.80 -41.05
C GLU C 331 1.06 -21.81 -41.20
N SER C 332 0.33 -21.66 -42.30
CA SER C 332 -0.77 -22.54 -42.65
C SER C 332 -0.55 -22.90 -44.12
N PRO C 333 0.48 -23.70 -44.37
CA PRO C 333 0.85 -24.11 -45.73
C PRO C 333 0.25 -25.43 -46.19
N GLU C 334 -0.59 -26.06 -45.37
CA GLU C 334 -1.18 -27.33 -45.75
C GLU C 334 -2.03 -27.21 -47.01
N GLU C 335 -1.91 -28.19 -47.89
CA GLU C 335 -2.66 -28.21 -49.15
C GLU C 335 -2.35 -26.99 -50.03
N PHE C 336 -1.12 -26.51 -49.96
CA PHE C 336 -0.71 -25.35 -50.75
C PHE C 336 0.73 -25.47 -51.25
N LYS C 337 1.03 -24.79 -52.36
CA LYS C 337 2.37 -24.81 -52.94
C LYS C 337 2.87 -26.23 -53.17
N GLU C 338 1.94 -27.17 -53.19
CA GLU C 338 2.26 -28.58 -53.38
C GLU C 338 1.55 -29.09 -54.63
N GLU C 339 2.09 -30.16 -55.22
CA GLU C 339 1.54 -30.71 -56.45
C GLU C 339 0.09 -31.16 -56.31
N LEU C 340 -0.70 -30.88 -57.34
CA LEU C 340 -2.13 -31.20 -57.36
C LEU C 340 -2.42 -32.21 -58.46
N ASP C 341 -3.18 -33.25 -58.14
CA ASP C 341 -3.47 -34.28 -59.15
C ASP C 341 -4.33 -33.72 -60.27
N LYS C 342 -3.70 -33.31 -61.36
CA LYS C 342 -4.43 -32.79 -62.51
C LYS C 342 -5.05 -33.95 -63.30
N LEU C 343 -6.33 -33.83 -63.60
CA LEU C 343 -7.04 -34.88 -64.33
C LEU C 343 -7.74 -34.34 -65.57
N ASP C 344 -7.51 -35.01 -66.69
CA ASP C 344 -8.16 -34.63 -67.95
C ASP C 344 -9.59 -35.13 -68.02
N TYR C 345 -10.38 -34.49 -68.88
CA TYR C 345 -11.82 -34.72 -68.96
C TYR C 345 -12.20 -36.16 -69.23
N PHE C 346 -11.57 -36.79 -70.21
CA PHE C 346 -11.96 -38.15 -70.58
C PHE C 346 -11.41 -39.20 -69.62
N GLU C 347 -10.19 -39.00 -69.13
CA GLU C 347 -9.63 -39.98 -68.22
C GLU C 347 -10.45 -40.01 -66.94
N LEU C 348 -11.10 -38.89 -66.65
CA LEU C 348 -12.05 -38.82 -65.56
C LEU C 348 -13.36 -39.52 -65.96
N PHE C 349 -13.77 -39.37 -67.22
CA PHE C 349 -14.89 -40.14 -67.79
C PHE C 349 -14.56 -41.60 -67.78
N LYS C 350 -13.36 -41.92 -68.26
CA LYS C 350 -12.87 -43.28 -68.28
C LYS C 350 -13.00 -43.82 -66.86
N GLU C 351 -12.72 -42.95 -65.88
CA GLU C 351 -12.75 -43.33 -64.47
C GLU C 351 -14.15 -43.39 -63.86
N TYR C 352 -15.00 -42.43 -64.20
CA TYR C 352 -16.37 -42.39 -63.68
C TYR C 352 -17.15 -43.60 -64.12
N LEU C 353 -17.02 -43.95 -65.40
CA LEU C 353 -17.70 -45.13 -65.94
C LEU C 353 -17.20 -46.41 -65.28
N LYS C 354 -15.88 -46.55 -65.15
CA LYS C 354 -15.31 -47.79 -64.65
C LYS C 354 -15.75 -48.08 -63.22
N LYS C 355 -15.93 -47.04 -62.43
CA LYS C 355 -16.34 -47.19 -61.04
C LYS C 355 -17.83 -47.50 -60.93
N ARG C 356 -18.61 -46.98 -61.88
CA ARG C 356 -20.07 -47.01 -61.77
C ARG C 356 -20.77 -48.10 -62.59
N GLU C 357 -20.01 -49.03 -63.16
CA GLU C 357 -20.62 -50.16 -63.86
C GLU C 357 -19.89 -51.48 -63.61
N GLU C 358 -20.67 -52.56 -63.45
CA GLU C 358 -20.13 -53.88 -63.20
C GLU C 358 -18.98 -54.19 -64.14
N ASN C 359 -19.28 -54.19 -65.44
CA ASN C 359 -18.25 -54.35 -66.45
C ASN C 359 -17.90 -53.01 -67.06
N HIS C 360 -16.69 -52.54 -66.82
CA HIS C 360 -16.25 -51.29 -67.40
C HIS C 360 -15.35 -51.51 -68.61
N GLU C 361 -14.32 -52.35 -68.43
CA GLU C 361 -13.28 -52.55 -69.43
C GLU C 361 -13.77 -52.45 -70.87
N LYS C 362 -14.97 -52.97 -71.14
CA LYS C 362 -15.50 -52.97 -72.49
C LYS C 362 -15.90 -51.58 -72.96
N LEU C 363 -16.64 -50.84 -72.13
CA LEU C 363 -17.00 -49.47 -72.47
C LEU C 363 -15.73 -48.64 -72.60
N LEU C 364 -14.74 -48.92 -71.75
CA LEU C 364 -13.46 -48.22 -71.77
C LEU C 364 -12.79 -48.42 -73.12
N LYS C 365 -12.89 -49.65 -73.65
CA LYS C 365 -12.24 -50.00 -74.92
C LYS C 365 -12.92 -49.35 -76.12
N ILE C 366 -14.25 -49.32 -76.13
CA ILE C 366 -14.96 -48.72 -77.23
C ILE C 366 -14.83 -47.20 -77.20
N LEU C 367 -14.60 -46.65 -76.01
CA LEU C 367 -14.35 -45.23 -75.91
C LEU C 367 -13.05 -44.86 -76.62
N ASP C 368 -11.96 -45.52 -76.23
CA ASP C 368 -10.65 -45.21 -76.81
C ASP C 368 -10.65 -45.39 -78.32
N GLU C 369 -11.55 -46.24 -78.80
CA GLU C 369 -11.69 -46.50 -80.22
C GLU C 369 -12.38 -45.33 -80.91
N LEU C 370 -13.40 -44.80 -80.26
CA LEU C 370 -14.08 -43.60 -80.75
C LEU C 370 -13.12 -42.42 -80.75
N LEU C 371 -12.30 -42.32 -79.71
CA LEU C 371 -11.32 -41.25 -79.60
C LEU C 371 -10.31 -41.36 -80.74
N ASP C 372 -9.83 -42.57 -81.00
CA ASP C 372 -8.88 -42.79 -82.07
C ASP C 372 -9.51 -42.39 -83.40
N GLU C 373 -10.80 -42.68 -83.55
CA GLU C 373 -11.50 -42.41 -84.79
C GLU C 373 -11.63 -40.92 -85.05
N VAL C 374 -11.88 -40.15 -84.00
CA VAL C 374 -12.03 -38.70 -84.14
C VAL C 374 -10.67 -38.03 -84.33
N LYS C 375 -9.65 -38.55 -83.65
CA LYS C 375 -8.30 -38.01 -83.78
C LYS C 375 -7.84 -38.09 -85.23
N LYS C 376 -8.00 -39.28 -85.81
CA LYS C 376 -7.57 -39.52 -87.19
C LYS C 376 -8.34 -38.67 -88.18
N SER C 377 -9.63 -38.46 -87.90
CA SER C 377 -10.48 -37.67 -88.79
C SER C 377 -10.41 -36.19 -88.47
N GLU C 378 -9.22 -35.73 -88.06
CA GLU C 378 -9.04 -34.35 -87.64
C GLU C 378 -7.75 -33.79 -88.24
N ALA C 379 -6.81 -34.69 -88.51
CA ALA C 379 -5.55 -34.32 -89.13
C ALA C 379 -5.29 -35.21 -90.33
N LYS D 2 -14.57 -17.07 33.57
CA LYS D 2 -13.50 -16.09 33.67
C LYS D 2 -13.26 -15.37 32.35
N ILE D 3 -13.03 -14.06 32.40
CA ILE D 3 -12.89 -13.26 31.19
C ILE D 3 -11.65 -12.35 31.21
N LEU D 4 -10.87 -12.42 30.14
CA LEU D 4 -9.77 -11.47 29.93
C LEU D 4 -10.20 -10.40 28.95
N HIS D 5 -10.27 -9.16 29.42
CA HIS D 5 -10.67 -8.04 28.57
C HIS D 5 -9.49 -7.12 28.27
N THR D 6 -9.28 -6.85 26.98
CA THR D 6 -8.18 -5.99 26.55
C THR D 6 -8.70 -4.83 25.70
N SER D 7 -8.08 -3.67 25.90
CA SER D 7 -8.37 -2.39 25.25
C SER D 7 -7.35 -2.05 24.16
N ASP D 8 -7.65 -1.05 23.32
CA ASP D 8 -6.81 -0.80 22.15
C ASP D 8 -5.30 -0.69 22.32
N TRP D 9 -4.65 -1.61 21.60
CA TRP D 9 -3.20 -1.78 21.50
C TRP D 9 -2.36 -0.78 20.71
N HIS D 10 -2.85 -0.33 19.55
CA HIS D 10 -2.04 0.56 18.73
C HIS D 10 -0.78 -0.14 18.22
N LEU D 11 -0.97 -1.32 17.63
CA LEU D 11 0.15 -2.10 17.10
C LEU D 11 0.89 -1.31 16.03
N GLY D 12 2.22 -1.45 16.01
CA GLY D 12 3.05 -0.77 15.03
C GLY D 12 2.91 0.75 15.13
N VAL D 13 2.68 1.24 16.33
CA VAL D 13 2.54 2.68 16.56
C VAL D 13 3.89 3.33 16.86
N THR D 14 4.24 4.33 16.08
CA THR D 14 5.49 5.04 16.26
C THR D 14 5.22 6.28 17.06
N SER D 15 5.85 6.38 18.24
CA SER D 15 5.61 7.51 19.13
C SER D 15 6.55 8.69 18.86
N TRP D 16 6.03 9.89 19.07
CA TRP D 16 6.85 11.10 18.97
C TRP D 16 7.61 11.16 17.66
N THR D 17 6.88 11.15 16.55
CA THR D 17 7.49 11.19 15.23
C THR D 17 7.97 12.59 14.88
N SER D 18 7.43 13.58 15.59
CA SER D 18 7.78 14.97 15.35
C SER D 18 9.11 15.36 15.98
N SER D 19 9.49 14.66 17.05
CA SER D 19 10.71 15.00 17.77
C SER D 19 11.78 13.92 17.64
N ARG D 20 11.47 12.73 18.15
CA ARG D 20 12.36 11.58 18.01
C ARG D 20 11.55 10.29 17.90
N PRO D 21 11.43 9.76 16.68
CA PRO D 21 10.64 8.57 16.43
C PRO D 21 11.11 7.38 17.26
N VAL D 22 10.16 6.71 17.92
CA VAL D 22 10.45 5.52 18.70
C VAL D 22 9.51 4.38 18.31
N ASP D 23 10.09 3.24 17.92
CA ASP D 23 9.30 2.09 17.52
C ASP D 23 8.84 1.33 18.75
N ARG D 24 7.60 1.56 19.14
CA ARG D 24 7.07 0.97 20.37
C ARG D 24 6.85 -0.53 20.22
N ARG D 25 6.91 -1.03 19.00
CA ARG D 25 6.55 -2.42 18.72
C ARG D 25 7.17 -3.40 19.71
N GLU D 26 8.47 -3.29 19.94
CA GLU D 26 9.17 -4.17 20.87
C GLU D 26 8.48 -4.17 22.22
N GLU D 27 8.35 -3.00 22.81
CA GLU D 27 7.72 -2.83 24.11
C GLU D 27 6.29 -3.36 24.09
N LEU D 28 5.56 -3.01 23.03
CA LEU D 28 4.17 -3.39 22.90
C LEU D 28 4.00 -4.91 22.85
N LYS D 29 4.96 -5.60 22.25
CA LYS D 29 4.90 -7.04 22.19
C LYS D 29 5.14 -7.61 23.58
N LYS D 30 6.09 -7.03 24.30
CA LYS D 30 6.43 -7.53 25.63
C LYS D 30 5.25 -7.44 26.59
N ALA D 31 4.49 -6.36 26.48
CA ALA D 31 3.28 -6.18 27.30
C ALA D 31 2.18 -7.17 26.91
N LEU D 32 1.93 -7.29 25.61
CA LEU D 32 0.96 -8.26 25.12
C LEU D 32 1.33 -9.64 25.63
N ASP D 33 2.62 -9.99 25.52
CA ASP D 33 3.13 -11.26 26.00
C ASP D 33 2.72 -11.50 27.44
N LYS D 34 3.04 -10.53 28.30
CA LYS D 34 2.75 -10.65 29.72
C LYS D 34 1.26 -10.80 29.96
N VAL D 35 0.46 -10.10 29.17
CA VAL D 35 -0.99 -10.16 29.28
C VAL D 35 -1.52 -11.54 28.88
N VAL D 36 -1.09 -12.01 27.71
CA VAL D 36 -1.52 -13.31 27.23
C VAL D 36 -1.10 -14.39 28.20
N GLU D 37 0.12 -14.30 28.69
CA GLU D 37 0.64 -15.30 29.62
C GLU D 37 -0.23 -15.36 30.88
N GLU D 38 -0.71 -14.21 31.33
CA GLU D 38 -1.58 -14.14 32.50
C GLU D 38 -2.95 -14.72 32.20
N ALA D 39 -3.38 -14.60 30.95
CA ALA D 39 -4.67 -15.13 30.53
C ALA D 39 -4.64 -16.65 30.54
N GLU D 40 -3.52 -17.22 30.15
CA GLU D 40 -3.35 -18.67 30.11
C GLU D 40 -3.20 -19.26 31.51
N LYS D 41 -2.32 -18.66 32.29
CA LYS D 41 -2.08 -19.07 33.67
C LYS D 41 -3.37 -18.99 34.47
N ARG D 42 -4.28 -18.13 34.04
CA ARG D 42 -5.53 -17.92 34.75
C ARG D 42 -6.66 -18.72 34.14
N GLU D 43 -6.36 -19.38 33.02
CA GLU D 43 -7.32 -20.28 32.38
C GLU D 43 -8.66 -19.62 32.12
N VAL D 44 -8.64 -18.38 31.62
CA VAL D 44 -9.87 -17.67 31.32
C VAL D 44 -10.76 -18.46 30.38
N ASP D 45 -12.03 -18.09 30.31
CA ASP D 45 -13.01 -18.79 29.49
C ASP D 45 -13.32 -18.02 28.23
N LEU D 46 -13.25 -16.69 28.30
CA LEU D 46 -13.60 -15.84 27.18
C LEU D 46 -12.61 -14.68 27.09
N ILE D 47 -12.28 -14.29 25.87
CA ILE D 47 -11.37 -13.17 25.68
C ILE D 47 -12.02 -12.11 24.81
N LEU D 48 -12.01 -10.87 25.29
CA LEU D 48 -12.64 -9.77 24.59
C LEU D 48 -11.62 -8.78 24.05
N LEU D 49 -11.82 -8.34 22.81
CA LEU D 49 -10.96 -7.34 22.22
C LEU D 49 -11.80 -6.18 21.74
N THR D 50 -11.43 -4.98 22.13
CA THR D 50 -12.15 -3.77 21.72
C THR D 50 -11.21 -2.60 21.51
N GLY D 51 -11.76 -1.49 21.02
CA GLY D 51 -10.98 -0.30 20.78
C GLY D 51 -10.05 -0.43 19.59
N ASP D 52 -9.03 0.41 19.55
CA ASP D 52 -8.10 0.43 18.42
C ASP D 52 -7.00 -0.62 18.56
N LEU D 53 -7.23 -1.79 17.96
CA LEU D 53 -6.25 -2.86 17.99
C LEU D 53 -5.05 -2.56 17.08
N LEU D 54 -5.32 -1.92 15.96
CA LEU D 54 -4.26 -1.43 15.07
C LEU D 54 -4.15 0.07 15.23
N HIS D 55 -2.93 0.58 15.29
CA HIS D 55 -2.74 2.01 15.45
C HIS D 55 -3.28 2.78 14.23
N SER D 56 -2.79 2.45 13.04
CA SER D 56 -3.20 3.11 11.80
C SER D 56 -4.48 2.50 11.22
N ARG D 57 -5.58 3.25 11.20
CA ARG D 57 -6.82 2.71 10.65
C ARG D 57 -7.01 2.88 9.14
N ASN D 58 -6.09 3.56 8.49
CA ASN D 58 -6.20 3.78 7.06
C ASN D 58 -5.13 3.02 6.27
N ASN D 59 -4.04 2.68 6.94
CA ASN D 59 -2.92 2.04 6.27
C ASN D 59 -2.03 1.34 7.27
N PRO D 60 -2.50 0.21 7.80
CA PRO D 60 -1.74 -0.62 8.73
C PRO D 60 -0.54 -1.22 8.03
N SER D 61 0.62 -1.19 8.67
CA SER D 61 1.81 -1.78 8.09
C SER D 61 1.61 -3.28 8.00
N VAL D 62 2.40 -3.94 7.15
CA VAL D 62 2.27 -5.38 7.04
C VAL D 62 2.60 -6.02 8.37
N VAL D 63 3.67 -5.55 8.99
CA VAL D 63 4.13 -6.09 10.25
C VAL D 63 3.04 -5.92 11.31
N ALA D 64 2.42 -4.75 11.33
CA ALA D 64 1.36 -4.49 12.30
C ALA D 64 0.23 -5.50 12.15
N LEU D 65 -0.15 -5.80 10.91
CA LEU D 65 -1.17 -6.81 10.67
C LEU D 65 -0.65 -8.17 11.10
N HIS D 66 0.62 -8.45 10.80
CA HIS D 66 1.22 -9.72 11.15
C HIS D 66 1.11 -9.93 12.65
N ASP D 67 1.48 -8.90 13.41
CA ASP D 67 1.42 -8.94 14.86
C ASP D 67 0.00 -9.14 15.37
N LEU D 68 -0.95 -8.42 14.77
CA LEU D 68 -2.34 -8.53 15.21
C LEU D 68 -2.86 -9.96 15.07
N LEU D 69 -2.70 -10.54 13.90
CA LEU D 69 -3.15 -11.89 13.64
C LEU D 69 -2.37 -12.89 14.48
N ASP D 70 -1.09 -12.60 14.68
CA ASP D 70 -0.25 -13.43 15.53
C ASP D 70 -0.91 -13.56 16.90
N TYR D 71 -1.20 -12.43 17.53
CA TYR D 71 -1.74 -12.44 18.88
C TYR D 71 -3.19 -12.90 18.93
N LEU D 72 -3.91 -12.74 17.82
CA LEU D 72 -5.26 -13.29 17.72
C LEU D 72 -5.21 -14.81 17.83
N LYS D 73 -4.18 -15.42 17.24
CA LYS D 73 -4.02 -16.86 17.35
C LYS D 73 -3.63 -17.25 18.78
N ARG D 74 -2.59 -16.62 19.31
CA ARG D 74 -2.17 -16.92 20.67
C ARG D 74 -3.37 -16.79 21.60
N ARG D 77 -5.80 -19.70 21.26
CA ARG D 77 -5.24 -20.92 21.81
C ARG D 77 -5.67 -21.13 23.26
N THR D 78 -6.04 -20.05 23.94
CA THR D 78 -6.41 -20.13 25.34
C THR D 78 -7.92 -20.19 25.54
N ALA D 79 -8.65 -19.43 24.73
CA ALA D 79 -10.11 -19.35 24.85
C ALA D 79 -10.70 -18.60 23.67
N PRO D 80 -11.98 -18.84 23.38
CA PRO D 80 -12.69 -18.15 22.29
C PRO D 80 -12.55 -16.64 22.43
N VAL D 81 -12.17 -15.95 21.36
CA VAL D 81 -12.08 -14.50 21.42
C VAL D 81 -13.19 -13.84 20.60
N VAL D 82 -13.68 -12.72 21.11
CA VAL D 82 -14.66 -11.92 20.39
C VAL D 82 -14.10 -10.53 20.18
N VAL D 83 -13.97 -10.14 18.93
CA VAL D 83 -13.41 -8.85 18.59
C VAL D 83 -14.52 -7.89 18.18
N LEU D 84 -14.54 -6.72 18.80
CA LEU D 84 -15.42 -5.66 18.35
C LEU D 84 -14.55 -4.53 17.82
N PRO D 85 -14.34 -4.51 16.50
CA PRO D 85 -13.56 -3.46 15.86
C PRO D 85 -14.39 -2.21 15.68
N GLY D 86 -13.86 -1.07 16.12
CA GLY D 86 -14.57 0.18 15.96
C GLY D 86 -13.94 1.18 15.02
N ASN D 87 -14.75 1.74 14.12
CA ASN D 87 -14.45 2.96 13.34
C ASN D 87 -13.25 2.60 12.46
N HIS D 88 -13.13 1.35 12.05
CA HIS D 88 -11.92 0.88 11.38
C HIS D 88 -12.33 0.22 10.08
N ASP D 89 -11.78 0.69 8.97
CA ASP D 89 -12.21 0.24 7.66
C ASP D 89 -11.09 0.25 6.63
N TRP D 90 -10.12 -0.65 6.80
CA TRP D 90 -9.00 -0.70 5.88
C TRP D 90 -8.96 -2.05 5.18
N LYS D 91 -8.78 -2.01 3.86
CA LYS D 91 -8.54 -3.21 3.09
C LYS D 91 -9.57 -4.28 3.44
N GLY D 92 -10.81 -3.85 3.60
CA GLY D 92 -11.87 -4.77 3.98
C GLY D 92 -11.43 -5.69 5.10
N LEU D 93 -10.88 -5.09 6.16
CA LEU D 93 -10.47 -5.84 7.33
C LEU D 93 -11.71 -6.40 7.98
N LYS D 94 -12.65 -5.51 8.26
CA LYS D 94 -13.99 -5.93 8.64
C LYS D 94 -14.46 -7.11 7.77
N LEU D 95 -14.06 -7.10 6.50
CA LEU D 95 -14.41 -8.22 5.61
C LEU D 95 -13.66 -9.50 5.97
N PHE D 96 -12.37 -9.34 6.25
CA PHE D 96 -11.54 -10.41 6.77
C PHE D 96 -12.20 -11.02 7.98
N GLY D 97 -12.30 -10.23 9.03
CA GLY D 97 -12.83 -10.70 10.29
C GLY D 97 -14.14 -11.44 10.14
N ASN D 98 -14.98 -10.94 9.25
CA ASN D 98 -16.29 -11.56 9.03
C ASN D 98 -16.13 -12.96 8.49
N PHE D 99 -15.17 -13.13 7.59
CA PHE D 99 -14.92 -14.43 6.96
C PHE D 99 -14.47 -15.48 7.97
N VAL D 100 -13.53 -15.11 8.82
CA VAL D 100 -13.02 -16.00 9.86
C VAL D 100 -14.11 -16.36 10.86
N THR D 101 -14.94 -15.38 11.21
CA THR D 101 -16.05 -15.62 12.13
C THR D 101 -16.80 -16.85 11.68
N SER D 102 -17.08 -16.91 10.38
CA SER D 102 -17.93 -17.94 9.80
C SER D 102 -17.28 -19.31 9.76
N ILE D 103 -15.96 -19.35 9.69
CA ILE D 103 -15.26 -20.64 9.60
C ILE D 103 -14.74 -21.11 10.95
N SER D 104 -15.09 -20.42 12.05
CA SER D 104 -14.57 -20.75 13.38
C SER D 104 -15.44 -20.39 14.57
N SER D 105 -15.22 -21.10 15.65
CA SER D 105 -15.93 -20.90 16.90
C SER D 105 -15.03 -20.24 17.93
N ASP D 106 -13.72 -20.31 17.68
CA ASP D 106 -12.74 -19.78 18.60
C ASP D 106 -12.52 -18.29 18.42
N ILE D 107 -13.16 -17.73 17.41
CA ILE D 107 -13.08 -16.31 17.15
C ILE D 107 -14.37 -15.80 16.52
N THR D 108 -14.74 -14.57 16.83
CA THR D 108 -15.99 -14.00 16.33
C THR D 108 -15.88 -12.48 16.24
N PHE D 109 -15.85 -11.97 15.01
CA PHE D 109 -15.90 -10.53 14.78
C PHE D 109 -17.33 -10.03 14.75
N VAL D 110 -17.71 -9.27 15.77
CA VAL D 110 -19.00 -8.62 15.80
C VAL D 110 -18.86 -7.27 15.13
N SER D 112 -21.86 -5.31 13.75
CA SER D 112 -23.21 -4.87 13.44
C SER D 112 -23.96 -4.78 14.75
N PHE D 113 -24.93 -3.87 14.81
CA PHE D 113 -25.69 -3.65 16.02
C PHE D 113 -26.57 -4.85 16.38
N GLU D 114 -26.54 -5.87 15.55
CA GLU D 114 -27.34 -7.08 15.78
C GLU D 114 -26.59 -8.08 16.66
N PRO D 115 -27.27 -8.60 17.69
CA PRO D 115 -26.67 -9.47 18.71
C PRO D 115 -26.16 -10.79 18.14
N VAL D 116 -25.11 -11.33 18.74
CA VAL D 116 -24.60 -12.65 18.36
C VAL D 116 -24.41 -13.53 19.60
N ASP D 117 -24.69 -14.83 19.44
CA ASP D 117 -24.61 -15.76 20.56
C ASP D 117 -23.37 -16.63 20.48
N VAL D 118 -22.30 -16.23 21.16
CA VAL D 118 -21.09 -17.04 21.21
C VAL D 118 -21.16 -18.11 22.31
N GLU D 119 -20.11 -18.91 22.42
CA GLU D 119 -20.07 -19.98 23.40
C GLU D 119 -18.66 -20.07 23.98
N ALA D 120 -18.58 -20.03 25.31
CA ALA D 120 -17.29 -19.95 26.00
C ALA D 120 -16.49 -21.25 26.02
N LYS D 121 -15.27 -21.15 26.53
CA LYS D 121 -14.38 -22.30 26.62
C LYS D 121 -15.01 -23.45 27.38
N ARG D 122 -15.56 -23.14 28.55
CA ARG D 122 -16.20 -24.14 29.40
C ARG D 122 -17.66 -24.40 29.01
N GLY D 123 -18.09 -23.80 27.90
CA GLY D 123 -19.42 -24.04 27.39
C GLY D 123 -20.49 -23.03 27.77
N GLN D 124 -20.10 -22.02 28.53
CA GLN D 124 -21.04 -20.98 28.94
C GLN D 124 -21.68 -20.29 27.74
N LYS D 125 -22.99 -20.09 27.78
CA LYS D 125 -23.72 -19.44 26.71
C LYS D 125 -23.73 -17.93 26.87
N VAL D 126 -22.78 -17.25 26.23
CA VAL D 126 -22.69 -15.81 26.29
C VAL D 126 -23.38 -15.13 25.10
N ARG D 127 -24.22 -14.13 25.38
CA ARG D 127 -24.85 -13.35 24.32
C ARG D 127 -24.27 -11.95 24.26
N ILE D 128 -23.60 -11.66 23.14
CA ILE D 128 -22.97 -10.35 22.94
C ILE D 128 -23.96 -9.31 22.44
N LEU D 129 -24.08 -8.21 23.17
CA LEU D 129 -24.86 -7.06 22.73
C LEU D 129 -23.92 -6.00 22.18
N PRO D 130 -23.73 -5.98 20.85
CA PRO D 130 -22.79 -5.09 20.15
C PRO D 130 -23.33 -3.69 19.93
N PHE D 131 -22.41 -2.73 19.86
CA PHE D 131 -22.76 -1.35 19.57
C PHE D 131 -21.53 -0.64 19.01
N PRO D 132 -21.17 -0.98 17.78
CA PRO D 132 -19.98 -0.43 17.13
C PRO D 132 -20.22 0.98 16.63
N TYR D 133 -19.28 1.48 15.83
CA TYR D 133 -19.44 2.73 15.11
C TYR D 133 -20.41 2.34 14.00
N PRO D 134 -21.02 3.30 13.32
CA PRO D 134 -22.02 2.92 12.31
C PRO D 134 -21.58 3.11 10.85
N ASP D 135 -21.70 2.00 10.11
CA ASP D 135 -21.38 1.92 8.69
C ASP D 135 -22.34 2.68 7.77
N GLU D 136 -21.80 3.17 6.66
CA GLU D 136 -22.57 3.95 5.72
C GLU D 136 -22.59 5.37 6.24
N SER D 137 -23.27 6.29 5.55
CA SER D 137 -23.29 7.68 6.01
C SER D 137 -24.67 8.14 6.49
N GLU D 138 -24.74 8.54 7.75
CA GLU D 138 -25.97 9.08 8.34
C GLU D 138 -26.35 10.41 7.67
N ALA D 139 -25.34 11.23 7.41
CA ALA D 139 -25.52 12.54 6.80
C ALA D 139 -25.61 13.63 7.86
N LEU D 140 -25.33 14.87 7.47
CA LEU D 140 -25.35 16.01 8.37
C LEU D 140 -26.74 16.30 8.94
N ARG D 141 -27.75 16.20 8.09
CA ARG D 141 -29.14 16.45 8.49
C ARG D 141 -29.66 15.52 9.56
N LYS D 142 -29.32 14.24 9.46
CA LYS D 142 -29.78 13.23 10.41
C LYS D 142 -29.04 13.09 11.75
N ASN D 143 -27.84 13.66 11.81
CA ASN D 143 -27.06 13.57 13.03
C ASN D 143 -27.69 14.29 14.21
N GLU D 144 -28.17 15.52 14.02
CA GLU D 144 -28.77 16.20 15.17
C GLU D 144 -30.01 15.47 15.68
N GLY D 145 -30.88 15.04 14.77
CA GLY D 145 -32.05 14.30 15.19
C GLY D 145 -31.91 12.80 14.96
N ASP D 146 -31.48 12.47 13.75
CA ASP D 146 -31.26 11.09 13.33
C ASP D 146 -30.17 10.41 14.12
N PHE D 147 -29.11 11.17 14.37
CA PHE D 147 -27.95 10.69 15.09
C PHE D 147 -28.20 10.32 16.55
N ARG D 148 -29.02 11.10 17.26
CA ARG D 148 -29.22 10.74 18.65
C ARG D 148 -30.38 9.78 18.74
N PHE D 149 -31.42 10.03 17.96
CA PHE D 149 -32.59 9.16 17.95
C PHE D 149 -32.16 7.79 17.45
N PHE D 150 -31.31 7.75 16.45
CA PHE D 150 -30.87 6.48 15.90
C PHE D 150 -30.10 5.66 16.94
N LEU D 151 -29.24 6.36 17.68
CA LEU D 151 -28.45 5.72 18.73
C LEU D 151 -29.37 5.19 19.82
N GLU D 152 -30.39 5.97 20.15
CA GLU D 152 -31.36 5.60 21.17
C GLU D 152 -32.12 4.36 20.75
N SER D 153 -32.46 4.32 19.48
CA SER D 153 -33.21 3.22 18.89
C SER D 153 -32.38 1.95 18.99
N ARG D 154 -31.08 2.08 18.74
CA ARG D 154 -30.22 0.91 18.83
C ARG D 154 -30.17 0.32 20.24
N LEU D 155 -30.17 1.20 21.24
CA LEU D 155 -30.08 0.80 22.64
C LEU D 155 -31.37 0.11 23.09
N ASN D 156 -32.50 0.68 22.67
CA ASN D 156 -33.78 0.05 22.93
C ASN D 156 -33.82 -1.34 22.33
N LYS D 157 -33.14 -1.50 21.19
CA LYS D 157 -33.06 -2.78 20.51
C LYS D 157 -32.18 -3.76 21.27
N LEU D 158 -31.00 -3.30 21.70
CA LEU D 158 -30.09 -4.14 22.45
C LEU D 158 -30.69 -4.57 23.78
N TYR D 159 -31.52 -3.71 24.34
CA TYR D 159 -32.17 -4.02 25.61
C TYR D 159 -33.10 -5.20 25.43
N GLU D 160 -34.03 -5.09 24.49
CA GLU D 160 -34.99 -6.13 24.24
C GLU D 160 -34.30 -7.46 23.98
N GLU D 161 -33.22 -7.42 23.19
CA GLU D 161 -32.49 -8.63 22.83
C GLU D 161 -31.62 -9.15 23.97
N ALA D 162 -31.36 -8.30 24.95
CA ALA D 162 -30.56 -8.68 26.10
C ALA D 162 -31.38 -9.51 27.10
N LEU D 163 -32.66 -9.17 27.23
CA LEU D 163 -33.56 -9.87 28.14
C LEU D 163 -33.72 -11.33 27.72
N LYS D 164 -33.62 -11.57 26.42
CA LYS D 164 -33.79 -12.92 25.87
C LYS D 164 -32.51 -13.74 25.95
N LYS D 165 -31.68 -13.47 26.95
CA LYS D 165 -30.41 -14.17 27.11
C LYS D 165 -30.61 -15.57 27.67
N GLU D 166 -29.54 -16.36 27.65
CA GLU D 166 -29.57 -17.72 28.22
C GLU D 166 -28.84 -17.74 29.55
N ASP D 167 -27.51 -17.62 29.51
CA ASP D 167 -26.71 -17.52 30.72
C ASP D 167 -26.27 -16.09 30.98
N PHE D 168 -25.22 -15.66 30.29
CA PHE D 168 -24.67 -14.33 30.48
C PHE D 168 -24.90 -13.46 29.26
N ALA D 169 -24.85 -12.15 29.46
CA ALA D 169 -25.02 -11.22 28.36
C ALA D 169 -24.05 -10.06 28.52
N ILE D 170 -23.05 -10.03 27.65
CA ILE D 170 -22.03 -8.99 27.71
C ILE D 170 -22.24 -7.92 26.64
N PHE D 171 -22.37 -6.67 27.08
CA PHE D 171 -22.48 -5.53 26.17
C PHE D 171 -21.09 -5.11 25.72
N GLY D 173 -19.13 -2.04 23.40
CA GLY D 173 -19.36 -0.76 22.78
C GLY D 173 -18.09 0.00 22.43
N HIS D 174 -18.17 0.73 21.34
CA HIS D 174 -17.06 1.54 20.88
C HIS D 174 -17.49 2.99 20.80
N PHE D 175 -17.33 3.71 21.90
CA PHE D 175 -17.78 5.09 22.00
C PHE D 175 -17.18 5.81 23.21
N THR D 176 -17.56 7.07 23.39
CA THR D 176 -17.09 7.87 24.51
C THR D 176 -18.21 8.16 25.49
N VAL D 177 -18.14 7.57 26.68
CA VAL D 177 -19.14 7.79 27.72
C VAL D 177 -19.21 9.27 28.08
N GLU D 178 -20.42 9.81 28.11
CA GLU D 178 -20.62 11.23 28.43
C GLU D 178 -20.22 11.53 29.87
N GLY D 179 -19.26 12.44 30.02
CA GLY D 179 -18.78 12.81 31.34
C GLY D 179 -17.28 12.60 31.51
N LEU D 180 -16.64 12.15 30.44
CA LEU D 180 -15.20 11.94 30.47
C LEU D 180 -14.46 13.22 30.10
N ALA D 181 -13.13 13.19 30.23
CA ALA D 181 -12.28 14.31 29.86
C ALA D 181 -12.32 14.56 28.35
N GLY D 182 -13.11 13.75 27.65
CA GLY D 182 -13.23 13.89 26.21
C GLY D 182 -12.16 13.14 25.44
N TYR D 183 -11.20 12.57 26.15
CA TYR D 183 -10.12 11.82 25.53
C TYR D 183 -9.67 10.67 26.43
N ARG D 190 -14.67 12.40 14.35
CA ARG D 190 -15.88 12.56 15.13
C ARG D 190 -16.03 11.47 16.19
N GLU D 191 -16.46 11.85 17.38
CA GLU D 191 -16.70 10.91 18.46
C GLU D 191 -18.19 10.72 18.71
N ILE D 192 -18.55 9.57 19.27
CA ILE D 192 -19.94 9.29 19.64
C ILE D 192 -20.10 9.42 21.14
N ILE D 193 -20.91 10.38 21.55
CA ILE D 193 -21.19 10.57 22.97
C ILE D 193 -22.38 9.70 23.36
N ILE D 194 -22.26 8.97 24.46
CA ILE D 194 -23.35 8.12 24.92
C ILE D 194 -23.55 8.22 26.42
N ASN D 195 -24.81 8.44 26.81
CA ASN D 195 -25.18 8.52 28.21
C ASN D 195 -25.13 7.14 28.87
N ARG D 196 -24.62 7.11 30.10
CA ARG D 196 -24.51 5.87 30.86
C ARG D 196 -25.86 5.19 31.09
N ALA D 197 -26.90 6.01 31.27
CA ALA D 197 -28.24 5.49 31.50
C ALA D 197 -28.73 4.75 30.26
N LEU D 198 -28.22 5.14 29.09
CA LEU D 198 -28.66 4.56 27.83
C LEU D 198 -28.22 3.12 27.67
N ILE D 199 -27.09 2.77 28.29
CA ILE D 199 -26.59 1.41 28.28
C ILE D 199 -27.54 0.47 29.00
N PRO D 200 -27.77 -0.72 28.44
CA PRO D 200 -28.66 -1.71 29.06
C PRO D 200 -28.22 -2.06 30.48
N SER D 201 -29.16 -2.10 31.42
CA SER D 201 -28.83 -2.43 32.81
C SER D 201 -28.80 -3.93 33.04
N VAL D 202 -29.48 -4.68 32.19
CA VAL D 202 -29.65 -6.11 32.37
C VAL D 202 -28.42 -6.92 31.96
N VAL D 203 -27.40 -6.24 31.42
CA VAL D 203 -26.19 -6.92 30.99
C VAL D 203 -25.29 -7.26 32.18
N ASP D 204 -24.52 -8.32 32.05
CA ASP D 204 -23.66 -8.77 33.13
C ASP D 204 -22.33 -8.05 33.12
N TYR D 205 -22.02 -7.40 32.01
CA TYR D 205 -20.76 -6.66 31.87
C TYR D 205 -20.74 -5.88 30.58
N ALA D 206 -20.21 -4.66 30.63
CA ALA D 206 -20.12 -3.83 29.44
C ALA D 206 -18.67 -3.49 29.13
N ALA D 207 -18.12 -4.19 28.14
CA ALA D 207 -16.74 -3.98 27.74
C ALA D 207 -16.67 -2.84 26.74
N LEU D 208 -15.96 -1.79 27.12
CA LEU D 208 -15.79 -0.65 26.23
C LEU D 208 -14.35 -0.57 25.75
N GLY D 209 -14.06 0.42 24.92
CA GLY D 209 -12.71 0.62 24.41
C GLY D 209 -12.57 1.97 23.75
N HIS D 210 -11.42 2.21 23.12
CA HIS D 210 -11.18 3.45 22.38
C HIS D 210 -10.67 4.57 23.28
N ILE D 211 -10.31 4.23 24.51
CA ILE D 211 -9.76 5.20 25.46
C ILE D 211 -8.45 4.67 26.04
N HIS D 212 -7.37 5.42 25.88
CA HIS D 212 -6.05 4.96 26.30
C HIS D 212 -5.96 4.69 27.81
N SER D 213 -6.64 5.52 28.59
CA SER D 213 -6.54 5.45 30.04
C SER D 213 -7.65 4.60 30.62
N PHE D 214 -7.31 3.73 31.55
CA PHE D 214 -8.29 2.88 32.20
C PHE D 214 -9.29 3.68 33.02
N ARG D 215 -10.57 3.30 32.94
CA ARG D 215 -11.63 4.01 33.64
C ARG D 215 -12.82 3.08 33.92
N GLU D 216 -13.05 2.77 35.19
CA GLU D 216 -14.25 2.03 35.58
C GLU D 216 -15.46 2.95 35.61
N ILE D 217 -16.22 3.00 34.52
CA ILE D 217 -17.37 3.89 34.44
C ILE D 217 -18.33 3.68 35.60
N GLN D 218 -18.93 2.50 35.68
CA GLN D 218 -19.89 2.21 36.74
C GLN D 218 -19.82 0.75 37.17
N LYS D 219 -20.47 0.43 38.27
CA LYS D 219 -20.43 -0.94 38.79
C LYS D 219 -21.70 -1.72 38.48
N GLN D 220 -22.72 -1.05 37.97
CA GLN D 220 -23.95 -1.73 37.59
C GLN D 220 -24.64 -1.04 36.42
N PRO D 221 -24.56 -1.64 35.23
CA PRO D 221 -23.80 -2.88 34.98
C PRO D 221 -22.30 -2.58 34.86
N LEU D 222 -21.46 -3.50 35.32
CA LEU D 222 -20.03 -3.26 35.37
C LEU D 222 -19.48 -2.80 34.03
N THR D 223 -19.14 -1.52 33.94
CA THR D 223 -18.63 -0.92 32.70
C THR D 223 -17.17 -0.51 32.85
N ILE D 224 -16.33 -0.97 31.94
CA ILE D 224 -14.90 -0.77 32.05
C ILE D 224 -14.23 -0.39 30.73
N TYR D 225 -13.29 0.55 30.80
CA TYR D 225 -12.36 0.82 29.71
C TYR D 225 -11.01 0.26 30.15
N PRO D 226 -10.53 -0.80 29.49
CA PRO D 226 -9.26 -1.37 29.92
C PRO D 226 -8.07 -0.43 29.65
N GLY D 227 -8.13 0.35 28.58
CA GLY D 227 -7.04 1.22 28.22
C GLY D 227 -5.87 0.49 27.58
N SER D 228 -4.92 1.26 27.04
CA SER D 228 -3.77 0.71 26.32
C SER D 228 -2.85 -0.11 27.21
N LEU D 229 -1.90 -0.81 26.59
CA LEU D 229 -0.95 -1.63 27.33
C LEU D 229 0.41 -0.95 27.43
N ILE D 230 0.55 0.17 26.73
CA ILE D 230 1.76 0.96 26.82
C ILE D 230 1.39 2.43 26.82
N ARG D 231 2.18 3.22 27.53
CA ARG D 231 1.95 4.65 27.58
C ARG D 231 2.34 5.26 26.25
N ILE D 232 1.33 5.58 25.44
CA ILE D 232 1.54 6.05 24.07
C ILE D 232 2.14 7.44 24.01
N ASP D 233 1.84 8.25 25.02
CA ASP D 233 2.39 9.60 25.10
C ASP D 233 2.42 10.07 26.56
N PHE D 234 3.00 11.23 26.80
CA PHE D 234 3.20 11.70 28.17
C PHE D 234 1.92 12.14 28.85
N GLY D 235 0.87 12.32 28.07
CA GLY D 235 -0.43 12.66 28.60
C GLY D 235 -0.99 11.55 29.48
N GLU D 236 -0.22 10.48 29.63
CA GLU D 236 -0.67 9.34 30.40
C GLU D 236 0.49 8.69 31.15
N GLU D 237 1.45 9.51 31.57
CA GLU D 237 2.60 9.00 32.30
C GLU D 237 2.23 8.55 33.71
N ALA D 238 1.10 9.04 34.20
CA ALA D 238 0.64 8.69 35.55
C ALA D 238 -0.39 7.55 35.52
N ASP D 239 -0.49 6.87 34.39
CA ASP D 239 -1.46 5.78 34.23
C ASP D 239 -0.86 4.39 34.49
N GLU D 240 -1.71 3.48 34.97
CA GLU D 240 -1.36 2.08 35.02
C GLU D 240 -1.88 1.42 33.75
N LYS D 241 -1.01 0.66 33.09
CA LYS D 241 -1.38 0.03 31.84
C LYS D 241 -1.56 -1.48 31.98
N GLY D 242 -2.59 -2.01 31.34
CA GLY D 242 -2.85 -3.43 31.40
C GLY D 242 -4.29 -3.79 31.08
N ALA D 243 -4.56 -5.09 31.04
CA ALA D 243 -5.89 -5.58 30.78
C ALA D 243 -6.72 -5.64 32.06
N VAL D 244 -7.94 -6.15 31.93
CA VAL D 244 -8.82 -6.36 33.07
C VAL D 244 -9.39 -7.76 33.03
N PHE D 245 -9.25 -8.49 34.14
CA PHE D 245 -9.79 -9.84 34.24
C PHE D 245 -11.10 -9.88 35.03
N VAL D 246 -12.22 -9.77 34.34
CA VAL D 246 -13.53 -9.80 34.96
C VAL D 246 -14.00 -11.25 35.16
N GLU D 247 -14.89 -11.47 36.13
CA GLU D 247 -15.43 -12.79 36.39
C GLU D 247 -16.92 -12.75 36.70
N LEU D 248 -17.72 -13.27 35.78
CA LEU D 248 -19.16 -13.30 35.97
C LEU D 248 -19.64 -14.64 36.53
N LYS D 249 -20.52 -14.58 37.52
CA LYS D 249 -21.16 -15.77 38.07
C LYS D 249 -22.65 -15.51 38.17
N ARG D 250 -23.46 -16.57 38.11
CA ARG D 250 -24.92 -16.43 38.23
C ARG D 250 -25.37 -15.99 39.62
N GLY D 251 -24.92 -16.72 40.64
CA GLY D 251 -25.34 -16.49 42.00
C GLY D 251 -24.83 -15.18 42.59
N GLU D 252 -23.66 -14.73 42.14
CA GLU D 252 -23.02 -13.56 42.74
C GLU D 252 -22.70 -12.46 41.71
N PRO D 253 -22.53 -11.21 42.17
CA PRO D 253 -22.22 -10.07 41.30
C PRO D 253 -20.80 -10.12 40.72
N PRO D 254 -20.56 -9.35 39.65
CA PRO D 254 -19.34 -9.39 38.86
C PRO D 254 -18.14 -8.95 39.70
N ARG D 255 -16.99 -9.59 39.51
CA ARG D 255 -15.78 -9.16 40.18
C ARG D 255 -14.65 -9.09 39.17
N TYR D 256 -13.75 -8.13 39.34
CA TYR D 256 -12.70 -7.94 38.35
C TYR D 256 -11.39 -7.44 38.94
N GLU D 257 -10.30 -8.06 38.51
CA GLU D 257 -8.96 -7.59 38.83
C GLU D 257 -8.40 -6.77 37.68
N ARG D 258 -7.20 -6.25 37.85
CA ARG D 258 -6.50 -5.54 36.79
C ARG D 258 -5.14 -6.19 36.59
N ILE D 259 -4.82 -6.56 35.35
CA ILE D 259 -3.53 -7.17 35.06
C ILE D 259 -2.52 -6.13 34.60
N ASP D 260 -1.46 -5.95 35.37
CA ASP D 260 -0.45 -4.96 35.06
C ASP D 260 0.49 -5.45 33.96
N ALA D 261 0.45 -4.74 32.84
CA ALA D 261 1.29 -4.94 31.66
C ALA D 261 2.76 -4.60 31.95
N SER D 262 2.96 -3.57 32.77
CA SER D 262 4.30 -3.08 33.15
C SER D 262 5.18 -2.50 32.02
N PRO D 263 4.58 -1.79 31.08
CA PRO D 263 5.30 -1.16 29.97
C PRO D 263 6.21 -0.01 30.41
N LEU D 264 7.30 0.24 29.68
CA LEU D 264 8.25 1.30 29.99
C LEU D 264 7.50 2.52 30.49
N PRO D 265 8.04 3.18 31.53
CA PRO D 265 7.42 4.35 32.17
C PRO D 265 7.84 5.65 31.49
N LEU D 266 7.07 6.71 31.72
CA LEU D 266 7.40 8.02 31.19
C LEU D 266 7.65 8.97 32.34
N LYS D 267 8.38 10.04 32.06
CA LYS D 267 8.65 11.06 33.07
C LYS D 267 8.87 12.42 32.43
N THR D 268 8.14 13.41 32.90
CA THR D 268 8.33 14.77 32.44
C THR D 268 9.15 15.56 33.46
N LEU D 269 10.25 16.13 33.01
CA LEU D 269 11.07 16.99 33.84
C LEU D 269 10.74 18.44 33.54
N TYR D 270 10.29 19.18 34.55
CA TYR D 270 9.91 20.59 34.39
C TYR D 270 10.98 21.54 34.89
N TYR D 271 11.40 22.46 34.03
CA TYR D 271 12.39 23.44 34.43
C TYR D 271 11.91 24.85 34.17
N LYS D 272 12.41 25.80 34.96
CA LYS D 272 12.12 27.20 34.74
C LYS D 272 12.92 27.68 33.53
N LYS D 273 14.20 27.33 33.54
CA LYS D 273 15.09 27.67 32.43
C LYS D 273 16.24 26.68 32.36
N ILE D 274 16.59 26.27 31.13
CA ILE D 274 17.70 25.35 30.93
C ILE D 274 19.03 26.09 31.07
N ASP D 275 19.77 25.74 32.12
CA ASP D 275 21.08 26.33 32.37
C ASP D 275 22.04 25.22 32.75
N THR D 276 23.27 25.58 33.10
CA THR D 276 24.30 24.60 33.41
C THR D 276 23.81 23.57 34.43
N SER D 277 23.07 24.05 35.43
CA SER D 277 22.52 23.18 36.45
C SER D 277 21.43 22.28 35.88
N ALA D 278 20.52 22.89 35.13
CA ALA D 278 19.45 22.14 34.49
C ALA D 278 20.03 21.00 33.66
N LEU D 279 21.00 21.33 32.80
CA LEU D 279 21.61 20.34 31.92
C LEU D 279 22.14 19.16 32.69
N LYS D 280 22.88 19.43 33.75
CA LYS D 280 23.41 18.37 34.57
C LYS D 280 22.29 17.53 35.17
N SER D 281 21.18 18.18 35.51
CA SER D 281 20.07 17.47 36.12
C SER D 281 19.41 16.53 35.12
N ILE D 282 19.19 17.02 33.91
CA ILE D 282 18.59 16.20 32.86
C ILE D 282 19.48 15.00 32.55
N ARG D 283 20.76 15.27 32.29
CA ARG D 283 21.71 14.21 32.01
C ARG D 283 21.71 13.16 33.12
N ASP D 284 21.75 13.60 34.37
CA ASP D 284 21.85 12.69 35.49
C ASP D 284 20.62 11.81 35.61
N PHE D 285 19.45 12.38 35.29
CA PHE D 285 18.20 11.65 35.43
C PHE D 285 17.99 10.64 34.32
N CYS D 286 18.10 11.09 33.07
CA CYS D 286 17.93 10.22 31.93
C CYS D 286 18.86 9.03 31.95
N ARG D 287 20.03 9.20 32.57
CA ARG D 287 21.04 8.15 32.63
C ARG D 287 20.61 6.99 33.52
N ASN D 288 19.71 7.26 34.46
CA ASN D 288 19.24 6.25 35.39
C ASN D 288 17.74 6.03 35.28
N PHE D 289 17.20 6.25 34.09
CA PHE D 289 15.77 6.09 33.87
C PHE D 289 15.51 5.16 32.70
N PRO D 290 14.86 4.02 32.98
CA PRO D 290 14.58 2.96 32.00
C PRO D 290 13.57 3.38 30.94
N GLY D 291 12.72 4.34 31.27
CA GLY D 291 11.68 4.80 30.37
C GLY D 291 12.08 5.94 29.46
N TYR D 292 11.09 6.69 29.01
CA TYR D 292 11.31 7.84 28.13
C TYR D 292 11.08 9.15 28.86
N VAL D 293 11.86 10.18 28.49
CA VAL D 293 11.83 11.44 29.21
C VAL D 293 11.46 12.63 28.33
N ARG D 294 10.66 13.54 28.88
CA ARG D 294 10.32 14.79 28.20
C ARG D 294 10.61 15.97 29.12
N VAL D 295 11.50 16.86 28.70
CA VAL D 295 11.78 18.05 29.48
C VAL D 295 10.97 19.24 28.98
N VAL D 296 10.35 19.94 29.92
CA VAL D 296 9.53 21.10 29.60
C VAL D 296 10.04 22.31 30.38
N TYR D 297 10.09 23.46 29.71
CA TYR D 297 10.60 24.67 30.33
C TYR D 297 9.81 25.90 29.89
N GLU D 298 9.95 26.99 30.63
CA GLU D 298 9.26 28.24 30.31
C GLU D 298 10.23 29.30 29.81
N GLU D 299 10.87 30.01 30.71
CA GLU D 299 11.79 31.05 30.26
C GLU D 299 12.80 30.38 29.34
N ASP D 300 13.04 31.01 28.19
CA ASP D 300 13.96 30.44 27.20
C ASP D 300 15.40 30.40 27.69
N SER D 301 16.03 29.24 27.43
CA SER D 301 17.42 29.05 27.80
C SER D 301 18.26 28.90 26.53
N GLY D 302 17.64 29.16 25.38
CA GLY D 302 18.35 29.02 24.13
C GLY D 302 19.52 29.98 24.04
N ILE D 303 20.60 29.59 23.36
CA ILE D 303 20.72 28.30 22.66
C ILE D 303 20.78 27.07 23.57
N LEU D 304 20.22 25.97 23.09
CA LEU D 304 20.19 24.73 23.86
C LEU D 304 21.00 23.61 23.22
N PRO D 305 21.74 22.89 24.06
CA PRO D 305 22.58 21.78 23.61
C PRO D 305 21.69 20.65 23.10
N ASP D 306 22.21 19.81 22.22
CA ASP D 306 21.41 18.73 21.67
C ASP D 306 21.37 17.53 22.59
N LEU D 307 20.47 17.60 23.57
CA LEU D 307 20.28 16.54 24.55
C LEU D 307 19.83 15.27 23.84
N GLY D 309 20.58 14.28 20.86
CA GLY D 309 21.70 13.63 20.22
C GLY D 309 22.62 12.98 21.23
N GLU D 310 22.75 13.61 22.39
CA GLU D 310 23.55 13.04 23.47
C GLU D 310 22.74 12.02 24.25
N ILE D 311 21.62 12.47 24.80
CA ILE D 311 20.73 11.59 25.55
C ILE D 311 19.78 10.86 24.62
N ASP D 312 20.03 9.57 24.44
CA ASP D 312 19.27 8.78 23.47
C ASP D 312 17.83 8.48 23.91
N ASN D 313 17.56 8.62 25.20
CA ASN D 313 16.20 8.40 25.70
C ASN D 313 15.45 9.68 26.07
N LEU D 314 15.89 10.80 25.51
CA LEU D 314 15.19 12.06 25.68
C LEU D 314 14.33 12.30 24.43
N VAL D 315 13.09 11.87 24.49
CA VAL D 315 12.24 11.85 23.32
C VAL D 315 11.64 13.21 22.94
N LYS D 316 11.48 14.10 23.91
CA LYS D 316 10.78 15.35 23.61
C LYS D 316 11.20 16.51 24.50
N ILE D 317 11.36 17.68 23.89
CA ILE D 317 11.68 18.89 24.62
C ILE D 317 10.71 20.01 24.27
N GLU D 318 9.90 20.39 25.25
CA GLU D 318 8.83 21.33 25.00
C GLU D 318 8.93 22.60 25.84
N ARG D 319 7.98 23.50 25.65
CA ARG D 319 7.99 24.80 26.31
C ARG D 319 6.59 25.20 26.76
N LYS D 320 6.16 24.71 27.92
CA LYS D 320 4.83 25.05 28.44
C LYS D 320 4.84 26.43 29.10
N SER D 321 3.80 27.22 28.85
CA SER D 321 3.68 28.54 29.47
C SER D 321 3.49 28.37 30.98
N ARG D 322 3.85 29.39 31.75
CA ARG D 322 3.75 29.29 33.20
C ARG D 322 2.29 29.02 33.62
N ARG D 323 1.36 29.49 32.80
CA ARG D 323 -0.06 29.23 33.03
C ARG D 323 -0.40 27.76 32.80
N GLU D 324 0.10 27.20 31.71
CA GLU D 324 -0.21 25.83 31.32
C GLU D 324 0.55 24.81 32.15
N ILE D 325 1.78 25.13 32.52
CA ILE D 325 2.60 24.21 33.33
C ILE D 325 1.99 24.04 34.71
N GLU D 326 1.25 25.06 35.16
CA GLU D 326 0.60 25.01 36.47
C GLU D 326 -0.75 24.28 36.40
N GLU D 327 -1.42 24.42 35.26
CA GLU D 327 -2.71 23.75 35.07
C GLU D 327 -2.55 22.23 34.97
N VAL D 328 -1.64 21.79 34.10
CA VAL D 328 -1.40 20.37 33.87
C VAL D 328 -0.79 19.70 35.11
N LEU D 329 -0.04 20.46 35.88
CA LEU D 329 0.61 19.97 37.09
C LEU D 329 -0.42 19.69 38.18
N ARG D 330 -1.66 20.12 37.93
CA ARG D 330 -2.74 19.96 38.90
C ARG D 330 -2.32 20.30 40.33
N GLU D 338 -0.10 27.18 54.15
CA GLU D 338 -0.89 27.07 55.37
C GLU D 338 -0.16 27.65 56.57
N GLU D 339 -0.90 27.92 57.63
CA GLU D 339 -0.32 28.50 58.85
C GLU D 339 0.71 27.56 59.46
N LEU D 340 1.79 28.14 59.99
CA LEU D 340 2.84 27.36 60.62
C LEU D 340 2.95 27.70 62.10
N ASP D 341 2.96 26.67 62.94
CA ASP D 341 3.04 26.86 64.39
C ASP D 341 4.39 27.45 64.79
N LYS D 342 4.37 28.35 65.76
CA LYS D 342 5.59 28.94 66.28
C LYS D 342 5.79 28.50 67.73
N LEU D 343 7.01 28.10 68.06
CA LEU D 343 7.30 27.61 69.41
C LEU D 343 8.56 28.26 69.96
N ASP D 344 8.43 28.85 71.15
CA ASP D 344 9.57 29.45 71.85
C ASP D 344 10.47 28.36 72.41
N TYR D 345 11.74 28.69 72.61
CA TYR D 345 12.72 27.74 73.10
C TYR D 345 12.34 27.20 74.49
N PHE D 346 11.80 28.08 75.33
CA PHE D 346 11.42 27.71 76.68
C PHE D 346 10.30 26.68 76.68
N GLU D 347 9.36 26.82 75.75
CA GLU D 347 8.23 25.90 75.65
C GLU D 347 8.69 24.51 75.22
N LEU D 348 9.56 24.48 74.21
CA LEU D 348 10.13 23.23 73.73
C LEU D 348 10.84 22.54 74.88
N PHE D 349 11.54 23.33 75.69
CA PHE D 349 12.25 22.83 76.86
C PHE D 349 11.28 22.21 77.85
N LYS D 350 10.19 22.91 78.15
CA LYS D 350 9.16 22.39 79.05
C LYS D 350 8.58 21.09 78.50
N GLU D 351 8.37 21.06 77.19
CA GLU D 351 7.82 19.89 76.52
C GLU D 351 8.74 18.69 76.66
N TYR D 352 10.05 18.93 76.49
CA TYR D 352 11.04 17.86 76.58
C TYR D 352 11.09 17.29 77.99
N LEU D 353 11.04 18.16 78.99
CA LEU D 353 11.12 17.77 80.39
C LEU D 353 9.83 17.09 80.83
N LYS D 354 8.92 16.85 79.88
CA LYS D 354 7.61 16.32 80.19
C LYS D 354 7.39 14.92 79.61
N LYS D 355 8.21 14.54 78.64
CA LYS D 355 8.11 13.24 78.01
C LYS D 355 9.31 12.35 78.33
N ARG D 356 10.48 12.96 78.46
CA ARG D 356 11.69 12.21 78.75
C ARG D 356 12.06 12.25 80.22
N GLU D 357 11.12 11.85 81.07
CA GLU D 357 11.34 11.75 82.50
C GLU D 357 10.06 11.33 83.21
N GLU D 358 10.19 10.56 84.28
CA GLU D 358 9.03 10.04 85.00
C GLU D 358 8.08 11.15 85.42
N ASN D 359 8.60 12.10 86.18
CA ASN D 359 7.79 13.23 86.65
C ASN D 359 8.29 14.54 86.06
N HIS D 360 7.42 15.23 85.32
CA HIS D 360 7.79 16.50 84.72
C HIS D 360 7.56 17.67 85.67
N GLU D 361 6.32 17.82 86.13
CA GLU D 361 5.93 18.97 86.95
C GLU D 361 6.96 19.34 88.01
N LYS D 362 7.55 18.35 88.65
CA LYS D 362 8.52 18.57 89.72
C LYS D 362 9.69 19.42 89.26
N LEU D 363 10.08 19.25 87.99
CA LEU D 363 11.16 20.03 87.40
C LEU D 363 10.68 21.40 86.93
N LEU D 364 9.41 21.48 86.53
CA LEU D 364 8.88 22.73 86.01
C LEU D 364 8.74 23.80 87.08
N LYS D 365 8.35 23.38 88.29
CA LYS D 365 8.16 24.32 89.38
C LYS D 365 9.47 25.03 89.72
N ILE D 366 10.55 24.25 89.79
CA ILE D 366 11.86 24.81 90.10
C ILE D 366 12.38 25.66 88.94
N LEU D 367 12.04 25.26 87.72
CA LEU D 367 12.48 25.97 86.52
C LEU D 367 11.82 27.34 86.40
N ASP D 368 10.53 27.41 86.74
CA ASP D 368 9.81 28.67 86.69
C ASP D 368 10.32 29.63 87.76
N GLU D 369 10.86 29.07 88.84
CA GLU D 369 11.45 29.88 89.90
C GLU D 369 12.78 30.45 89.43
N LEU D 370 13.52 29.67 88.66
CA LEU D 370 14.80 30.12 88.10
C LEU D 370 14.57 31.19 87.04
N LEU D 371 13.50 31.02 86.26
CA LEU D 371 13.14 31.99 85.24
C LEU D 371 12.66 33.30 85.87
N ASP D 372 12.02 33.19 87.02
CA ASP D 372 11.53 34.36 87.76
C ASP D 372 12.70 35.14 88.35
N GLU D 373 13.69 34.41 88.85
CA GLU D 373 14.87 34.99 89.46
C GLU D 373 15.75 35.74 88.44
N VAL D 374 15.84 35.19 87.22
CA VAL D 374 16.62 35.81 86.16
C VAL D 374 15.89 37.01 85.54
N LYS D 375 14.57 36.96 85.56
CA LYS D 375 13.76 38.06 85.04
C LYS D 375 13.79 39.28 85.95
N LYS D 376 13.65 39.04 87.25
CA LYS D 376 13.69 40.10 88.26
C LYS D 376 15.08 40.73 88.37
N SER D 377 16.11 39.89 88.35
CA SER D 377 17.50 40.37 88.45
C SER D 377 18.03 40.83 87.09
N GLU D 378 17.19 41.53 86.33
CA GLU D 378 17.55 42.01 85.01
C GLU D 378 16.87 43.34 84.73
N ALA D 379 15.80 43.61 85.46
CA ALA D 379 15.06 44.87 85.31
C ALA D 379 14.76 45.50 86.66
#